data_6MXC
#
_entry.id   6MXC
#
_cell.length_a   61.021
_cell.length_b   107.321
_cell.length_c   117.214
_cell.angle_alpha   90.00
_cell.angle_beta   96.93
_cell.angle_gamma   90.00
#
_symmetry.space_group_name_H-M   'P 1 21 1'
#
loop_
_entity.id
_entity.type
_entity.pdbx_description
1 polymer 'Hypoxanthine-guanine phosphoribosyltransferase'
2 non-polymer "GUANOSINE-5'-MONOPHOSPHATE"
3 non-polymer 'MAGNESIUM ION'
4 water water
#
_entity_poly.entity_id   1
_entity_poly.type   'polypeptide(L)'
_entity_poly.pdbx_seq_one_letter_code
;MGSSHHHHHHDYDIPTTENLYFQGHMASMTGGQQMGRGSHSGHPLKPNFVGRDADGNVTVDGRSYPMAESVVATESTIHR
SMKEMAQTLANAYKTLKHRDTHNKGNSALAPITDENPLIIISVLKGSYIFTADMVRYLGDCGLPNVVDFIRITSYRGTTK
SSGTVQVLDNLRFTELTGKHVLIMEDIADTGRTMKLLVEKIRREYRPASLKVCVLVDKPGGRVVDFKPEFVCLTAPTRYV
VGYGFEVNDRYRNYRHVFVLKPEYAKRYPSKL
;
_entity_poly.pdbx_strand_id   A,B,C,D,E,F
#
loop_
_chem_comp.id
_chem_comp.type
_chem_comp.name
_chem_comp.formula
5GP non-polymer GUANOSINE-5'-MONOPHOSPHATE 'C10 H14 N5 O8 P'
MG non-polymer 'MAGNESIUM ION' 'Mg 2'
#
# COMPACT_ATOMS: atom_id res chain seq x y z
N PRO A 44 -0.38 -1.85 1.43
CA PRO A 44 0.27 -2.68 2.45
C PRO A 44 0.56 -1.93 3.78
N LEU A 45 0.76 -0.62 3.76
CA LEU A 45 1.11 0.11 4.98
C LEU A 45 -0.09 0.77 5.67
N LYS A 46 -1.31 0.46 5.26
CA LYS A 46 -2.47 0.81 6.08
C LYS A 46 -2.38 0.06 7.41
N PRO A 47 -2.68 0.71 8.54
CA PRO A 47 -2.60 0.00 9.83
C PRO A 47 -3.59 -1.15 9.90
N ASN A 48 -3.16 -2.28 10.47
CA ASN A 48 -3.99 -3.48 10.51
C ASN A 48 -4.55 -3.71 11.91
N PHE A 49 -5.77 -4.24 11.97
N PHE A 49 -5.77 -4.24 11.97
CA PHE A 49 -6.47 -4.42 13.23
CA PHE A 49 -6.47 -4.42 13.23
C PHE A 49 -6.56 -5.92 13.53
C PHE A 49 -6.56 -5.91 13.52
N VAL A 50 -5.94 -6.34 14.63
CA VAL A 50 -5.92 -7.75 15.06
C VAL A 50 -7.01 -7.95 16.09
N GLY A 51 -7.77 -9.02 15.94
CA GLY A 51 -8.82 -9.28 16.91
C GLY A 51 -9.13 -10.76 16.94
N ARG A 52 -10.33 -11.08 17.42
CA ARG A 52 -10.85 -12.43 17.42
C ARG A 52 -12.32 -12.42 17.02
N ASP A 53 -12.73 -13.43 16.25
CA ASP A 53 -14.14 -13.54 15.89
C ASP A 53 -14.91 -14.24 17.00
N ALA A 54 -16.20 -14.49 16.75
CA ALA A 54 -17.07 -15.11 17.74
C ALA A 54 -16.68 -16.56 18.03
N ASP A 55 -16.06 -17.23 17.06
CA ASP A 55 -15.56 -18.58 17.26
C ASP A 55 -14.22 -18.60 17.99
N GLY A 56 -13.70 -17.44 18.36
CA GLY A 56 -12.39 -17.40 19.00
C GLY A 56 -11.21 -17.50 18.05
N ASN A 57 -11.41 -17.40 16.73
CA ASN A 57 -10.29 -17.43 15.81
C ASN A 57 -9.68 -16.04 15.67
N VAL A 58 -8.37 -16.02 15.43
CA VAL A 58 -7.67 -14.77 15.15
C VAL A 58 -8.29 -14.14 13.91
N THR A 59 -8.53 -12.83 13.97
CA THR A 59 -8.87 -12.06 12.78
C THR A 59 -7.82 -11.00 12.54
N VAL A 60 -7.56 -10.68 11.27
CA VAL A 60 -6.85 -9.47 10.92
C VAL A 60 -7.71 -8.69 9.93
N ASP A 61 -7.95 -7.41 10.24
CA ASP A 61 -8.84 -6.57 9.43
C ASP A 61 -10.14 -7.27 9.11
N GLY A 62 -10.68 -7.97 10.10
CA GLY A 62 -11.99 -8.58 9.99
C GLY A 62 -12.02 -9.94 9.33
N ARG A 63 -10.90 -10.39 8.75
CA ARG A 63 -10.85 -11.70 8.11
C ARG A 63 -10.34 -12.75 9.10
N SER A 64 -11.02 -13.89 9.18
CA SER A 64 -10.66 -14.93 10.16
C SER A 64 -9.57 -15.85 9.62
N TYR A 65 -8.70 -16.31 10.53
CA TYR A 65 -7.58 -17.19 10.19
C TYR A 65 -7.62 -18.35 11.16
N PRO A 66 -8.42 -19.38 10.87
CA PRO A 66 -8.59 -20.46 11.85
C PRO A 66 -7.30 -21.22 12.11
N MET A 67 -6.31 -21.18 11.21
CA MET A 67 -5.05 -21.88 11.43
C MET A 67 -4.08 -21.13 12.37
N ALA A 68 -4.37 -19.88 12.72
CA ALA A 68 -3.40 -19.04 13.41
C ALA A 68 -3.57 -19.10 14.92
N GLU A 69 -2.45 -19.32 15.62
CA GLU A 69 -2.45 -19.21 17.07
C GLU A 69 -2.39 -17.75 17.50
N SER A 70 -1.62 -16.94 16.78
CA SER A 70 -1.33 -15.57 17.18
C SER A 70 -0.70 -14.88 15.98
N VAL A 71 -0.50 -13.58 16.10
CA VAL A 71 0.06 -12.77 15.02
C VAL A 71 1.50 -12.41 15.35
N VAL A 72 2.41 -12.78 14.44
CA VAL A 72 3.80 -12.38 14.57
C VAL A 72 4.00 -10.96 14.05
N ALA A 73 3.43 -10.66 12.87
CA ALA A 73 3.55 -9.34 12.27
C ALA A 73 2.47 -9.19 11.21
N THR A 74 1.75 -8.07 11.25
CA THR A 74 0.79 -7.76 10.21
C THR A 74 1.50 -7.21 8.97
N GLU A 75 0.74 -7.11 7.87
CA GLU A 75 1.26 -6.58 6.59
C GLU A 75 1.96 -5.24 6.78
N SER A 76 1.31 -4.27 7.45
CA SER A 76 1.96 -2.97 7.59
C SER A 76 3.26 -3.07 8.37
N THR A 77 3.30 -3.91 9.42
CA THR A 77 4.54 -4.09 10.17
C THR A 77 5.64 -4.68 9.28
N ILE A 78 5.27 -5.67 8.48
CA ILE A 78 6.22 -6.36 7.61
C ILE A 78 6.81 -5.40 6.59
N HIS A 79 5.94 -4.65 5.93
CA HIS A 79 6.43 -3.73 4.89
C HIS A 79 7.20 -2.55 5.48
N ARG A 80 6.80 -2.04 6.65
CA ARG A 80 7.68 -1.06 7.32
C ARG A 80 9.09 -1.61 7.50
N SER A 81 9.22 -2.85 7.99
CA SER A 81 10.58 -3.38 8.19
C SER A 81 11.32 -3.58 6.86
N MET A 82 10.60 -3.98 5.79
CA MET A 82 11.23 -4.16 4.46
C MET A 82 11.69 -2.83 3.85
N LYS A 83 10.87 -1.78 3.95
CA LYS A 83 11.31 -0.48 3.43
C LYS A 83 12.54 0.02 4.16
N GLU A 84 12.56 -0.11 5.50
CA GLU A 84 13.74 0.31 6.23
C GLU A 84 14.93 -0.58 5.89
N MET A 85 14.68 -1.88 5.72
CA MET A 85 15.77 -2.78 5.37
C MET A 85 16.34 -2.44 3.99
N ALA A 86 15.47 -2.08 3.03
CA ALA A 86 15.99 -1.70 1.71
C ALA A 86 16.92 -0.50 1.82
N GLN A 87 16.62 0.43 2.72
CA GLN A 87 17.53 1.56 2.85
C GLN A 87 18.84 1.13 3.50
N THR A 88 18.77 0.24 4.49
CA THR A 88 19.97 -0.33 5.12
C THR A 88 20.84 -1.01 4.07
N LEU A 89 20.21 -1.78 3.18
CA LEU A 89 20.94 -2.47 2.11
C LEU A 89 21.54 -1.48 1.11
N ALA A 90 20.74 -0.49 0.68
CA ALA A 90 21.29 0.55 -0.22
C ALA A 90 22.52 1.20 0.39
N ASN A 91 22.41 1.59 1.66
CA ASN A 91 23.54 2.23 2.34
C ASN A 91 24.73 1.29 2.45
N ALA A 92 24.47 -0.01 2.67
CA ALA A 92 25.57 -0.96 2.81
C ALA A 92 26.29 -1.22 1.49
N TYR A 93 25.61 -1.11 0.35
CA TYR A 93 26.19 -1.55 -0.91
C TYR A 93 26.48 -0.44 -1.91
N LYS A 94 25.86 0.74 -1.79
CA LYS A 94 25.83 1.66 -2.94
C LYS A 94 27.20 2.23 -3.31
N THR A 95 28.14 2.35 -2.36
CA THR A 95 29.47 2.84 -2.71
C THR A 95 30.53 1.73 -2.88
N LEU A 96 30.14 0.46 -2.83
CA LEU A 96 31.16 -0.59 -2.96
C LEU A 96 31.53 -0.80 -4.43
N LYS A 97 32.65 -1.48 -4.64
CA LYS A 97 33.11 -1.78 -5.99
C LYS A 97 33.39 -3.26 -6.10
N HIS A 98 33.32 -3.80 -7.33
CA HIS A 98 33.56 -5.22 -7.52
C HIS A 98 33.95 -5.46 -8.98
N ARG A 99 34.08 -6.73 -9.35
CA ARG A 99 34.73 -7.06 -10.62
C ARG A 99 33.85 -6.64 -11.79
N ASP A 100 34.47 -5.99 -12.79
CA ASP A 100 33.76 -5.48 -13.95
C ASP A 100 33.55 -6.65 -14.91
N THR A 101 32.33 -7.15 -15.02
CA THR A 101 32.07 -8.11 -16.10
C THR A 101 31.29 -7.50 -17.25
N HIS A 102 30.84 -6.26 -17.11
CA HIS A 102 30.16 -5.62 -18.23
C HIS A 102 31.14 -5.37 -19.37
N ASN A 103 32.32 -4.88 -19.04
CA ASN A 103 33.38 -4.69 -20.02
C ASN A 103 34.59 -5.50 -19.57
N LYS A 104 34.79 -6.67 -20.20
CA LYS A 104 35.89 -7.57 -19.85
C LYS A 104 37.26 -7.00 -20.18
N GLY A 105 37.32 -6.00 -21.06
CA GLY A 105 38.60 -5.33 -21.33
C GLY A 105 39.06 -4.44 -20.19
N ASN A 106 38.19 -4.12 -19.25
CA ASN A 106 38.55 -3.26 -18.11
C ASN A 106 39.27 -4.09 -17.06
N SER A 107 40.22 -3.45 -16.37
CA SER A 107 40.85 -4.14 -15.25
C SER A 107 40.52 -3.53 -13.88
N ALA A 108 40.19 -2.24 -13.81
CA ALA A 108 39.80 -1.66 -12.54
C ALA A 108 38.50 -2.26 -12.02
N LEU A 109 38.38 -2.30 -10.69
CA LEU A 109 37.10 -2.58 -10.06
C LEU A 109 36.08 -1.49 -10.43
N ALA A 110 34.81 -1.92 -10.52
CA ALA A 110 33.74 -1.08 -11.02
C ALA A 110 32.70 -0.84 -9.92
N PRO A 111 32.06 0.31 -9.92
CA PRO A 111 30.99 0.59 -8.96
C PRO A 111 29.76 -0.26 -9.25
N ILE A 112 28.85 -0.28 -8.29
CA ILE A 112 27.61 -1.02 -8.45
C ILE A 112 26.65 -0.13 -9.25
N THR A 113 26.30 -0.60 -10.47
CA THR A 113 25.57 0.16 -11.48
C THR A 113 24.71 -0.84 -12.25
N ASP A 114 23.88 -0.34 -13.15
CA ASP A 114 23.21 -1.25 -14.06
C ASP A 114 24.22 -2.09 -14.85
N GLU A 115 25.40 -1.52 -15.10
CA GLU A 115 26.43 -2.30 -15.78
C GLU A 115 26.91 -3.47 -14.93
N ASN A 116 27.20 -3.23 -13.65
CA ASN A 116 27.65 -4.30 -12.74
C ASN A 116 26.83 -4.25 -11.47
N PRO A 117 25.61 -4.78 -11.50
CA PRO A 117 24.67 -4.57 -10.39
C PRO A 117 24.99 -5.49 -9.22
N LEU A 118 24.29 -5.24 -8.12
CA LEU A 118 24.33 -6.21 -7.02
C LEU A 118 23.69 -7.52 -7.47
N ILE A 119 24.35 -8.64 -7.16
N ILE A 119 24.34 -8.64 -7.16
CA ILE A 119 23.80 -9.94 -7.52
CA ILE A 119 23.81 -9.94 -7.53
C ILE A 119 23.00 -10.46 -6.33
C ILE A 119 23.02 -10.48 -6.34
N ILE A 120 21.74 -10.77 -6.56
CA ILE A 120 20.85 -11.29 -5.48
C ILE A 120 20.52 -12.71 -5.82
N ILE A 121 20.81 -13.63 -4.88
CA ILE A 121 20.41 -15.03 -5.00
C ILE A 121 19.18 -15.20 -4.11
N SER A 122 18.05 -15.56 -4.71
CA SER A 122 16.78 -15.70 -4.01
C SER A 122 16.47 -17.19 -3.90
N VAL A 123 16.19 -17.66 -2.68
CA VAL A 123 16.06 -19.09 -2.45
C VAL A 123 14.61 -19.50 -2.66
N LEU A 124 14.35 -20.33 -3.66
CA LEU A 124 12.99 -20.82 -3.91
C LEU A 124 12.66 -21.99 -2.97
N LYS A 125 11.36 -22.18 -2.67
CA LYS A 125 10.23 -21.34 -3.10
C LYS A 125 9.95 -20.23 -2.13
N GLY A 126 10.41 -20.43 -0.89
CA GLY A 126 9.97 -19.62 0.23
C GLY A 126 10.29 -18.13 0.10
N SER A 127 11.24 -17.75 -0.73
CA SER A 127 11.66 -16.37 -0.75
C SER A 127 11.04 -15.55 -1.90
N TYR A 128 10.18 -16.12 -2.73
CA TYR A 128 9.92 -15.39 -3.98
C TYR A 128 9.07 -14.15 -3.74
N ILE A 129 8.14 -14.18 -2.77
CA ILE A 129 7.30 -13.01 -2.50
C ILE A 129 8.10 -11.93 -1.81
N PHE A 130 8.78 -12.31 -0.71
CA PHE A 130 9.75 -11.44 -0.06
C PHE A 130 10.69 -10.76 -1.06
N THR A 131 11.28 -11.56 -1.97
CA THR A 131 12.23 -10.99 -2.94
C THR A 131 11.51 -10.03 -3.88
N ALA A 132 10.30 -10.38 -4.31
CA ALA A 132 9.58 -9.51 -5.23
C ALA A 132 9.35 -8.13 -4.59
N ASP A 133 8.95 -8.10 -3.33
CA ASP A 133 8.72 -6.82 -2.64
C ASP A 133 10.06 -6.11 -2.37
N MET A 134 11.06 -6.85 -1.86
CA MET A 134 12.36 -6.23 -1.54
C MET A 134 13.01 -5.57 -2.75
N VAL A 135 13.02 -6.23 -3.94
CA VAL A 135 13.76 -5.64 -5.05
C VAL A 135 13.07 -4.36 -5.53
N ARG A 136 11.76 -4.26 -5.35
CA ARG A 136 11.11 -3.02 -5.72
C ARG A 136 11.46 -1.91 -4.73
N TYR A 137 11.53 -2.24 -3.42
CA TYR A 137 11.96 -1.21 -2.45
C TYR A 137 13.42 -0.83 -2.67
N LEU A 138 14.26 -1.78 -3.11
CA LEU A 138 15.65 -1.45 -3.47
C LEU A 138 15.71 -0.49 -4.66
N GLY A 139 14.83 -0.70 -5.64
CA GLY A 139 14.69 0.28 -6.74
C GLY A 139 14.30 1.67 -6.23
N ASP A 140 13.33 1.72 -5.29
CA ASP A 140 12.98 2.99 -4.66
C ASP A 140 14.23 3.67 -4.10
N CYS A 141 15.18 2.89 -3.59
CA CYS A 141 16.39 3.42 -2.97
C CYS A 141 17.55 3.55 -3.98
N GLY A 142 17.32 3.27 -5.23
CA GLY A 142 18.33 3.47 -6.24
C GLY A 142 19.45 2.46 -6.24
N LEU A 143 19.24 1.23 -5.76
CA LEU A 143 20.33 0.25 -5.74
C LEU A 143 20.17 -0.72 -6.90
N PRO A 144 20.99 -0.63 -7.95
CA PRO A 144 20.81 -1.56 -9.08
C PRO A 144 21.08 -2.99 -8.63
N ASN A 145 20.20 -3.90 -9.02
CA ASN A 145 20.39 -5.32 -8.67
C ASN A 145 19.78 -6.19 -9.76
N VAL A 146 20.22 -7.46 -9.79
CA VAL A 146 19.62 -8.47 -10.64
C VAL A 146 19.40 -9.72 -9.77
N VAL A 147 18.40 -10.52 -10.10
CA VAL A 147 17.98 -11.65 -9.25
C VAL A 147 18.11 -12.94 -10.04
N ASP A 148 18.75 -13.94 -9.43
CA ASP A 148 18.67 -15.32 -9.92
C ASP A 148 18.17 -16.20 -8.77
N PHE A 149 17.57 -17.34 -9.13
CA PHE A 149 17.00 -18.23 -8.12
C PHE A 149 17.82 -19.48 -7.98
N ILE A 150 17.79 -20.04 -6.78
CA ILE A 150 18.33 -21.38 -6.55
C ILE A 150 17.29 -22.10 -5.73
N ARG A 151 17.09 -23.37 -6.01
CA ARG A 151 16.11 -24.11 -5.27
C ARG A 151 16.80 -25.24 -4.54
N ILE A 152 16.55 -25.32 -3.23
CA ILE A 152 17.22 -26.26 -2.35
C ILE A 152 16.18 -26.93 -1.47
N THR A 153 16.62 -27.94 -0.72
CA THR A 153 15.75 -28.57 0.26
C THR A 153 15.75 -27.77 1.57
N SER A 154 16.59 -28.18 2.53
CA SER A 154 16.95 -27.43 3.75
C SER A 154 17.66 -28.37 4.72
N GLN A 166 20.66 -31.70 -1.96
CA GLN A 166 20.10 -30.48 -1.36
C GLN A 166 19.74 -29.43 -2.43
N VAL A 167 20.55 -29.30 -3.49
CA VAL A 167 20.32 -28.30 -4.54
C VAL A 167 19.46 -28.93 -5.64
N LEU A 168 18.20 -28.50 -5.70
CA LEU A 168 17.28 -29.04 -6.70
C LEU A 168 17.45 -28.33 -8.04
N ASP A 169 17.56 -27.00 -8.03
CA ASP A 169 17.69 -26.18 -9.23
C ASP A 169 18.85 -25.23 -9.01
N ASN A 170 19.88 -25.34 -9.87
CA ASN A 170 21.09 -24.52 -9.76
C ASN A 170 20.86 -23.10 -10.26
N LEU A 171 21.73 -22.20 -9.81
CA LEU A 171 21.77 -20.87 -10.37
C LEU A 171 22.01 -20.95 -11.88
N ARG A 172 21.54 -19.95 -12.63
CA ARG A 172 21.98 -19.86 -14.02
C ARG A 172 22.98 -18.74 -14.25
N PHE A 173 23.05 -17.72 -13.37
CA PHE A 173 24.18 -16.80 -13.40
C PHE A 173 25.48 -17.58 -13.26
N THR A 174 26.49 -17.22 -14.06
CA THR A 174 27.79 -17.88 -13.96
C THR A 174 28.93 -16.97 -13.52
N GLU A 175 28.71 -15.67 -13.43
CA GLU A 175 29.84 -14.76 -13.24
C GLU A 175 29.68 -14.12 -11.88
N LEU A 176 30.01 -14.88 -10.83
CA LEU A 176 29.86 -14.42 -9.45
C LEU A 176 31.19 -14.17 -8.75
N THR A 177 32.28 -14.66 -9.31
CA THR A 177 33.57 -14.49 -8.67
C THR A 177 33.88 -13.01 -8.54
N GLY A 178 34.37 -12.59 -7.37
CA GLY A 178 34.68 -11.19 -7.21
C GLY A 178 33.50 -10.24 -7.25
N LYS A 179 32.27 -10.73 -7.12
CA LYS A 179 31.09 -9.87 -7.07
C LYS A 179 30.58 -9.73 -5.64
N HIS A 180 29.87 -8.64 -5.40
CA HIS A 180 29.05 -8.53 -4.19
C HIS A 180 27.76 -9.29 -4.43
N VAL A 181 27.50 -10.26 -3.54
CA VAL A 181 26.38 -11.19 -3.72
C VAL A 181 25.58 -11.20 -2.42
N LEU A 182 24.28 -11.08 -2.53
CA LEU A 182 23.39 -11.04 -1.37
C LEU A 182 22.37 -12.16 -1.49
N ILE A 183 22.29 -13.01 -0.49
CA ILE A 183 21.30 -14.08 -0.51
C ILE A 183 20.05 -13.53 0.17
N MET A 184 18.90 -13.72 -0.47
CA MET A 184 17.61 -13.36 0.10
C MET A 184 16.84 -14.62 0.46
N GLU A 185 16.60 -14.79 1.76
CA GLU A 185 16.12 -16.04 2.32
C GLU A 185 14.92 -15.75 3.24
N ASP A 186 14.01 -16.73 3.35
CA ASP A 186 12.77 -16.50 4.08
C ASP A 186 13.00 -16.48 5.59
N ILE A 187 13.60 -17.54 6.14
CA ILE A 187 13.72 -17.60 7.60
C ILE A 187 14.94 -18.47 7.94
N ALA A 188 15.66 -18.10 9.00
CA ALA A 188 16.74 -18.90 9.55
C ALA A 188 16.27 -19.43 10.91
N ASP A 189 16.33 -20.76 11.10
CA ASP A 189 15.88 -21.39 12.34
C ASP A 189 17.09 -22.05 13.00
N THR A 190 17.42 -23.31 12.68
CA THR A 190 18.64 -23.90 13.24
C THR A 190 19.90 -23.29 12.65
N GLY A 191 19.78 -22.58 11.50
CA GLY A 191 20.92 -22.01 10.85
C GLY A 191 21.62 -22.96 9.90
N ARG A 192 21.26 -24.24 9.92
CA ARG A 192 22.03 -25.24 9.15
C ARG A 192 21.91 -25.05 7.64
N THR A 193 20.71 -24.73 7.14
CA THR A 193 20.52 -24.55 5.70
C THR A 193 21.34 -23.40 5.13
N MET A 194 21.28 -22.24 5.77
CA MET A 194 22.05 -21.13 5.22
C MET A 194 23.53 -21.33 5.43
N LYS A 195 23.91 -21.83 6.59
CA LYS A 195 25.32 -22.11 6.83
C LYS A 195 25.90 -22.95 5.69
N LEU A 196 25.16 -23.99 5.30
CA LEU A 196 25.62 -24.86 4.21
C LEU A 196 25.57 -24.14 2.87
N LEU A 197 24.52 -23.37 2.61
CA LEU A 197 24.44 -22.69 1.32
C LEU A 197 25.54 -21.65 1.16
N VAL A 198 25.76 -20.84 2.19
CA VAL A 198 26.84 -19.85 2.18
C VAL A 198 28.19 -20.52 1.90
N GLU A 199 28.44 -21.65 2.57
CA GLU A 199 29.69 -22.37 2.33
C GLU A 199 29.78 -22.82 0.89
N LYS A 200 28.66 -23.31 0.36
CA LYS A 200 28.66 -23.81 -1.01
C LYS A 200 28.93 -22.70 -2.01
N ILE A 201 28.28 -21.55 -1.84
CA ILE A 201 28.49 -20.46 -2.79
C ILE A 201 29.90 -19.89 -2.67
N ARG A 202 30.39 -19.74 -1.44
N ARG A 202 30.40 -19.74 -1.44
CA ARG A 202 31.74 -19.22 -1.24
CA ARG A 202 31.74 -19.22 -1.26
C ARG A 202 32.76 -20.11 -1.92
C ARG A 202 32.77 -20.11 -1.94
N ARG A 203 32.63 -21.43 -1.76
CA ARG A 203 33.61 -22.35 -2.34
C ARG A 203 33.50 -22.41 -3.84
N GLU A 204 32.26 -22.39 -4.38
CA GLU A 204 32.10 -22.58 -5.82
C GLU A 204 32.38 -21.33 -6.63
N TYR A 205 32.08 -20.15 -6.08
CA TYR A 205 32.21 -18.91 -6.84
C TYR A 205 33.25 -17.93 -6.28
N ARG A 206 33.59 -17.98 -4.98
CA ARG A 206 34.44 -16.99 -4.34
C ARG A 206 34.01 -15.55 -4.66
N PRO A 207 32.80 -15.15 -4.26
CA PRO A 207 32.40 -13.75 -4.42
C PRO A 207 33.32 -12.79 -3.63
N ALA A 208 33.28 -11.52 -4.01
CA ALA A 208 33.98 -10.50 -3.21
C ALA A 208 33.36 -10.36 -1.83
N SER A 209 32.04 -10.38 -1.73
CA SER A 209 31.39 -10.50 -0.42
C SER A 209 30.12 -11.34 -0.58
N LEU A 210 29.71 -11.98 0.51
CA LEU A 210 28.56 -12.88 0.48
C LEU A 210 27.85 -12.68 1.81
N LYS A 211 26.63 -12.15 1.77
CA LYS A 211 25.89 -11.85 2.98
C LYS A 211 24.47 -12.36 2.81
N VAL A 212 23.75 -12.49 3.92
CA VAL A 212 22.40 -13.02 3.91
C VAL A 212 21.43 -11.98 4.48
N CYS A 213 20.32 -11.75 3.80
CA CYS A 213 19.19 -10.99 4.30
C CYS A 213 18.03 -11.95 4.50
N VAL A 214 17.47 -12.05 5.71
CA VAL A 214 16.31 -12.91 5.95
C VAL A 214 15.11 -12.02 6.26
N LEU A 215 13.92 -12.46 5.80
CA LEU A 215 12.70 -11.83 6.25
C LEU A 215 12.57 -11.99 7.76
N VAL A 216 12.82 -13.20 8.27
CA VAL A 216 12.56 -13.55 9.66
C VAL A 216 13.80 -14.26 10.19
N ASP A 217 14.29 -13.84 11.35
CA ASP A 217 15.26 -14.63 12.09
C ASP A 217 14.56 -15.27 13.29
N LYS A 218 14.82 -16.57 13.52
CA LYS A 218 14.36 -17.26 14.74
C LYS A 218 15.63 -17.65 15.49
N PRO A 219 16.27 -16.69 16.14
CA PRO A 219 17.56 -16.97 16.80
C PRO A 219 17.45 -18.01 17.89
N GLY A 220 16.27 -18.16 18.50
CA GLY A 220 16.13 -19.17 19.53
C GLY A 220 16.22 -20.60 19.00
N GLY A 221 16.13 -20.80 17.70
CA GLY A 221 16.25 -22.16 17.24
C GLY A 221 17.65 -22.59 16.88
N ARG A 222 18.66 -21.73 17.04
CA ARG A 222 19.97 -22.01 16.46
C ARG A 222 20.57 -23.29 17.03
N VAL A 223 21.16 -24.09 16.15
CA VAL A 223 22.02 -25.20 16.58
C VAL A 223 23.41 -25.09 15.98
N VAL A 224 23.63 -24.24 14.99
CA VAL A 224 24.96 -23.96 14.49
C VAL A 224 25.16 -22.46 14.55
N ASP A 225 26.41 -22.05 14.47
CA ASP A 225 26.76 -20.65 14.52
C ASP A 225 26.46 -20.04 13.17
N PHE A 226 25.35 -19.32 13.06
CA PHE A 226 25.03 -18.64 11.80
C PHE A 226 24.24 -17.41 12.16
N LYS A 227 24.70 -16.27 11.67
CA LYS A 227 24.05 -14.98 11.95
C LYS A 227 23.85 -14.26 10.63
N PRO A 228 22.60 -14.10 10.18
CA PRO A 228 22.37 -13.30 8.96
C PRO A 228 22.78 -11.86 9.20
N GLU A 229 23.46 -11.26 8.23
CA GLU A 229 23.85 -9.87 8.40
C GLU A 229 22.63 -8.96 8.46
N PHE A 230 21.54 -9.31 7.79
CA PHE A 230 20.42 -8.40 7.66
C PHE A 230 19.16 -9.17 8.04
N VAL A 231 18.39 -8.61 8.96
CA VAL A 231 17.20 -9.30 9.47
C VAL A 231 16.04 -8.29 9.49
N CYS A 232 14.97 -8.59 8.75
CA CYS A 232 13.81 -7.72 8.75
C CYS A 232 13.04 -7.81 10.06
N LEU A 233 12.63 -9.02 10.44
CA LEU A 233 11.79 -9.30 11.60
C LEU A 233 12.39 -10.44 12.43
N THR A 234 12.06 -10.48 13.71
CA THR A 234 12.48 -11.63 14.51
C THR A 234 11.25 -12.36 15.02
N ALA A 235 11.27 -13.69 15.00
CA ALA A 235 10.12 -14.45 15.46
C ALA A 235 10.45 -15.23 16.71
N PRO A 236 9.44 -15.57 17.53
CA PRO A 236 9.65 -16.55 18.60
C PRO A 236 9.95 -17.89 17.98
N THR A 237 10.37 -18.84 18.82
CA THR A 237 10.80 -20.17 18.36
C THR A 237 9.57 -21.05 18.16
N ARG A 238 8.84 -20.76 17.10
CA ARG A 238 7.60 -21.44 16.75
C ARG A 238 7.58 -21.54 15.23
N TYR A 239 6.74 -22.44 14.74
CA TYR A 239 6.49 -22.56 13.31
C TYR A 239 5.51 -21.48 12.87
N VAL A 240 5.94 -20.65 11.90
CA VAL A 240 5.14 -19.54 11.40
C VAL A 240 4.68 -19.86 9.99
N VAL A 241 3.55 -19.24 9.60
CA VAL A 241 2.95 -19.34 8.27
C VAL A 241 2.47 -17.96 7.86
N GLY A 242 2.18 -17.81 6.58
CA GLY A 242 1.78 -16.50 6.05
C GLY A 242 2.96 -15.85 5.33
N TYR A 243 2.65 -14.96 4.39
CA TYR A 243 3.62 -14.11 3.70
C TYR A 243 4.91 -14.88 3.38
N GLY A 244 4.78 -15.91 2.52
CA GLY A 244 5.89 -16.73 2.11
C GLY A 244 6.01 -18.05 2.85
N PHE A 245 5.55 -18.08 4.10
CA PHE A 245 5.67 -19.28 4.92
C PHE A 245 4.42 -20.15 4.81
N GLU A 246 4.61 -21.47 4.77
CA GLU A 246 3.51 -22.33 4.41
C GLU A 246 3.51 -23.65 5.18
N VAL A 247 2.37 -24.35 5.09
CA VAL A 247 2.23 -25.76 5.38
C VAL A 247 1.85 -26.46 4.08
N ASN A 248 2.75 -27.27 3.54
CA ASN A 248 2.55 -27.92 2.24
C ASN A 248 1.95 -26.92 1.23
N ASP A 249 2.56 -25.73 1.19
CA ASP A 249 2.27 -24.62 0.27
C ASP A 249 1.01 -23.83 0.62
N ARG A 250 0.17 -24.29 1.55
CA ARG A 250 -0.98 -23.51 1.98
C ARG A 250 -0.54 -22.32 2.82
N TYR A 251 -1.31 -21.23 2.74
CA TYR A 251 -1.13 -20.00 3.54
C TYR A 251 -0.04 -19.11 3.00
N ARG A 252 0.70 -19.52 1.96
CA ARG A 252 1.85 -18.72 1.55
C ARG A 252 1.46 -17.33 1.08
N ASN A 253 0.26 -17.21 0.47
CA ASN A 253 -0.18 -15.94 -0.12
C ASN A 253 -0.87 -15.04 0.90
N TYR A 254 -0.89 -15.40 2.19
CA TYR A 254 -1.49 -14.49 3.17
C TYR A 254 -0.59 -13.27 3.40
N ARG A 255 -1.19 -12.15 3.84
CA ARG A 255 -0.44 -10.88 3.92
C ARG A 255 0.22 -10.64 5.28
N HIS A 256 -0.03 -11.51 6.25
CA HIS A 256 0.45 -11.42 7.61
C HIS A 256 1.20 -12.69 7.98
N VAL A 257 2.09 -12.60 8.97
CA VAL A 257 2.81 -13.77 9.50
C VAL A 257 2.21 -14.14 10.86
N PHE A 258 1.87 -15.42 11.03
CA PHE A 258 1.20 -15.98 12.19
C PHE A 258 2.01 -17.13 12.78
N VAL A 259 1.81 -17.39 14.09
CA VAL A 259 2.19 -18.67 14.66
C VAL A 259 1.11 -19.68 14.29
N LEU A 260 1.52 -20.79 13.70
CA LEU A 260 0.55 -21.84 13.36
C LEU A 260 0.09 -22.55 14.63
N LYS A 261 -1.20 -22.88 14.70
CA LYS A 261 -1.68 -23.75 15.75
C LYS A 261 -1.01 -25.13 15.61
N PRO A 262 -0.54 -25.72 16.70
CA PRO A 262 0.04 -27.08 16.61
C PRO A 262 -0.86 -28.07 15.90
N GLU A 263 -2.17 -28.02 16.14
CA GLU A 263 -3.07 -29.00 15.55
C GLU A 263 -3.18 -28.88 14.04
N TYR A 264 -2.60 -27.84 13.46
CA TYR A 264 -2.57 -27.67 12.02
C TYR A 264 -1.27 -28.14 11.38
N ALA A 265 -0.30 -28.63 12.16
CA ALA A 265 1.01 -28.93 11.59
C ALA A 265 0.93 -30.07 10.56
N LYS A 266 0.03 -31.03 10.74
CA LYS A 266 -0.03 -32.19 9.87
C LYS A 266 -1.29 -32.18 9.00
N ARG A 267 -1.82 -30.99 8.72
CA ARG A 267 -3.17 -30.88 8.15
C ARG A 267 -3.24 -31.25 6.68
N TYR A 268 -2.13 -31.18 5.95
CA TYR A 268 -2.12 -31.36 4.49
C TYR A 268 -1.01 -32.33 4.15
N PRO A 269 -1.17 -33.61 4.49
CA PRO A 269 -0.09 -34.56 4.26
C PRO A 269 -0.05 -35.12 2.84
N SER A 270 -1.02 -34.80 1.97
CA SER A 270 -1.07 -35.42 0.64
C SER A 270 -0.12 -34.70 -0.31
N LYS A 271 0.70 -35.48 -1.02
CA LYS A 271 1.66 -34.86 -1.93
C LYS A 271 0.95 -34.05 -3.00
N LEU A 272 1.48 -32.86 -3.27
CA LEU A 272 1.04 -32.08 -4.40
C LEU A 272 1.72 -32.55 -5.72
N PRO B 44 1.10 1.18 -3.67
CA PRO B 44 1.00 0.85 -5.11
C PRO B 44 -0.14 1.58 -5.88
N LEU B 45 -1.30 1.83 -5.25
CA LEU B 45 -2.50 2.27 -5.97
C LEU B 45 -2.80 3.78 -5.88
N LYS B 46 -1.87 4.60 -5.37
CA LYS B 46 -2.12 6.03 -5.53
C LYS B 46 -1.70 6.45 -6.94
N PRO B 47 -2.47 7.32 -7.63
CA PRO B 47 -2.13 7.61 -9.05
C PRO B 47 -0.70 8.11 -9.16
N ASN B 48 0.01 7.63 -10.17
CA ASN B 48 1.38 8.02 -10.42
C ASN B 48 1.42 9.17 -11.41
N PHE B 49 2.28 10.14 -11.15
N PHE B 49 2.30 10.13 -11.16
CA PHE B 49 2.48 11.28 -12.04
CA PHE B 49 2.48 11.29 -12.04
C PHE B 49 3.52 10.92 -13.10
C PHE B 49 3.53 10.98 -13.09
N VAL B 50 3.17 11.10 -14.36
CA VAL B 50 4.06 10.83 -15.48
C VAL B 50 4.43 12.14 -16.15
N GLY B 51 5.74 12.39 -16.29
CA GLY B 51 6.20 13.62 -16.91
C GLY B 51 7.45 13.40 -17.75
N ARG B 52 8.15 14.48 -18.02
CA ARG B 52 9.42 14.48 -18.73
C ARG B 52 10.35 15.44 -17.99
N ASP B 53 11.62 15.06 -17.81
CA ASP B 53 12.55 15.94 -17.12
C ASP B 53 13.18 16.92 -18.12
N ALA B 54 14.12 17.74 -17.62
CA ALA B 54 14.75 18.74 -18.47
C ALA B 54 15.52 18.11 -19.62
N ASP B 55 15.95 16.86 -19.49
CA ASP B 55 16.63 16.18 -20.60
C ASP B 55 15.65 15.50 -21.54
N GLY B 56 14.35 15.63 -21.32
CA GLY B 56 13.39 14.96 -22.17
C GLY B 56 13.17 13.51 -21.80
N ASN B 57 13.74 13.04 -20.69
CA ASN B 57 13.56 11.66 -20.27
C ASN B 57 12.23 11.48 -19.55
N VAL B 58 11.66 10.29 -19.71
CA VAL B 58 10.44 9.94 -19.02
C VAL B 58 10.64 10.02 -17.52
N THR B 59 9.73 10.69 -16.80
CA THR B 59 9.71 10.59 -15.35
C THR B 59 8.41 9.97 -14.89
N VAL B 60 8.48 9.21 -13.80
CA VAL B 60 7.30 8.75 -13.08
C VAL B 60 7.51 9.13 -11.62
N ASP B 61 6.58 9.93 -11.08
CA ASP B 61 6.69 10.41 -9.70
C ASP B 61 8.05 11.06 -9.42
N GLY B 62 8.57 11.80 -10.40
CA GLY B 62 9.77 12.58 -10.22
C GLY B 62 11.05 11.82 -10.46
N ARG B 63 10.97 10.50 -10.66
CA ARG B 63 12.12 9.65 -10.93
C ARG B 63 12.31 9.51 -12.45
N SER B 64 13.54 9.72 -12.90
CA SER B 64 13.86 9.68 -14.33
C SER B 64 14.19 8.25 -14.78
N TYR B 65 13.69 7.85 -15.97
CA TYR B 65 13.98 6.54 -16.56
C TYR B 65 14.61 6.73 -17.93
N PRO B 66 15.93 6.88 -18.00
CA PRO B 66 16.53 7.23 -19.32
C PRO B 66 16.38 6.13 -20.36
N MET B 67 16.16 4.87 -19.96
CA MET B 67 15.99 3.78 -20.91
C MET B 67 14.60 3.74 -21.56
N ALA B 68 13.64 4.54 -21.10
CA ALA B 68 12.25 4.42 -21.51
C ALA B 68 11.92 5.33 -22.69
N GLU B 69 11.33 4.75 -23.72
CA GLU B 69 10.69 5.56 -24.76
C GLU B 69 9.41 6.24 -24.23
N SER B 70 8.57 5.48 -23.50
CA SER B 70 7.28 5.98 -23.01
C SER B 70 6.78 5.03 -21.93
N VAL B 71 5.71 5.43 -21.25
CA VAL B 71 5.13 4.60 -20.20
C VAL B 71 3.98 3.80 -20.82
N VAL B 72 4.02 2.48 -20.64
CA VAL B 72 2.86 1.65 -21.01
C VAL B 72 1.77 1.71 -19.95
N ALA B 73 2.14 1.42 -18.69
CA ALA B 73 1.23 1.43 -17.56
C ALA B 73 2.02 1.72 -16.31
N THR B 74 1.52 2.65 -15.51
CA THR B 74 2.15 2.86 -14.22
C THR B 74 1.68 1.85 -13.19
N GLU B 75 2.38 1.84 -12.06
CA GLU B 75 2.09 0.91 -10.96
C GLU B 75 0.62 0.92 -10.56
N SER B 76 0.03 2.09 -10.28
CA SER B 76 -1.37 2.13 -9.85
C SER B 76 -2.30 1.51 -10.91
N THR B 77 -2.04 1.79 -12.19
CA THR B 77 -2.85 1.19 -13.24
C THR B 77 -2.69 -0.33 -13.25
N ILE B 78 -1.44 -0.78 -13.16
CA ILE B 78 -1.18 -2.23 -13.20
C ILE B 78 -1.90 -2.91 -12.05
N HIS B 79 -1.78 -2.36 -10.85
CA HIS B 79 -2.39 -3.04 -9.71
C HIS B 79 -3.92 -2.98 -9.79
N ARG B 80 -4.47 -1.90 -10.34
CA ARG B 80 -5.92 -1.90 -10.55
C ARG B 80 -6.32 -3.05 -11.47
N SER B 81 -5.56 -3.26 -12.55
N SER B 81 -5.57 -3.25 -12.55
CA SER B 81 -5.90 -4.34 -13.48
CA SER B 81 -5.90 -4.33 -13.48
C SER B 81 -5.71 -5.69 -12.83
C SER B 81 -5.70 -5.70 -12.85
N MET B 82 -4.70 -5.84 -11.98
CA MET B 82 -4.51 -7.12 -11.30
C MET B 82 -5.62 -7.40 -10.28
N LYS B 83 -6.09 -6.37 -9.56
CA LYS B 83 -7.18 -6.59 -8.59
C LYS B 83 -8.45 -6.99 -9.33
N GLU B 84 -8.70 -6.36 -10.49
CA GLU B 84 -9.87 -6.71 -11.28
C GLU B 84 -9.71 -8.11 -11.85
N MET B 85 -8.49 -8.45 -12.26
CA MET B 85 -8.25 -9.81 -12.75
C MET B 85 -8.42 -10.86 -11.63
N ALA B 86 -8.00 -10.54 -10.40
CA ALA B 86 -8.15 -11.51 -9.32
C ALA B 86 -9.62 -11.82 -9.06
N GLN B 87 -10.48 -10.79 -9.10
CA GLN B 87 -11.91 -11.03 -8.96
C GLN B 87 -12.44 -11.86 -10.13
N THR B 88 -11.98 -11.54 -11.34
CA THR B 88 -12.34 -12.34 -12.51
C THR B 88 -11.95 -13.79 -12.32
N LEU B 89 -10.71 -14.03 -11.88
CA LEU B 89 -10.25 -15.40 -11.64
C LEU B 89 -11.08 -16.07 -10.55
N ALA B 90 -11.34 -15.36 -9.46
CA ALA B 90 -12.10 -15.99 -8.37
C ALA B 90 -13.48 -16.39 -8.85
N ASN B 91 -14.11 -15.52 -9.66
CA ASN B 91 -15.44 -15.83 -10.19
C ASN B 91 -15.39 -17.03 -11.10
N ALA B 92 -14.32 -17.14 -11.91
CA ALA B 92 -14.20 -18.23 -12.87
C ALA B 92 -13.98 -19.57 -12.19
N TYR B 93 -13.29 -19.59 -11.04
CA TYR B 93 -12.87 -20.84 -10.41
C TYR B 93 -13.60 -21.19 -9.12
N LYS B 94 -14.18 -20.22 -8.40
CA LYS B 94 -14.56 -20.45 -7.01
C LYS B 94 -15.54 -21.61 -6.87
N THR B 95 -16.45 -21.79 -7.83
CA THR B 95 -17.44 -22.87 -7.73
C THR B 95 -17.07 -24.15 -8.48
N LEU B 96 -15.87 -24.25 -9.08
CA LEU B 96 -15.54 -25.46 -9.84
C LEU B 96 -15.15 -26.62 -8.91
N LYS B 97 -15.18 -27.82 -9.47
CA LYS B 97 -14.89 -29.04 -8.73
C LYS B 97 -13.84 -29.86 -9.46
N HIS B 98 -12.97 -30.53 -8.72
CA HIS B 98 -11.92 -31.29 -9.38
C HIS B 98 -11.48 -32.42 -8.44
N ARG B 99 -10.46 -33.15 -8.86
CA ARG B 99 -10.15 -34.40 -8.18
C ARG B 99 -9.72 -34.19 -6.74
N ASP B 100 -10.26 -35.02 -5.84
CA ASP B 100 -9.91 -34.93 -4.42
C ASP B 100 -8.62 -35.72 -4.22
N THR B 101 -7.50 -35.02 -4.01
CA THR B 101 -6.29 -35.72 -3.59
C THR B 101 -6.03 -35.56 -2.10
N HIS B 102 -6.76 -34.66 -1.42
CA HIS B 102 -6.64 -34.54 0.03
C HIS B 102 -7.16 -35.81 0.71
N ASN B 103 -8.36 -36.23 0.35
CA ASN B 103 -8.92 -37.49 0.81
C ASN B 103 -9.04 -38.38 -0.42
N LYS B 104 -8.02 -39.21 -0.64
CA LYS B 104 -8.06 -40.05 -1.83
C LYS B 104 -9.12 -41.13 -1.74
N GLY B 105 -9.65 -41.39 -0.55
CA GLY B 105 -10.74 -42.34 -0.48
C GLY B 105 -12.07 -41.80 -0.92
N ASN B 106 -12.15 -40.52 -1.28
CA ASN B 106 -13.39 -39.89 -1.73
C ASN B 106 -13.39 -39.91 -3.27
N SER B 107 -14.31 -40.66 -3.85
CA SER B 107 -14.38 -40.74 -5.31
C SER B 107 -15.06 -39.54 -5.95
N ALA B 108 -15.84 -38.79 -5.18
CA ALA B 108 -16.55 -37.63 -5.74
C ALA B 108 -15.58 -36.48 -6.01
N LEU B 109 -15.89 -35.69 -7.03
CA LEU B 109 -15.14 -34.47 -7.23
C LEU B 109 -15.33 -33.56 -6.02
N ALA B 110 -14.31 -32.77 -5.72
CA ALA B 110 -14.33 -31.90 -4.56
C ALA B 110 -14.19 -30.42 -4.94
N PRO B 111 -14.79 -29.52 -4.16
CA PRO B 111 -14.69 -28.08 -4.44
C PRO B 111 -13.26 -27.58 -4.29
N ILE B 112 -13.03 -26.36 -4.78
CA ILE B 112 -11.71 -25.76 -4.62
C ILE B 112 -11.63 -25.14 -3.22
N THR B 113 -10.68 -25.64 -2.42
CA THR B 113 -10.55 -25.35 -0.99
C THR B 113 -9.07 -25.41 -0.63
N ASP B 114 -8.75 -25.12 0.64
CA ASP B 114 -7.37 -25.38 1.10
C ASP B 114 -6.99 -26.87 0.94
N GLU B 115 -7.95 -27.77 1.15
CA GLU B 115 -7.70 -29.19 0.93
C GLU B 115 -7.35 -29.50 -0.54
N ASN B 116 -8.04 -28.89 -1.50
CA ASN B 116 -7.77 -29.13 -2.93
C ASN B 116 -7.77 -27.81 -3.66
N PRO B 117 -6.69 -27.03 -3.56
CA PRO B 117 -6.69 -25.68 -4.12
C PRO B 117 -6.50 -25.70 -5.62
N LEU B 118 -6.71 -24.50 -6.19
CA LEU B 118 -6.28 -24.22 -7.56
C LEU B 118 -4.77 -24.42 -7.69
N ILE B 119 -4.34 -25.14 -8.69
CA ILE B 119 -2.92 -25.30 -8.94
C ILE B 119 -2.48 -24.18 -9.87
N ILE B 120 -1.50 -23.37 -9.45
CA ILE B 120 -0.95 -22.29 -10.29
C ILE B 120 0.46 -22.68 -10.69
N ILE B 121 0.73 -22.68 -11.99
CA ILE B 121 2.09 -22.84 -12.49
C ILE B 121 2.62 -21.46 -12.88
N SER B 122 3.70 -21.02 -12.25
CA SER B 122 4.28 -19.71 -12.50
C SER B 122 5.57 -19.88 -13.30
N VAL B 123 5.72 -19.11 -14.39
CA VAL B 123 6.82 -19.31 -15.33
C VAL B 123 7.99 -18.42 -14.90
N LEU B 124 9.10 -19.03 -14.46
CA LEU B 124 10.30 -18.29 -14.08
C LEU B 124 11.13 -17.92 -15.32
N LYS B 125 11.89 -16.81 -15.24
CA LYS B 125 11.92 -15.93 -14.09
C LYS B 125 10.84 -14.85 -14.24
N GLY B 126 10.32 -14.68 -15.47
CA GLY B 126 9.60 -13.44 -15.79
C GLY B 126 8.34 -13.22 -14.98
N SER B 127 7.72 -14.27 -14.46
CA SER B 127 6.43 -14.15 -13.81
C SER B 127 6.51 -13.99 -12.29
N TYR B 128 7.71 -13.97 -11.69
CA TYR B 128 7.70 -14.20 -10.24
C TYR B 128 7.11 -13.02 -9.46
N ILE B 129 7.28 -11.78 -9.96
CA ILE B 129 6.74 -10.60 -9.26
C ILE B 129 5.24 -10.48 -9.50
N PHE B 130 4.82 -10.63 -10.76
CA PHE B 130 3.40 -10.72 -11.12
C PHE B 130 2.69 -11.77 -10.26
N THR B 131 3.28 -12.95 -10.14
CA THR B 131 2.66 -14.06 -9.41
C THR B 131 2.58 -13.72 -7.92
N ALA B 132 3.66 -13.18 -7.36
CA ALA B 132 3.65 -12.75 -5.96
C ALA B 132 2.49 -11.82 -5.68
N ASP B 133 2.32 -10.79 -6.54
CA ASP B 133 1.22 -9.86 -6.34
C ASP B 133 -0.14 -10.56 -6.57
N MET B 134 -0.26 -11.34 -7.65
CA MET B 134 -1.56 -11.92 -7.99
C MET B 134 -2.06 -12.88 -6.92
N VAL B 135 -1.17 -13.69 -6.36
CA VAL B 135 -1.67 -14.69 -5.38
C VAL B 135 -2.16 -13.99 -4.13
N ARG B 136 -1.62 -12.82 -3.80
CA ARG B 136 -2.13 -12.13 -2.61
C ARG B 136 -3.49 -11.49 -2.91
N TYR B 137 -3.67 -10.99 -4.14
CA TYR B 137 -4.99 -10.52 -4.56
C TYR B 137 -5.98 -11.67 -4.63
N LEU B 138 -5.51 -12.88 -5.02
CA LEU B 138 -6.42 -14.02 -4.99
C LEU B 138 -6.83 -14.36 -3.57
N GLY B 139 -5.89 -14.24 -2.63
CA GLY B 139 -6.24 -14.41 -1.23
C GLY B 139 -7.28 -13.40 -0.76
N ASP B 140 -7.13 -12.13 -1.19
CA ASP B 140 -8.14 -11.11 -0.84
C ASP B 140 -9.50 -11.54 -1.33
N CYS B 141 -9.55 -12.24 -2.47
CA CYS B 141 -10.82 -12.65 -3.08
C CYS B 141 -11.26 -14.04 -2.63
N GLY B 142 -10.51 -14.66 -1.71
CA GLY B 142 -10.91 -15.92 -1.11
C GLY B 142 -10.72 -17.16 -1.94
N LEU B 143 -9.81 -17.15 -2.95
CA LEU B 143 -9.63 -18.30 -3.83
C LEU B 143 -8.41 -19.08 -3.38
N PRO B 144 -8.60 -20.25 -2.79
CA PRO B 144 -7.43 -21.04 -2.35
C PRO B 144 -6.59 -21.50 -3.53
N ASN B 145 -5.27 -21.36 -3.40
CA ASN B 145 -4.37 -21.68 -4.51
C ASN B 145 -3.01 -22.05 -3.94
N VAL B 146 -2.25 -22.82 -4.73
CA VAL B 146 -0.86 -23.13 -4.40
C VAL B 146 -0.06 -22.92 -5.68
N VAL B 147 1.21 -22.56 -5.54
CA VAL B 147 2.06 -22.15 -6.65
C VAL B 147 3.27 -23.07 -6.73
N ASP B 148 3.56 -23.57 -7.94
CA ASP B 148 4.88 -24.18 -8.16
C ASP B 148 5.46 -23.49 -9.39
N PHE B 149 6.76 -23.63 -9.61
CA PHE B 149 7.44 -22.88 -10.67
C PHE B 149 7.96 -23.80 -11.76
N ILE B 150 7.97 -23.31 -13.00
CA ILE B 150 8.67 -23.99 -14.07
C ILE B 150 9.57 -22.96 -14.75
N ARG B 151 10.77 -23.36 -15.11
CA ARG B 151 11.70 -22.41 -15.69
C ARG B 151 11.90 -22.80 -17.13
N ILE B 152 11.63 -21.86 -18.03
CA ILE B 152 11.82 -22.11 -19.45
C ILE B 152 12.57 -20.93 -20.05
N THR B 153 13.26 -21.20 -21.14
CA THR B 153 13.98 -20.18 -21.86
C THR B 153 13.74 -20.32 -23.36
N GLN B 166 12.83 -23.99 -24.37
CA GLN B 166 13.19 -25.21 -23.68
C GLN B 166 12.91 -25.16 -22.17
N VAL B 167 12.67 -26.33 -21.57
CA VAL B 167 12.38 -26.42 -20.15
C VAL B 167 13.68 -26.59 -19.40
N LEU B 168 13.98 -25.63 -18.54
CA LEU B 168 15.22 -25.69 -17.80
C LEU B 168 15.06 -26.40 -16.44
N ASP B 169 13.98 -26.12 -15.71
CA ASP B 169 13.72 -26.69 -14.40
C ASP B 169 12.25 -27.08 -14.34
N ASN B 170 11.98 -28.35 -14.11
CA ASN B 170 10.60 -28.79 -14.15
C ASN B 170 9.89 -28.49 -12.83
N LEU B 171 8.57 -28.52 -12.90
CA LEU B 171 7.75 -28.50 -11.71
C LEU B 171 8.18 -29.61 -10.76
N ARG B 172 7.98 -29.36 -9.47
CA ARG B 172 8.04 -30.43 -8.46
C ARG B 172 6.66 -31.00 -8.11
N PHE B 173 5.58 -30.25 -8.27
CA PHE B 173 4.25 -30.85 -8.11
C PHE B 173 4.12 -32.01 -9.09
N THR B 174 3.47 -33.10 -8.66
CA THR B 174 3.26 -34.24 -9.54
C THR B 174 1.79 -34.64 -9.65
N GLU B 175 0.92 -34.13 -8.80
CA GLU B 175 -0.41 -34.70 -8.76
C GLU B 175 -1.41 -33.77 -9.42
N LEU B 176 -1.24 -33.51 -10.72
CA LEU B 176 -2.08 -32.55 -11.43
C LEU B 176 -3.22 -33.19 -12.21
N THR B 177 -3.26 -34.51 -12.34
CA THR B 177 -4.32 -35.16 -13.11
C THR B 177 -5.71 -34.81 -12.59
N GLY B 178 -6.60 -34.39 -13.49
CA GLY B 178 -7.95 -34.01 -13.09
C GLY B 178 -8.03 -32.80 -12.16
N LYS B 179 -7.00 -31.96 -12.12
CA LYS B 179 -7.03 -30.72 -11.39
C LYS B 179 -7.28 -29.53 -12.32
N HIS B 180 -7.87 -28.48 -11.76
CA HIS B 180 -7.87 -27.20 -12.44
C HIS B 180 -6.51 -26.56 -12.25
N VAL B 181 -5.86 -26.22 -13.36
CA VAL B 181 -4.50 -25.68 -13.37
C VAL B 181 -4.50 -24.35 -14.13
N LEU B 182 -3.85 -23.35 -13.58
CA LEU B 182 -3.77 -22.02 -14.16
C LEU B 182 -2.30 -21.65 -14.29
N ILE B 183 -1.90 -21.31 -15.50
CA ILE B 183 -0.55 -20.84 -15.75
C ILE B 183 -0.52 -19.33 -15.59
N MET B 184 0.47 -18.82 -14.84
CA MET B 184 0.66 -17.39 -14.70
C MET B 184 1.93 -17.02 -15.44
N GLU B 185 1.78 -16.19 -16.48
CA GLU B 185 2.90 -15.87 -17.36
C GLU B 185 3.00 -14.36 -17.54
N ASP B 186 4.20 -13.89 -17.90
CA ASP B 186 4.47 -12.45 -17.96
C ASP B 186 3.85 -11.79 -19.20
N ILE B 187 4.13 -12.31 -20.40
CA ILE B 187 3.73 -11.65 -21.64
C ILE B 187 3.64 -12.69 -22.75
N ALA B 188 2.58 -12.62 -23.56
CA ALA B 188 2.47 -13.40 -24.80
C ALA B 188 2.68 -12.47 -25.99
N ASP B 189 3.59 -12.85 -26.88
CA ASP B 189 3.89 -12.09 -28.07
C ASP B 189 3.53 -12.92 -29.31
N THR B 190 4.48 -13.68 -29.88
CA THR B 190 4.17 -14.60 -30.98
C THR B 190 3.23 -15.69 -30.53
N GLY B 191 3.27 -16.03 -29.21
CA GLY B 191 2.47 -17.10 -28.65
C GLY B 191 3.12 -18.47 -28.67
N ARG B 192 4.29 -18.60 -29.30
CA ARG B 192 4.96 -19.90 -29.37
C ARG B 192 5.31 -20.45 -27.99
N THR B 193 5.76 -19.59 -27.08
CA THR B 193 6.19 -20.08 -25.78
C THR B 193 5.02 -20.74 -25.05
N MET B 194 3.88 -20.07 -25.00
CA MET B 194 2.78 -20.61 -24.24
C MET B 194 2.12 -21.77 -24.97
N LYS B 195 2.00 -21.68 -26.29
CA LYS B 195 1.46 -22.81 -27.03
C LYS B 195 2.24 -24.08 -26.71
N LEU B 196 3.57 -23.98 -26.67
CA LEU B 196 4.35 -25.19 -26.36
C LEU B 196 4.16 -25.60 -24.90
N LEU B 197 4.12 -24.63 -23.97
CA LEU B 197 4.00 -25.01 -22.57
C LEU B 197 2.66 -25.68 -22.32
N VAL B 198 1.59 -25.14 -22.91
CA VAL B 198 0.26 -25.68 -22.71
C VAL B 198 0.18 -27.11 -23.24
N GLU B 199 0.67 -27.32 -24.47
CA GLU B 199 0.69 -28.67 -25.04
C GLU B 199 1.41 -29.65 -24.13
N LYS B 200 2.54 -29.23 -23.56
CA LYS B 200 3.33 -30.11 -22.71
C LYS B 200 2.58 -30.44 -21.42
N ILE B 201 2.04 -29.42 -20.75
CA ILE B 201 1.33 -29.67 -19.50
C ILE B 201 0.11 -30.54 -19.75
N ARG B 202 -0.65 -30.24 -20.81
CA ARG B 202 -1.80 -31.09 -21.13
C ARG B 202 -1.39 -32.54 -21.29
N ARG B 203 -0.37 -32.78 -22.13
CA ARG B 203 0.09 -34.13 -22.45
C ARG B 203 0.64 -34.86 -21.22
N GLU B 204 1.48 -34.19 -20.45
CA GLU B 204 2.21 -34.87 -19.40
C GLU B 204 1.45 -34.91 -18.09
N TYR B 205 0.53 -33.96 -17.84
CA TYR B 205 -0.15 -33.91 -16.55
C TYR B 205 -1.64 -34.20 -16.62
N ARG B 206 -2.27 -34.10 -17.79
CA ARG B 206 -3.69 -34.37 -17.96
C ARG B 206 -4.59 -33.67 -16.92
N PRO B 207 -4.48 -32.35 -16.77
CA PRO B 207 -5.37 -31.62 -15.85
C PRO B 207 -6.83 -31.65 -16.29
N ALA B 208 -7.71 -31.33 -15.34
CA ALA B 208 -9.14 -31.21 -15.70
C ALA B 208 -9.36 -29.99 -16.57
N SER B 209 -8.60 -28.92 -16.34
CA SER B 209 -8.71 -27.70 -17.15
C SER B 209 -7.38 -26.98 -17.06
N LEU B 210 -7.02 -26.31 -18.15
CA LEU B 210 -5.73 -25.64 -18.21
C LEU B 210 -5.95 -24.32 -18.91
N LYS B 211 -5.63 -23.22 -18.23
CA LYS B 211 -5.85 -21.88 -18.75
C LYS B 211 -4.62 -21.05 -18.44
N VAL B 212 -4.52 -19.91 -19.12
CA VAL B 212 -3.37 -19.03 -19.02
C VAL B 212 -3.82 -17.63 -18.66
N CYS B 213 -3.18 -17.06 -17.66
CA CYS B 213 -3.35 -15.65 -17.30
C CYS B 213 -2.03 -14.94 -17.58
N VAL B 214 -2.07 -13.91 -18.43
CA VAL B 214 -0.86 -13.11 -18.68
C VAL B 214 -1.02 -11.71 -18.14
N LEU B 215 0.10 -11.16 -17.67
CA LEU B 215 0.07 -9.75 -17.29
C LEU B 215 -0.12 -8.89 -18.53
N VAL B 216 0.63 -9.18 -19.59
CA VAL B 216 0.56 -8.40 -20.84
C VAL B 216 0.29 -9.34 -22.00
N ASP B 217 -0.65 -8.96 -22.86
CA ASP B 217 -0.82 -9.61 -24.16
C ASP B 217 -0.43 -8.61 -25.26
N LYS B 218 0.29 -9.08 -26.27
CA LYS B 218 0.61 -8.31 -27.48
C LYS B 218 -0.08 -9.03 -28.63
N PRO B 219 -1.39 -8.86 -28.80
CA PRO B 219 -2.09 -9.67 -29.81
C PRO B 219 -1.61 -9.38 -31.22
N GLY B 220 -1.07 -8.18 -31.46
CA GLY B 220 -0.55 -7.87 -32.77
C GLY B 220 0.62 -8.74 -33.18
N GLY B 221 1.27 -9.40 -32.23
CA GLY B 221 2.38 -10.27 -32.57
C GLY B 221 2.01 -11.74 -32.75
N ARG B 222 0.74 -12.10 -32.56
CA ARG B 222 0.36 -13.50 -32.47
C ARG B 222 0.45 -14.17 -33.82
N VAL B 223 1.12 -15.31 -33.84
CA VAL B 223 1.51 -15.89 -35.11
C VAL B 223 1.38 -17.41 -35.03
N VAL B 224 0.78 -17.88 -33.93
CA VAL B 224 0.38 -19.27 -33.77
C VAL B 224 -0.99 -19.29 -33.07
N ASP B 225 -1.57 -20.50 -33.03
CA ASP B 225 -2.89 -20.71 -32.43
C ASP B 225 -2.76 -20.70 -30.90
N PHE B 226 -2.69 -19.50 -30.34
CA PHE B 226 -2.68 -19.37 -28.90
C PHE B 226 -3.42 -18.11 -28.49
N LYS B 227 -4.36 -18.27 -27.57
CA LYS B 227 -5.07 -17.10 -27.06
C LYS B 227 -5.22 -17.22 -25.54
N PRO B 228 -4.56 -16.36 -24.75
CA PRO B 228 -4.68 -16.49 -23.27
C PRO B 228 -6.11 -16.20 -22.83
N GLU B 229 -6.60 -17.01 -21.88
CA GLU B 229 -7.96 -16.84 -21.41
C GLU B 229 -8.12 -15.55 -20.61
N PHE B 230 -7.07 -15.19 -19.87
CA PHE B 230 -7.12 -14.11 -18.91
C PHE B 230 -5.97 -13.14 -19.24
N VAL B 231 -6.28 -11.86 -19.46
CA VAL B 231 -5.28 -10.85 -19.81
C VAL B 231 -5.46 -9.64 -18.92
N CYS B 232 -4.41 -9.25 -18.21
CA CYS B 232 -4.47 -8.01 -17.44
C CYS B 232 -4.42 -6.79 -18.35
N LEU B 233 -3.34 -6.63 -19.11
CA LEU B 233 -3.05 -5.49 -19.95
C LEU B 233 -2.79 -5.92 -21.39
N THR B 234 -3.21 -5.07 -22.33
CA THR B 234 -2.96 -5.28 -23.74
C THR B 234 -2.06 -4.16 -24.26
N ALA B 235 -1.00 -4.53 -24.99
CA ALA B 235 0.04 -3.59 -25.40
C ALA B 235 0.29 -3.72 -26.89
N PRO B 236 0.87 -2.69 -27.52
CA PRO B 236 1.27 -2.81 -28.92
C PRO B 236 2.50 -3.71 -29.03
N THR B 237 2.86 -4.00 -30.27
CA THR B 237 3.99 -4.85 -30.58
C THR B 237 5.33 -4.10 -30.45
N ARG B 238 5.63 -3.69 -29.22
CA ARG B 238 6.89 -3.05 -28.86
C ARG B 238 7.52 -3.82 -27.71
N TYR B 239 8.84 -3.73 -27.59
CA TYR B 239 9.52 -4.41 -26.48
C TYR B 239 9.39 -3.61 -25.19
N VAL B 240 8.82 -4.22 -24.14
CA VAL B 240 8.57 -3.51 -22.89
C VAL B 240 9.54 -3.99 -21.80
N VAL B 241 9.78 -3.11 -20.81
CA VAL B 241 10.61 -3.43 -19.65
C VAL B 241 9.96 -2.82 -18.41
N GLY B 242 10.43 -3.26 -17.23
CA GLY B 242 9.86 -2.88 -15.96
C GLY B 242 8.86 -3.90 -15.47
N TYR B 243 8.65 -3.90 -14.14
CA TYR B 243 7.66 -4.73 -13.47
C TYR B 243 7.68 -6.17 -14.01
N GLY B 244 8.83 -6.82 -13.83
CA GLY B 244 9.03 -8.19 -14.27
C GLY B 244 9.68 -8.32 -15.64
N PHE B 245 9.55 -7.30 -16.50
CA PHE B 245 10.14 -7.33 -17.84
C PHE B 245 11.53 -6.71 -17.81
N GLU B 246 12.45 -7.28 -18.59
CA GLU B 246 13.86 -6.92 -18.43
C GLU B 246 14.60 -6.94 -19.77
N VAL B 247 15.79 -6.35 -19.73
CA VAL B 247 16.84 -6.50 -20.74
C VAL B 247 18.03 -7.08 -20.01
N ASN B 248 18.42 -8.31 -20.35
CA ASN B 248 19.47 -9.03 -19.61
C ASN B 248 19.35 -8.77 -18.11
N ASP B 249 18.14 -8.99 -17.58
CA ASP B 249 17.81 -8.92 -16.16
C ASP B 249 17.73 -7.51 -15.62
N ARG B 250 18.18 -6.49 -16.35
CA ARG B 250 18.03 -5.10 -15.88
C ARG B 250 16.58 -4.62 -15.98
N TYR B 251 16.22 -3.66 -15.12
CA TYR B 251 14.91 -3.00 -15.07
C TYR B 251 13.79 -3.91 -14.55
N ARG B 252 14.09 -5.16 -14.17
CA ARG B 252 13.02 -6.07 -13.76
C ARG B 252 12.27 -5.59 -12.51
N ASN B 253 12.95 -4.89 -11.58
CA ASN B 253 12.39 -4.48 -10.30
C ASN B 253 11.73 -3.11 -10.35
N TYR B 254 11.60 -2.50 -11.53
CA TYR B 254 10.90 -1.21 -11.57
C TYR B 254 9.39 -1.43 -11.44
N ARG B 255 8.67 -0.39 -10.99
CA ARG B 255 7.27 -0.56 -10.61
C ARG B 255 6.30 -0.27 -11.74
N HIS B 256 6.80 0.22 -12.87
CA HIS B 256 6.01 0.62 -14.02
C HIS B 256 6.54 -0.14 -15.24
N VAL B 257 5.69 -0.25 -16.27
CA VAL B 257 6.05 -0.91 -17.52
C VAL B 257 6.25 0.15 -18.58
N PHE B 258 7.36 0.05 -19.32
CA PHE B 258 7.77 1.07 -20.27
C PHE B 258 8.04 0.43 -21.62
N VAL B 259 7.85 1.19 -22.70
CA VAL B 259 8.49 0.83 -23.96
C VAL B 259 9.97 1.15 -23.88
N LEU B 260 10.82 0.17 -24.18
CA LEU B 260 12.25 0.39 -24.16
C LEU B 260 12.68 1.19 -25.38
N LYS B 261 13.57 2.16 -25.19
CA LYS B 261 14.24 2.77 -26.33
C LYS B 261 14.99 1.68 -27.10
N PRO B 262 14.82 1.60 -28.41
CA PRO B 262 15.64 0.66 -29.19
C PRO B 262 17.14 0.82 -28.95
N GLU B 263 17.63 2.04 -28.74
CA GLU B 263 19.04 2.23 -28.44
C GLU B 263 19.52 1.45 -27.20
N TYR B 264 18.63 1.14 -26.25
CA TYR B 264 19.01 0.40 -25.05
C TYR B 264 18.90 -1.11 -25.21
N ALA B 265 18.46 -1.61 -26.38
CA ALA B 265 18.19 -3.04 -26.55
C ALA B 265 19.44 -3.89 -26.40
N LYS B 266 20.60 -3.34 -26.76
CA LYS B 266 21.84 -4.09 -26.73
C LYS B 266 22.82 -3.50 -25.72
N ARG B 267 22.29 -2.83 -24.70
CA ARG B 267 23.16 -2.12 -23.77
C ARG B 267 23.96 -3.07 -22.86
N TYR B 268 23.48 -4.27 -22.62
CA TYR B 268 24.08 -5.19 -21.65
C TYR B 268 24.35 -6.53 -22.30
N PRO B 269 25.36 -6.61 -23.15
CA PRO B 269 25.59 -7.84 -23.88
C PRO B 269 26.25 -8.93 -23.07
N SER B 270 26.84 -8.63 -21.90
CA SER B 270 27.74 -9.58 -21.24
C SER B 270 26.97 -10.57 -20.38
N LYS B 271 27.38 -11.84 -20.45
CA LYS B 271 26.68 -12.90 -19.75
C LYS B 271 26.68 -12.63 -18.24
N LEU B 272 25.53 -12.80 -17.60
CA LEU B 272 25.51 -12.79 -16.14
C LEU B 272 26.03 -14.15 -15.53
N LYS C 46 8.35 -27.23 30.07
CA LYS C 46 7.82 -27.63 31.37
C LYS C 46 6.40 -27.10 31.58
N PRO C 47 5.42 -27.73 30.94
CA PRO C 47 4.03 -27.34 31.16
C PRO C 47 3.59 -27.73 32.56
N ASN C 48 2.55 -27.06 33.03
CA ASN C 48 2.07 -27.23 34.40
C ASN C 48 0.96 -28.27 34.41
N PHE C 49 0.91 -29.08 35.47
CA PHE C 49 -0.06 -30.16 35.60
C PHE C 49 -1.26 -29.68 36.41
N VAL C 50 -2.43 -29.74 35.82
CA VAL C 50 -3.67 -29.35 36.49
C VAL C 50 -4.38 -30.61 36.97
N GLY C 51 -4.78 -30.62 38.24
CA GLY C 51 -5.57 -31.72 38.75
C GLY C 51 -6.58 -31.29 39.79
N ARG C 52 -7.00 -32.25 40.64
CA ARG C 52 -7.88 -32.03 41.78
C ARG C 52 -7.32 -32.78 42.98
N ASP C 53 -7.53 -32.20 44.17
CA ASP C 53 -6.99 -32.80 45.37
C ASP C 53 -8.09 -33.58 46.08
N ALA C 54 -7.83 -33.99 47.33
CA ALA C 54 -8.74 -34.90 48.02
C ALA C 54 -10.05 -34.22 48.40
N ASP C 55 -10.06 -32.88 48.45
CA ASP C 55 -11.28 -32.10 48.66
C ASP C 55 -12.01 -31.76 47.37
N GLY C 56 -11.53 -32.24 46.22
CA GLY C 56 -12.09 -31.83 44.96
C GLY C 56 -11.70 -30.42 44.53
N ASN C 57 -10.72 -29.81 45.18
CA ASN C 57 -10.25 -28.49 44.83
C ASN C 57 -9.18 -28.56 43.73
N VAL C 58 -9.08 -27.47 42.95
CA VAL C 58 -8.11 -27.38 41.86
C VAL C 58 -6.68 -27.45 42.40
N THR C 59 -5.83 -28.20 41.70
CA THR C 59 -4.41 -28.22 41.97
C THR C 59 -3.66 -27.84 40.71
N VAL C 60 -2.53 -27.14 40.88
CA VAL C 60 -1.58 -26.95 39.80
C VAL C 60 -0.20 -27.34 40.34
N ASP C 61 0.45 -28.26 39.64
CA ASP C 61 1.74 -28.80 40.08
C ASP C 61 1.66 -29.25 41.53
N GLY C 62 0.54 -29.85 41.90
CA GLY C 62 0.40 -30.45 43.21
C GLY C 62 0.02 -29.47 44.31
N ARG C 63 -0.03 -28.18 44.03
CA ARG C 63 -0.45 -27.23 45.04
C ARG C 63 -1.96 -27.00 44.91
N SER C 64 -2.66 -27.00 46.05
CA SER C 64 -4.11 -26.80 46.02
C SER C 64 -4.47 -25.32 45.99
N TYR C 65 -5.56 -25.00 45.30
CA TYR C 65 -6.09 -23.64 45.22
C TYR C 65 -7.59 -23.66 45.55
N PRO C 66 -7.94 -23.65 46.84
CA PRO C 66 -9.38 -23.78 47.19
C PRO C 66 -10.26 -22.72 46.55
N MET C 67 -9.73 -21.50 46.33
CA MET C 67 -10.57 -20.42 45.83
C MET C 67 -10.88 -20.56 44.34
N ALA C 68 -10.29 -21.51 43.63
CA ALA C 68 -10.34 -21.57 42.18
C ALA C 68 -11.46 -22.47 41.69
N GLU C 69 -12.33 -21.92 40.84
CA GLU C 69 -13.32 -22.77 40.18
C GLU C 69 -12.68 -23.56 39.05
N SER C 70 -11.78 -22.94 38.30
CA SER C 70 -11.11 -23.59 37.18
C SER C 70 -9.86 -22.79 36.86
N VAL C 71 -9.05 -23.35 35.97
CA VAL C 71 -7.79 -22.71 35.56
C VAL C 71 -8.04 -22.08 34.20
N VAL C 72 -7.82 -20.76 34.11
CA VAL C 72 -7.84 -20.05 32.84
C VAL C 72 -6.54 -20.27 32.08
N ALA C 73 -5.40 -20.00 32.74
CA ALA C 73 -4.09 -20.22 32.13
C ALA C 73 -3.04 -20.49 33.21
N THR C 74 -2.17 -21.47 32.95
CA THR C 74 -1.06 -21.72 33.84
C THR C 74 0.13 -20.83 33.52
N GLU C 75 1.09 -20.82 34.47
CA GLU C 75 2.28 -20.00 34.31
C GLU C 75 2.98 -20.24 32.96
N SER C 76 3.14 -21.50 32.54
CA SER C 76 3.90 -21.70 31.29
C SER C 76 3.14 -21.16 30.09
N THR C 77 1.81 -21.31 30.07
CA THR C 77 1.02 -20.71 29.00
C THR C 77 1.12 -19.19 29.04
N ILE C 78 0.99 -18.59 30.23
CA ILE C 78 1.04 -17.14 30.37
C ILE C 78 2.37 -16.61 29.84
N HIS C 79 3.48 -17.20 30.30
CA HIS C 79 4.78 -16.66 29.90
C HIS C 79 5.08 -16.89 28.43
N ARG C 80 4.61 -18.00 27.87
CA ARG C 80 4.76 -18.18 26.42
C ARG C 80 4.04 -17.07 25.66
N SER C 81 2.80 -16.76 26.08
CA SER C 81 2.06 -15.70 25.35
C SER C 81 2.73 -14.34 25.53
N MET C 82 3.35 -14.10 26.69
CA MET C 82 4.00 -12.81 26.95
C MET C 82 5.30 -12.65 26.19
N LYS C 83 6.11 -13.72 26.15
CA LYS C 83 7.32 -13.74 25.33
C LYS C 83 7.00 -13.53 23.85
N GLU C 84 5.97 -14.20 23.35
CA GLU C 84 5.56 -14.00 21.96
C GLU C 84 5.02 -12.59 21.73
N MET C 85 4.21 -12.09 22.67
CA MET C 85 3.72 -10.73 22.54
C MET C 85 4.86 -9.72 22.56
N ALA C 86 5.89 -9.96 23.40
CA ALA C 86 7.03 -9.05 23.43
C ALA C 86 7.69 -8.98 22.06
N GLN C 87 7.72 -10.11 21.34
CA GLN C 87 8.28 -10.09 20.00
C GLN C 87 7.36 -9.37 19.02
N THR C 88 6.05 -9.59 19.15
CA THR C 88 5.08 -8.87 18.32
C THR C 88 5.22 -7.36 18.48
N LEU C 89 5.34 -6.92 19.73
CA LEU C 89 5.53 -5.49 20.01
C LEU C 89 6.82 -4.98 19.40
N ALA C 90 7.93 -5.71 19.60
CA ALA C 90 9.22 -5.26 19.11
C ALA C 90 9.22 -5.16 17.60
N ASN C 91 8.64 -6.16 16.94
CA ASN C 91 8.48 -6.05 15.49
C ASN C 91 7.62 -4.84 15.11
N ALA C 92 6.51 -4.64 15.83
CA ALA C 92 5.60 -3.57 15.44
C ALA C 92 6.23 -2.20 15.61
N TYR C 93 6.98 -1.98 16.68
CA TYR C 93 7.53 -0.66 16.97
C TYR C 93 8.93 -0.42 16.35
N LYS C 94 9.52 -1.45 15.75
CA LYS C 94 10.91 -1.41 15.26
C LYS C 94 11.23 -0.13 14.51
N THR C 95 10.43 0.23 13.52
CA THR C 95 10.80 1.28 12.58
C THR C 95 10.10 2.60 12.89
N LEU C 96 9.26 2.66 13.93
CA LEU C 96 8.44 3.86 14.12
C LEU C 96 9.31 5.03 14.57
N LYS C 97 8.86 6.24 14.25
CA LYS C 97 9.58 7.46 14.57
C LYS C 97 8.68 8.37 15.38
N HIS C 98 9.30 9.15 16.29
CA HIS C 98 8.52 10.10 17.08
C HIS C 98 9.40 11.31 17.46
N ARG C 99 8.85 12.22 18.25
CA ARG C 99 9.51 13.50 18.54
C ARG C 99 10.81 13.29 19.31
N ASP C 100 11.86 13.96 18.84
CA ASP C 100 13.18 13.81 19.44
C ASP C 100 13.24 14.72 20.65
N THR C 101 13.29 14.15 21.86
CA THR C 101 13.56 14.97 23.04
C THR C 101 14.96 14.82 23.58
N HIS C 102 15.72 13.82 23.08
CA HIS C 102 17.13 13.72 23.40
C HIS C 102 17.88 14.91 22.79
N ASN C 103 17.66 15.17 21.52
CA ASN C 103 18.19 16.35 20.84
C ASN C 103 17.00 17.25 20.53
N LYS C 104 16.65 18.13 21.47
CA LYS C 104 15.45 18.97 21.30
C LYS C 104 15.55 19.86 20.08
N GLY C 105 16.76 20.26 19.71
CA GLY C 105 16.93 21.03 18.49
C GLY C 105 16.62 20.28 17.21
N ASN C 106 16.45 18.95 17.27
CA ASN C 106 16.23 18.16 16.06
C ASN C 106 14.85 18.44 15.49
N SER C 107 14.82 18.77 14.20
CA SER C 107 13.58 19.07 13.50
C SER C 107 12.88 17.81 13.01
N ALA C 108 13.67 16.79 12.67
CA ALA C 108 13.17 15.56 12.11
C ALA C 108 12.66 14.62 13.21
N LEU C 109 11.74 13.72 12.83
CA LEU C 109 11.38 12.64 13.75
C LEU C 109 12.60 11.76 13.99
N ALA C 110 12.59 11.08 15.15
CA ALA C 110 13.72 10.25 15.50
C ALA C 110 13.24 8.83 15.73
N PRO C 111 14.08 7.83 15.48
CA PRO C 111 13.66 6.44 15.72
C PRO C 111 13.50 6.16 17.21
N ILE C 112 12.90 5.02 17.50
CA ILE C 112 12.79 4.53 18.87
C ILE C 112 14.13 3.93 19.23
N THR C 113 14.82 4.53 20.21
CA THR C 113 16.15 4.15 20.64
C THR C 113 16.24 4.37 22.16
N ASP C 114 17.38 4.03 22.75
CA ASP C 114 17.64 4.45 24.13
C ASP C 114 17.61 5.97 24.26
N GLU C 115 17.91 6.71 23.20
N GLU C 115 17.96 6.71 23.20
CA GLU C 115 17.81 8.16 23.29
CA GLU C 115 17.81 8.17 23.22
C GLU C 115 16.34 8.61 23.35
C GLU C 115 16.34 8.57 23.37
N ASN C 116 15.46 7.92 22.61
CA ASN C 116 14.04 8.27 22.56
C ASN C 116 13.23 7.00 22.59
N PRO C 117 13.09 6.41 23.77
CA PRO C 117 12.48 5.08 23.89
C PRO C 117 10.98 5.13 23.77
N LEU C 118 10.39 3.95 23.54
CA LEU C 118 8.95 3.77 23.72
C LEU C 118 8.59 4.11 25.16
N ILE C 119 7.50 4.84 25.33
N ILE C 119 7.48 4.83 25.34
CA ILE C 119 7.00 5.23 26.64
CA ILE C 119 7.02 5.23 26.66
C ILE C 119 5.91 4.24 27.03
C ILE C 119 5.90 4.29 27.06
N ILE C 120 6.07 3.59 28.18
CA ILE C 120 5.11 2.62 28.66
C ILE C 120 4.45 3.17 29.93
N ILE C 121 3.13 3.25 29.93
CA ILE C 121 2.34 3.56 31.11
C ILE C 121 1.78 2.26 31.68
N SER C 122 2.19 1.91 32.87
CA SER C 122 1.72 0.69 33.53
C SER C 122 0.64 1.07 34.54
N VAL C 123 -0.49 0.38 34.49
CA VAL C 123 -1.66 0.74 35.29
C VAL C 123 -1.59 0.00 36.63
N LEU C 124 -1.38 0.76 37.71
CA LEU C 124 -1.34 0.19 39.06
C LEU C 124 -2.75 -0.09 39.58
N LYS C 125 -2.89 -1.05 40.50
CA LYS C 125 -1.85 -1.99 40.99
C LYS C 125 -1.74 -3.26 40.16
N GLY C 126 -2.82 -3.59 39.43
CA GLY C 126 -2.95 -4.93 38.90
C GLY C 126 -1.92 -5.32 37.84
N SER C 127 -1.37 -4.33 37.13
N SER C 127 -1.37 -4.34 37.13
CA SER C 127 -0.47 -4.58 36.02
CA SER C 127 -0.48 -4.60 36.01
C SER C 127 0.99 -4.75 36.41
C SER C 127 0.99 -4.73 36.41
N TYR C 128 1.35 -4.58 37.68
CA TYR C 128 2.78 -4.42 37.96
C TYR C 128 3.59 -5.70 37.71
N ILE C 129 3.01 -6.88 37.97
CA ILE C 129 3.77 -8.12 37.71
C ILE C 129 3.85 -8.38 36.20
N PHE C 130 2.72 -8.27 35.51
CA PHE C 130 2.66 -8.37 34.06
C PHE C 130 3.71 -7.44 33.41
N THR C 131 3.77 -6.20 33.87
CA THR C 131 4.73 -5.23 33.32
C THR C 131 6.16 -5.67 33.62
N ALA C 132 6.42 -6.08 34.87
CA ALA C 132 7.77 -6.49 35.23
C ALA C 132 8.28 -7.60 34.31
N ASP C 133 7.41 -8.56 33.99
CA ASP C 133 7.86 -9.64 33.12
C ASP C 133 7.95 -9.16 31.67
N MET C 134 6.93 -8.42 31.20
CA MET C 134 6.93 -7.93 29.80
C MET C 134 8.16 -7.08 29.50
N VAL C 135 8.53 -6.13 30.38
CA VAL C 135 9.65 -5.24 30.01
C VAL C 135 10.95 -6.02 29.91
N ARG C 136 11.12 -7.06 30.74
CA ARG C 136 12.31 -7.88 30.58
C ARG C 136 12.28 -8.65 29.28
N TYR C 137 11.12 -9.18 28.87
CA TYR C 137 11.04 -9.81 27.53
C TYR C 137 11.26 -8.78 26.41
N LEU C 138 10.78 -7.54 26.60
CA LEU C 138 11.05 -6.52 25.59
C LEU C 138 12.54 -6.23 25.48
N GLY C 139 13.25 -6.24 26.61
CA GLY C 139 14.69 -6.12 26.58
C GLY C 139 15.35 -7.27 25.85
N ASP C 140 14.87 -8.51 26.07
CA ASP C 140 15.41 -9.63 25.28
C ASP C 140 15.22 -9.35 23.80
N CYS C 141 14.10 -8.73 23.42
CA CYS C 141 13.78 -8.48 22.01
C CYS C 141 14.33 -7.14 21.51
N GLY C 142 15.09 -6.42 22.34
CA GLY C 142 15.76 -5.22 21.87
C GLY C 142 14.87 -4.01 21.69
N LEU C 143 13.71 -3.94 22.36
CA LEU C 143 12.83 -2.79 22.15
C LEU C 143 13.09 -1.79 23.28
N PRO C 144 13.72 -0.64 23.01
CA PRO C 144 14.05 0.27 24.12
C PRO C 144 12.77 0.86 24.69
N ASN C 145 12.69 0.88 26.02
CA ASN C 145 11.48 1.41 26.63
C ASN C 145 11.80 1.97 28.01
N VAL C 146 10.89 2.84 28.48
CA VAL C 146 10.90 3.33 29.84
C VAL C 146 9.47 3.26 30.38
N VAL C 147 9.34 3.00 31.68
CA VAL C 147 8.06 2.71 32.29
C VAL C 147 7.77 3.75 33.36
N ASP C 148 6.55 4.28 33.34
CA ASP C 148 6.02 5.03 34.49
C ASP C 148 4.66 4.44 34.87
N PHE C 149 4.19 4.80 36.06
CA PHE C 149 2.99 4.20 36.62
C PHE C 149 1.89 5.24 36.76
N ILE C 150 0.66 4.79 36.63
CA ILE C 150 -0.51 5.62 36.93
C ILE C 150 -1.46 4.76 37.73
N ARG C 151 -2.13 5.37 38.72
CA ARG C 151 -3.18 4.70 39.47
C ARG C 151 -4.46 5.51 39.32
N ILE C 152 -5.56 4.86 38.95
CA ILE C 152 -6.80 5.59 38.69
C ILE C 152 -7.91 5.06 39.59
N THR C 153 -8.96 5.86 39.74
CA THR C 153 -10.15 5.41 40.47
C THR C 153 -10.93 4.41 39.62
N SER C 154 -11.88 3.73 40.26
CA SER C 154 -12.76 2.82 39.54
C SER C 154 -13.91 3.59 38.91
N TYR C 155 -14.16 3.33 37.62
CA TYR C 155 -15.48 3.45 36.94
C TYR C 155 -15.36 3.38 35.43
N GLY C 163 -19.74 9.35 32.79
CA GLY C 163 -18.73 8.43 33.30
C GLY C 163 -17.36 9.06 33.33
N THR C 164 -16.65 8.93 34.46
CA THR C 164 -15.42 9.67 34.68
C THR C 164 -14.41 8.79 35.41
N VAL C 165 -13.14 9.16 35.21
CA VAL C 165 -12.00 8.57 35.88
C VAL C 165 -11.20 9.70 36.52
N GLN C 166 -10.63 9.44 37.69
CA GLN C 166 -9.73 10.37 38.35
C GLN C 166 -8.37 9.69 38.56
N VAL C 167 -7.30 10.36 38.14
CA VAL C 167 -5.98 9.86 38.49
C VAL C 167 -5.79 10.01 39.99
N LEU C 168 -5.54 8.88 40.66
CA LEU C 168 -5.16 8.95 42.07
C LEU C 168 -3.69 9.32 42.21
N ASP C 169 -2.84 8.73 41.37
CA ASP C 169 -1.40 8.94 41.38
C ASP C 169 -1.00 9.15 39.93
N ASN C 170 -0.53 10.35 39.59
CA ASN C 170 -0.31 10.64 38.17
C ASN C 170 1.08 10.22 37.75
N LEU C 171 1.24 10.04 36.44
CA LEU C 171 2.54 10.00 35.80
C LEU C 171 3.47 11.09 36.31
N ARG C 172 4.74 10.76 36.42
CA ARG C 172 5.72 11.82 36.62
C ARG C 172 6.53 12.11 35.35
N PHE C 173 6.53 11.23 34.36
CA PHE C 173 6.99 11.62 33.03
C PHE C 173 6.20 12.82 32.54
N THR C 174 6.88 13.78 31.92
CA THR C 174 6.20 14.97 31.44
C THR C 174 6.24 15.16 29.93
N GLU C 175 6.99 14.35 29.19
CA GLU C 175 7.21 14.64 27.78
C GLU C 175 6.64 13.50 26.96
N LEU C 176 5.32 13.45 26.81
CA LEU C 176 4.65 12.44 26.02
C LEU C 176 4.12 13.00 24.71
N THR C 177 4.05 14.31 24.56
CA THR C 177 3.45 14.85 23.35
C THR C 177 4.29 14.42 22.15
N GLY C 178 3.63 13.87 21.13
CA GLY C 178 4.36 13.45 19.93
C GLY C 178 5.22 12.21 20.13
N LYS C 179 5.02 11.47 21.23
CA LYS C 179 5.73 10.21 21.48
C LYS C 179 4.82 9.01 21.20
N HIS C 180 5.46 7.85 20.92
CA HIS C 180 4.75 6.60 20.92
C HIS C 180 4.61 6.14 22.36
N VAL C 181 3.37 5.91 22.76
CA VAL C 181 3.02 5.54 24.12
C VAL C 181 2.21 4.26 24.12
N LEU C 182 2.58 3.33 25.00
CA LEU C 182 1.92 2.04 25.13
C LEU C 182 1.44 1.89 26.58
N ILE C 183 0.15 1.65 26.76
CA ILE C 183 -0.42 1.37 28.07
C ILE C 183 -0.34 -0.14 28.29
N MET C 184 0.19 -0.54 29.42
CA MET C 184 0.22 -1.94 29.81
C MET C 184 -0.81 -2.15 30.92
N GLU C 185 -1.85 -2.93 30.63
CA GLU C 185 -2.96 -3.08 31.55
C GLU C 185 -3.24 -4.56 31.76
N ASP C 186 -3.79 -4.90 32.95
CA ASP C 186 -3.95 -6.30 33.31
C ASP C 186 -5.10 -6.96 32.56
N ILE C 187 -6.28 -6.36 32.54
CA ILE C 187 -7.43 -7.01 31.94
C ILE C 187 -8.44 -5.95 31.54
N ALA C 188 -9.14 -6.19 30.42
CA ALA C 188 -10.26 -5.34 30.01
C ALA C 188 -11.52 -6.19 30.01
N ASP C 189 -12.57 -5.69 30.68
CA ASP C 189 -13.82 -6.39 30.80
C ASP C 189 -14.90 -5.62 30.07
N THR C 190 -15.63 -4.71 30.71
CA THR C 190 -16.58 -3.87 30.01
C THR C 190 -15.88 -2.92 29.07
N GLY C 191 -14.59 -2.65 29.29
CA GLY C 191 -13.85 -1.69 28.47
C GLY C 191 -13.94 -0.23 28.95
N ARG C 192 -14.82 0.07 29.90
CA ARG C 192 -15.04 1.45 30.31
C ARG C 192 -13.78 2.06 30.89
N THR C 193 -13.04 1.30 31.71
CA THR C 193 -11.87 1.86 32.35
C THR C 193 -10.84 2.30 31.33
N MET C 194 -10.48 1.39 30.40
CA MET C 194 -9.44 1.78 29.46
C MET C 194 -9.93 2.82 28.49
N LYS C 195 -11.17 2.72 28.06
CA LYS C 195 -11.69 3.78 27.19
C LYS C 195 -11.47 5.15 27.85
N LEU C 196 -11.77 5.25 29.14
CA LEU C 196 -11.62 6.54 29.80
C LEU C 196 -10.15 6.90 30.02
N LEU C 197 -9.31 5.91 30.34
CA LEU C 197 -7.89 6.22 30.49
C LEU C 197 -7.28 6.68 29.17
N VAL C 198 -7.58 5.95 28.10
CA VAL C 198 -7.07 6.31 26.78
C VAL C 198 -7.48 7.75 26.42
N GLU C 199 -8.75 8.07 26.65
CA GLU C 199 -9.23 9.42 26.39
C GLU C 199 -8.43 10.44 27.20
N LYS C 200 -8.16 10.12 28.47
CA LYS C 200 -7.48 11.07 29.34
C LYS C 200 -6.04 11.30 28.88
N ILE C 201 -5.31 10.22 28.58
CA ILE C 201 -3.93 10.36 28.13
C ILE C 201 -3.89 11.10 26.81
N ARG C 202 -4.83 10.78 25.91
CA ARG C 202 -4.89 11.48 24.63
C ARG C 202 -5.03 12.99 24.84
N ARG C 203 -6.03 13.38 25.64
CA ARG C 203 -6.31 14.82 25.82
C ARG C 203 -5.19 15.51 26.58
N GLU C 204 -4.61 14.82 27.55
CA GLU C 204 -3.60 15.46 28.40
C GLU C 204 -2.26 15.60 27.69
N TYR C 205 -1.92 14.66 26.82
CA TYR C 205 -0.57 14.61 26.26
C TYR C 205 -0.49 14.67 24.75
N ARG C 206 -1.53 14.23 24.05
N ARG C 206 -1.55 14.25 24.04
CA ARG C 206 -1.53 14.15 22.59
CA ARG C 206 -1.55 14.15 22.58
C ARG C 206 -0.31 13.38 22.08
C ARG C 206 -0.32 13.38 22.09
N PRO C 207 -0.20 12.09 22.41
CA PRO C 207 0.95 11.31 21.91
C PRO C 207 0.87 11.15 20.41
N ALA C 208 2.02 10.80 19.81
CA ALA C 208 2.01 10.45 18.39
C ALA C 208 1.16 9.20 18.16
N SER C 209 1.26 8.21 19.03
CA SER C 209 0.30 7.11 19.01
C SER C 209 0.09 6.59 20.43
N LEU C 210 -1.05 5.93 20.65
CA LEU C 210 -1.43 5.49 21.99
C LEU C 210 -2.14 4.17 21.75
N LYS C 211 -1.51 3.09 22.18
CA LYS C 211 -2.05 1.75 22.03
C LYS C 211 -2.10 1.10 23.40
N VAL C 212 -2.87 0.01 23.50
CA VAL C 212 -3.01 -0.72 24.75
C VAL C 212 -2.65 -2.17 24.53
N CYS C 213 -1.81 -2.70 25.41
CA CYS C 213 -1.51 -4.13 25.47
C CYS C 213 -2.10 -4.64 26.78
N VAL C 214 -2.96 -5.65 26.70
CA VAL C 214 -3.50 -6.27 27.90
C VAL C 214 -3.02 -7.71 28.00
N LEU C 215 -2.90 -8.17 29.26
CA LEU C 215 -2.63 -9.58 29.48
C LEU C 215 -3.85 -10.41 29.07
N VAL C 216 -5.01 -10.03 29.59
CA VAL C 216 -6.26 -10.75 29.38
C VAL C 216 -7.28 -9.80 28.78
N ASP C 217 -7.93 -10.23 27.71
CA ASP C 217 -9.13 -9.58 27.20
C ASP C 217 -10.33 -10.48 27.48
N LYS C 218 -11.41 -9.89 27.99
CA LYS C 218 -12.68 -10.57 28.12
C LYS C 218 -13.67 -9.90 27.18
N PRO C 219 -13.58 -10.14 25.86
CA PRO C 219 -14.40 -9.36 24.93
C PRO C 219 -15.89 -9.62 25.10
N GLY C 220 -16.28 -10.79 25.59
CA GLY C 220 -17.70 -10.99 25.86
C GLY C 220 -18.26 -10.02 26.89
N GLY C 221 -17.39 -9.27 27.59
CA GLY C 221 -17.89 -8.35 28.60
C GLY C 221 -18.09 -6.92 28.15
N ARG C 222 -17.81 -6.61 26.89
CA ARG C 222 -17.79 -5.20 26.45
C ARG C 222 -19.13 -4.51 26.67
N VAL C 223 -19.04 -3.27 27.12
CA VAL C 223 -20.18 -2.35 27.15
C VAL C 223 -19.94 -1.13 26.28
N VAL C 224 -18.69 -0.82 25.95
CA VAL C 224 -18.32 0.34 25.16
C VAL C 224 -17.36 -0.12 24.08
N ASP C 225 -17.12 0.76 23.11
CA ASP C 225 -16.22 0.44 22.01
C ASP C 225 -14.79 0.60 22.51
N PHE C 226 -14.16 -0.49 22.90
CA PHE C 226 -12.76 -0.44 23.28
C PHE C 226 -12.10 -1.73 22.83
N LYS C 227 -11.03 -1.62 22.05
CA LYS C 227 -10.46 -2.77 21.35
C LYS C 227 -8.97 -2.71 21.55
N PRO C 228 -8.42 -3.36 22.58
CA PRO C 228 -6.97 -3.29 22.79
C PRO C 228 -6.23 -3.85 21.59
N GLU C 229 -5.16 -3.15 21.19
CA GLU C 229 -4.45 -3.52 19.96
C GLU C 229 -3.57 -4.75 20.16
N PHE C 230 -3.17 -5.06 21.41
CA PHE C 230 -2.29 -6.19 21.69
C PHE C 230 -2.89 -6.94 22.87
N VAL C 231 -3.26 -8.20 22.64
CA VAL C 231 -3.95 -9.03 23.64
C VAL C 231 -3.14 -10.31 23.80
N CYS C 232 -2.63 -10.59 25.00
CA CYS C 232 -1.92 -11.85 25.19
C CYS C 232 -2.88 -13.03 25.21
N LEU C 233 -3.90 -12.96 26.04
CA LEU C 233 -4.83 -14.06 26.28
C LEU C 233 -6.25 -13.54 26.18
N THR C 234 -7.14 -14.34 25.64
CA THR C 234 -8.56 -14.02 25.57
C THR C 234 -9.28 -15.05 26.40
N ALA C 235 -10.15 -14.60 27.33
CA ALA C 235 -10.79 -15.42 28.34
C ALA C 235 -12.31 -15.25 28.32
N PRO C 236 -13.05 -16.20 28.88
CA PRO C 236 -14.50 -15.99 29.01
C PRO C 236 -14.84 -14.87 29.99
N THR C 237 -16.14 -14.57 30.06
CA THR C 237 -16.65 -13.48 30.89
C THR C 237 -16.91 -13.95 32.32
N ARG C 238 -15.81 -14.22 33.02
CA ARG C 238 -15.83 -14.64 34.43
C ARG C 238 -14.77 -13.85 35.16
N TYR C 239 -14.93 -13.74 36.49
CA TYR C 239 -13.97 -12.99 37.30
C TYR C 239 -12.77 -13.86 37.63
N VAL C 240 -11.56 -13.36 37.35
CA VAL C 240 -10.33 -14.14 37.51
C VAL C 240 -9.44 -13.56 38.61
N VAL C 241 -8.59 -14.43 39.17
CA VAL C 241 -7.59 -14.07 40.16
C VAL C 241 -6.30 -14.83 39.84
N GLY C 242 -5.21 -14.39 40.45
CA GLY C 242 -3.89 -14.92 40.22
C GLY C 242 -3.08 -14.02 39.31
N TYR C 243 -1.76 -14.13 39.40
CA TYR C 243 -0.83 -13.40 38.52
C TYR C 243 -1.23 -11.94 38.32
N GLY C 244 -1.26 -11.20 39.44
CA GLY C 244 -1.64 -9.82 39.40
C GLY C 244 -3.12 -9.55 39.62
N PHE C 245 -4.00 -10.50 39.29
CA PHE C 245 -5.43 -10.36 39.57
C PHE C 245 -5.77 -10.79 41.00
N GLU C 246 -6.64 -10.03 41.65
CA GLU C 246 -6.92 -10.31 43.05
C GLU C 246 -8.40 -10.17 43.37
N VAL C 247 -8.73 -10.57 44.58
CA VAL C 247 -9.97 -10.18 45.23
C VAL C 247 -9.59 -9.72 46.64
N ASN C 248 -9.95 -8.48 46.98
CA ASN C 248 -9.55 -7.84 48.23
C ASN C 248 -8.05 -8.03 48.48
N ASP C 249 -7.26 -7.94 47.42
CA ASP C 249 -5.81 -7.96 47.38
C ASP C 249 -5.23 -9.36 47.53
N ARG C 250 -6.06 -10.38 47.81
CA ARG C 250 -5.62 -11.76 47.93
C ARG C 250 -5.33 -12.37 46.56
N TYR C 251 -4.46 -13.38 46.54
CA TYR C 251 -4.13 -14.20 45.38
C TYR C 251 -3.34 -13.47 44.32
N ARG C 252 -2.90 -12.23 44.60
CA ARG C 252 -2.21 -11.46 43.56
C ARG C 252 -0.88 -12.08 43.15
N ASN C 253 -0.20 -12.77 44.06
CA ASN C 253 1.15 -13.27 43.82
C ASN C 253 1.17 -14.69 43.26
N TYR C 254 0.02 -15.28 42.97
CA TYR C 254 0.01 -16.63 42.45
C TYR C 254 0.48 -16.62 41.00
N ARG C 255 0.99 -17.76 40.55
CA ARG C 255 1.65 -17.86 39.25
C ARG C 255 0.70 -18.27 38.14
N HIS C 256 -0.55 -18.58 38.45
CA HIS C 256 -1.52 -19.00 37.45
C HIS C 256 -2.76 -18.11 37.55
N VAL C 257 -3.57 -18.13 36.50
CA VAL C 257 -4.79 -17.33 36.44
C VAL C 257 -5.99 -18.27 36.55
N PHE C 258 -6.87 -18.00 37.52
CA PHE C 258 -7.98 -18.88 37.81
C PHE C 258 -9.29 -18.13 37.72
N VAL C 259 -10.35 -18.84 37.35
CA VAL C 259 -11.70 -18.35 37.62
C VAL C 259 -11.95 -18.44 39.11
N LEU C 260 -12.46 -17.35 39.70
CA LEU C 260 -12.74 -17.32 41.13
C LEU C 260 -14.04 -18.06 41.43
N LYS C 261 -14.02 -18.92 42.45
CA LYS C 261 -15.30 -19.46 42.92
C LYS C 261 -16.15 -18.31 43.44
N PRO C 262 -17.44 -18.25 43.06
CA PRO C 262 -18.26 -17.11 43.52
C PRO C 262 -18.41 -17.00 45.02
N GLU C 263 -18.52 -18.12 45.74
CA GLU C 263 -18.51 -18.08 47.21
C GLU C 263 -17.25 -17.42 47.78
N TYR C 264 -16.18 -17.29 47.01
CA TYR C 264 -14.99 -16.64 47.54
C TYR C 264 -14.97 -15.13 47.32
N ALA C 265 -15.97 -14.56 46.63
CA ALA C 265 -15.85 -13.16 46.22
C ALA C 265 -15.87 -12.22 47.41
N LYS C 266 -16.58 -12.57 48.48
CA LYS C 266 -16.74 -11.71 49.64
C LYS C 266 -16.13 -12.33 50.89
N ARG C 267 -15.07 -13.13 50.70
CA ARG C 267 -14.53 -13.91 51.81
C ARG C 267 -13.73 -13.06 52.80
N TYR C 268 -13.04 -12.03 52.35
CA TYR C 268 -12.14 -11.24 53.19
C TYR C 268 -12.59 -9.80 53.04
N PRO C 269 -13.70 -9.42 53.67
CA PRO C 269 -14.24 -8.08 53.45
C PRO C 269 -13.64 -6.97 54.29
N SER C 270 -12.87 -7.27 55.34
CA SER C 270 -12.43 -6.22 56.26
C SER C 270 -11.41 -5.31 55.58
N LYS C 271 -11.50 -4.02 55.86
CA LYS C 271 -10.62 -3.06 55.21
C LYS C 271 -9.16 -3.34 55.54
N LEU C 272 -8.30 -3.22 54.54
CA LEU C 272 -6.86 -3.33 54.76
C LEU C 272 -6.22 -1.97 55.09
N LYS D 46 20.88 -23.11 35.22
CA LYS D 46 21.92 -22.82 34.21
C LYS D 46 22.51 -21.43 34.42
N PRO D 47 23.78 -21.35 34.77
CA PRO D 47 24.38 -20.04 35.05
C PRO D 47 24.63 -19.25 33.77
N ASN D 48 24.50 -17.94 33.90
CA ASN D 48 24.82 -17.03 32.82
C ASN D 48 26.33 -16.92 32.69
N PHE D 49 26.79 -16.78 31.46
N PHE D 49 26.79 -16.78 31.46
CA PHE D 49 28.21 -16.77 31.15
CA PHE D 49 28.21 -16.77 31.15
C PHE D 49 28.68 -15.32 30.99
C PHE D 49 28.68 -15.32 30.99
N VAL D 50 29.58 -14.90 31.86
CA VAL D 50 30.09 -13.53 31.86
C VAL D 50 31.40 -13.52 31.10
N GLY D 51 31.59 -12.55 30.21
CA GLY D 51 32.89 -12.46 29.58
C GLY D 51 33.24 -11.04 29.21
N ARG D 52 34.20 -10.90 28.29
CA ARG D 52 34.56 -9.67 27.61
C ARG D 52 34.69 -9.96 26.11
N ASP D 53 34.21 -9.05 25.26
CA ASP D 53 34.23 -9.29 23.82
C ASP D 53 35.53 -8.69 23.27
N ALA D 54 35.66 -8.66 21.93
CA ALA D 54 36.90 -8.23 21.29
C ALA D 54 37.21 -6.77 21.60
N ASP D 55 36.20 -5.95 21.84
CA ASP D 55 36.43 -4.57 22.18
C ASP D 55 36.71 -4.37 23.66
N GLY D 56 36.64 -5.45 24.46
CA GLY D 56 36.77 -5.31 25.89
C GLY D 56 35.49 -4.96 26.62
N ASN D 57 34.33 -5.03 25.97
CA ASN D 57 33.08 -4.73 26.65
C ASN D 57 32.62 -5.94 27.44
N VAL D 58 31.90 -5.68 28.55
CA VAL D 58 31.26 -6.75 29.28
C VAL D 58 30.26 -7.46 28.40
N THR D 59 30.29 -8.78 28.45
CA THR D 59 29.22 -9.56 27.84
C THR D 59 28.59 -10.46 28.89
N VAL D 60 27.28 -10.69 28.79
CA VAL D 60 26.58 -11.74 29.52
C VAL D 60 25.82 -12.57 28.49
N ASP D 61 26.08 -13.89 28.49
CA ASP D 61 25.58 -14.80 27.44
C ASP D 61 25.76 -14.19 26.06
N GLY D 62 26.93 -13.61 25.84
CA GLY D 62 27.28 -13.13 24.51
C GLY D 62 26.68 -11.79 24.12
N ARG D 63 25.76 -11.24 24.91
CA ARG D 63 25.27 -9.89 24.64
C ARG D 63 26.19 -8.85 25.26
N SER D 64 26.48 -7.79 24.50
N SER D 64 26.46 -7.79 24.50
CA SER D 64 27.42 -6.75 24.92
CA SER D 64 27.38 -6.74 24.91
C SER D 64 26.71 -5.65 25.71
C SER D 64 26.67 -5.68 25.76
N TYR D 65 27.36 -5.16 26.77
CA TYR D 65 26.82 -4.09 27.63
C TYR D 65 27.86 -2.98 27.72
N PRO D 66 27.93 -2.09 26.72
CA PRO D 66 29.01 -1.09 26.72
C PRO D 66 28.99 -0.13 27.91
N MET D 67 27.82 0.13 28.51
CA MET D 67 27.77 1.04 29.66
C MET D 67 28.33 0.41 30.94
N ALA D 68 28.62 -0.88 30.95
CA ALA D 68 28.98 -1.58 32.17
C ALA D 68 30.49 -1.58 32.42
N GLU D 69 30.89 -1.15 33.60
CA GLU D 69 32.27 -1.36 34.03
C GLU D 69 32.52 -2.83 34.35
N SER D 70 31.55 -3.47 35.00
CA SER D 70 31.73 -4.85 35.44
C SER D 70 30.36 -5.41 35.77
N VAL D 71 30.31 -6.73 35.91
CA VAL D 71 29.12 -7.42 36.40
C VAL D 71 29.17 -7.49 37.92
N VAL D 72 28.08 -7.06 38.57
CA VAL D 72 27.89 -7.33 39.99
C VAL D 72 27.32 -8.72 40.21
N ALA D 73 26.21 -9.03 39.53
CA ALA D 73 25.61 -10.36 39.64
C ALA D 73 24.72 -10.60 38.43
N THR D 74 24.76 -11.83 37.90
CA THR D 74 23.90 -12.17 36.77
C THR D 74 22.53 -12.61 37.26
N GLU D 75 21.60 -12.69 36.31
CA GLU D 75 20.24 -13.14 36.64
C GLU D 75 20.24 -14.43 37.46
N SER D 76 21.04 -15.45 37.05
CA SER D 76 20.99 -16.74 37.75
C SER D 76 21.44 -16.59 39.20
N THR D 77 22.48 -15.78 39.44
CA THR D 77 22.92 -15.55 40.81
C THR D 77 21.86 -14.80 41.60
N ILE D 78 21.26 -13.77 40.97
CA ILE D 78 20.25 -12.94 41.64
C ILE D 78 19.06 -13.80 42.04
N HIS D 79 18.59 -14.65 41.13
CA HIS D 79 17.43 -15.43 41.47
C HIS D 79 17.74 -16.53 42.47
N ARG D 80 18.94 -17.09 42.46
CA ARG D 80 19.29 -18.03 43.53
C ARG D 80 19.24 -17.31 44.88
N SER D 81 19.75 -16.08 44.93
N SER D 81 19.76 -16.09 44.93
CA SER D 81 19.72 -15.34 46.20
CA SER D 81 19.73 -15.30 46.16
C SER D 81 18.29 -14.97 46.58
C SER D 81 18.29 -14.99 46.57
N MET D 82 17.44 -14.66 45.60
CA MET D 82 16.05 -14.34 45.93
C MET D 82 15.27 -15.56 46.41
N LYS D 83 15.50 -16.73 45.81
CA LYS D 83 14.84 -17.95 46.26
C LYS D 83 15.26 -18.31 47.68
N GLU D 84 16.56 -18.22 47.96
CA GLU D 84 17.05 -18.38 49.33
C GLU D 84 16.40 -17.37 50.28
N MET D 85 16.26 -16.12 49.83
CA MET D 85 15.65 -15.08 50.67
C MET D 85 14.18 -15.38 50.94
N ALA D 86 13.43 -15.80 49.93
CA ALA D 86 12.03 -16.17 50.18
C ALA D 86 11.91 -17.24 51.25
N GLN D 87 12.77 -18.26 51.19
CA GLN D 87 12.75 -19.28 52.23
C GLN D 87 13.07 -18.68 53.59
N THR D 88 14.08 -17.81 53.66
CA THR D 88 14.44 -17.12 54.90
C THR D 88 13.24 -16.35 55.45
N LEU D 89 12.58 -15.57 54.58
CA LEU D 89 11.39 -14.82 54.98
C LEU D 89 10.26 -15.74 55.44
N ALA D 90 9.97 -16.78 54.65
CA ALA D 90 8.96 -17.75 55.08
C ALA D 90 9.31 -18.31 56.47
N ASN D 91 10.56 -18.70 56.66
CA ASN D 91 10.93 -19.26 57.97
C ASN D 91 10.72 -18.22 59.06
N ALA D 92 10.99 -16.95 58.76
CA ALA D 92 10.92 -15.94 59.80
C ALA D 92 9.48 -15.55 60.15
N TYR D 93 8.55 -15.65 59.20
CA TYR D 93 7.21 -15.13 59.40
C TYR D 93 6.11 -16.21 59.53
N LYS D 94 6.29 -17.40 58.94
CA LYS D 94 5.14 -18.29 58.70
C LYS D 94 4.39 -18.64 60.00
N THR D 95 5.12 -18.82 61.11
CA THR D 95 4.55 -19.22 62.39
C THR D 95 4.21 -18.06 63.31
N LEU D 96 4.37 -16.81 62.88
CA LEU D 96 4.09 -15.67 63.73
C LEU D 96 2.60 -15.35 63.74
N LYS D 97 2.17 -14.65 64.79
CA LYS D 97 0.78 -14.23 64.93
C LYS D 97 0.72 -12.71 65.10
N HIS D 98 -0.39 -12.12 64.66
CA HIS D 98 -0.56 -10.69 64.76
C HIS D 98 -2.05 -10.36 64.88
N ARG D 99 -2.35 -9.06 64.87
CA ARG D 99 -3.71 -8.61 65.17
C ARG D 99 -4.68 -9.17 64.15
N ASP D 100 -5.77 -9.75 64.64
CA ASP D 100 -6.80 -10.31 63.77
C ASP D 100 -7.74 -9.17 63.37
N THR D 101 -7.67 -8.75 62.10
CA THR D 101 -8.63 -7.77 61.58
C THR D 101 -9.70 -8.42 60.70
N HIS D 102 -9.56 -9.69 60.36
CA HIS D 102 -10.64 -10.40 59.67
C HIS D 102 -11.85 -10.57 60.61
N ASN D 103 -11.64 -11.14 61.79
CA ASN D 103 -12.65 -11.25 62.84
C ASN D 103 -12.24 -10.26 63.93
N LYS D 104 -12.78 -9.04 63.88
CA LYS D 104 -12.33 -8.00 64.78
C LYS D 104 -12.76 -8.24 66.22
N GLY D 105 -13.80 -9.04 66.45
CA GLY D 105 -14.15 -9.40 67.80
C GLY D 105 -13.21 -10.39 68.46
N ASN D 106 -12.26 -10.93 67.70
CA ASN D 106 -11.33 -11.92 68.25
C ASN D 106 -10.31 -11.22 69.14
N SER D 107 -10.17 -11.70 70.38
CA SER D 107 -9.24 -11.09 71.32
C SER D 107 -7.82 -11.63 71.15
N ALA D 108 -7.68 -12.87 70.71
CA ALA D 108 -6.38 -13.50 70.56
C ALA D 108 -5.69 -13.03 69.29
N LEU D 109 -4.37 -13.20 69.24
CA LEU D 109 -3.67 -12.98 67.97
C LEU D 109 -4.03 -14.09 66.99
N ALA D 110 -3.88 -13.79 65.70
CA ALA D 110 -4.18 -14.75 64.66
C ALA D 110 -2.93 -15.06 63.85
N PRO D 111 -2.83 -16.28 63.34
CA PRO D 111 -1.68 -16.64 62.50
C PRO D 111 -1.71 -15.88 61.17
N ILE D 112 -0.60 -15.92 60.46
CA ILE D 112 -0.52 -15.27 59.14
C ILE D 112 -1.18 -16.19 58.13
N THR D 113 -2.29 -15.74 57.57
CA THR D 113 -3.14 -16.54 56.67
C THR D 113 -3.68 -15.61 55.59
N ASP D 114 -4.51 -16.14 54.68
CA ASP D 114 -5.23 -15.24 53.78
C ASP D 114 -6.17 -14.31 54.53
N GLU D 115 -6.63 -14.73 55.71
CA GLU D 115 -7.48 -13.85 56.51
C GLU D 115 -6.69 -12.66 57.06
N ASN D 116 -5.46 -12.89 57.52
CA ASN D 116 -4.60 -11.82 58.04
C ASN D 116 -3.20 -12.03 57.48
N PRO D 117 -2.96 -11.64 56.21
CA PRO D 117 -1.69 -11.99 55.56
C PRO D 117 -0.55 -11.07 56.01
N LEU D 118 0.66 -11.45 55.61
CA LEU D 118 1.77 -10.52 55.76
C LEU D 118 1.52 -9.28 54.92
N ILE D 119 1.72 -8.10 55.48
CA ILE D 119 1.57 -6.85 54.75
C ILE D 119 2.91 -6.46 54.14
N ILE D 120 2.96 -6.28 52.82
CA ILE D 120 4.18 -5.91 52.13
C ILE D 120 4.01 -4.50 51.57
N ILE D 121 4.96 -3.63 51.89
CA ILE D 121 4.99 -2.27 51.35
C ILE D 121 6.13 -2.21 50.35
N SER D 122 5.82 -1.98 49.07
CA SER D 122 6.81 -1.97 48.02
C SER D 122 7.05 -0.53 47.56
N VAL D 123 8.32 -0.14 47.47
CA VAL D 123 8.70 1.26 47.22
C VAL D 123 8.82 1.47 45.71
N LEU D 124 7.94 2.27 45.13
CA LEU D 124 8.03 2.56 43.71
C LEU D 124 9.00 3.73 43.46
N LYS D 125 9.54 3.80 42.23
CA LYS D 125 9.42 2.81 41.16
C LYS D 125 10.44 1.67 41.31
N GLY D 126 11.52 1.93 42.04
CA GLY D 126 12.69 1.06 41.99
C GLY D 126 12.46 -0.40 42.38
N SER D 127 11.44 -0.68 43.20
CA SER D 127 11.24 -2.01 43.74
C SER D 127 10.26 -2.87 42.95
N TYR D 128 9.66 -2.37 41.86
CA TYR D 128 8.50 -3.08 41.38
C TYR D 128 8.85 -4.43 40.75
N ILE D 129 10.01 -4.56 40.10
CA ILE D 129 10.37 -5.83 39.49
C ILE D 129 10.80 -6.83 40.58
N PHE D 130 11.64 -6.36 41.49
CA PHE D 130 12.08 -7.17 42.62
C PHE D 130 10.88 -7.68 43.40
N THR D 131 9.89 -6.81 43.64
CA THR D 131 8.72 -7.19 44.42
C THR D 131 7.88 -8.24 43.67
N ALA D 132 7.69 -8.02 42.37
CA ALA D 132 6.96 -8.98 41.54
C ALA D 132 7.61 -10.37 41.59
N ASP D 133 8.93 -10.43 41.57
CA ASP D 133 9.56 -11.75 41.64
C ASP D 133 9.49 -12.31 43.05
N MET D 134 9.82 -11.49 44.07
CA MET D 134 9.84 -11.98 45.46
C MET D 134 8.48 -12.49 45.91
N VAL D 135 7.39 -11.77 45.60
CA VAL D 135 6.11 -12.26 46.11
C VAL D 135 5.73 -13.59 45.46
N ARG D 136 6.17 -13.85 44.22
CA ARG D 136 5.88 -15.17 43.68
C ARG D 136 6.69 -16.23 44.40
N TYR D 137 7.96 -15.95 44.67
CA TYR D 137 8.76 -16.89 45.45
C TYR D 137 8.14 -17.11 46.83
N LEU D 138 7.55 -16.07 47.41
CA LEU D 138 6.91 -16.23 48.70
C LEU D 138 5.70 -17.15 48.60
N GLY D 139 4.97 -17.04 47.48
CA GLY D 139 3.88 -17.95 47.25
C GLY D 139 4.37 -19.38 47.14
N ASP D 140 5.49 -19.59 46.45
CA ASP D 140 6.11 -20.91 46.40
C ASP D 140 6.38 -21.44 47.80
N CYS D 141 6.77 -20.57 48.71
CA CYS D 141 7.07 -20.99 50.07
C CYS D 141 5.82 -21.02 50.96
N GLY D 142 4.65 -20.70 50.41
CA GLY D 142 3.41 -20.77 51.16
C GLY D 142 3.19 -19.69 52.18
N LEU D 143 3.77 -18.50 52.00
CA LEU D 143 3.57 -17.40 52.91
C LEU D 143 2.53 -16.41 52.36
N PRO D 144 1.34 -16.32 52.94
CA PRO D 144 0.32 -15.39 52.41
C PRO D 144 0.71 -13.94 52.65
N ASN D 145 0.50 -13.12 51.62
CA ASN D 145 0.89 -11.72 51.67
C ASN D 145 0.00 -10.90 50.75
N VAL D 146 -0.07 -9.61 51.05
CA VAL D 146 -0.74 -8.63 50.20
C VAL D 146 0.25 -7.48 50.04
N VAL D 147 0.17 -6.77 48.91
CA VAL D 147 1.14 -5.74 48.56
C VAL D 147 0.44 -4.39 48.39
N ASP D 148 1.03 -3.35 48.96
CA ASP D 148 0.65 -1.99 48.67
C ASP D 148 1.90 -1.21 48.27
N PHE D 149 1.72 -0.12 47.53
CA PHE D 149 2.84 0.65 47.02
C PHE D 149 2.90 2.03 47.67
N ILE D 150 4.12 2.49 47.91
CA ILE D 150 4.38 3.86 48.31
C ILE D 150 5.39 4.41 47.32
N ARG D 151 5.23 5.66 46.93
CA ARG D 151 6.18 6.24 45.99
C ARG D 151 6.94 7.35 46.71
N ILE D 152 8.26 7.29 46.63
CA ILE D 152 9.16 8.19 47.34
C ILE D 152 10.11 8.74 46.29
N THR D 153 10.59 9.95 46.51
CA THR D 153 11.67 10.47 45.69
C THR D 153 12.74 11.09 46.60
N GLN D 166 11.25 12.58 50.01
CA GLN D 166 9.90 13.06 49.72
C GLN D 166 8.90 11.92 49.49
N VAL D 167 7.78 11.93 50.22
CA VAL D 167 6.68 11.02 49.92
C VAL D 167 5.83 11.64 48.81
N LEU D 168 5.66 10.90 47.71
CA LEU D 168 4.87 11.39 46.59
C LEU D 168 3.46 10.79 46.59
N ASP D 169 3.35 9.47 46.77
CA ASP D 169 2.08 8.75 46.73
C ASP D 169 2.01 7.85 47.95
N ASN D 170 1.07 8.11 48.84
CA ASN D 170 1.08 7.37 50.10
C ASN D 170 0.41 6.00 49.96
N LEU D 171 0.56 5.22 51.03
CA LEU D 171 -0.14 3.95 51.14
C LEU D 171 -1.63 4.14 50.94
N ARG D 172 -2.29 3.11 50.43
CA ARG D 172 -3.72 3.06 50.55
C ARG D 172 -4.18 2.13 51.66
N PHE D 173 -3.38 1.13 52.04
CA PHE D 173 -3.71 0.33 53.22
C PHE D 173 -3.70 1.21 54.45
N THR D 174 -4.65 1.02 55.37
CA THR D 174 -4.71 1.86 56.57
C THR D 174 -4.52 1.10 57.87
N GLU D 175 -4.73 -0.21 57.89
CA GLU D 175 -4.87 -0.99 59.12
C GLU D 175 -3.60 -1.79 59.37
N LEU D 176 -2.52 -1.09 59.70
CA LEU D 176 -1.24 -1.74 59.92
C LEU D 176 -0.87 -1.86 61.41
N THR D 177 -1.62 -1.25 62.31
CA THR D 177 -1.29 -1.37 63.72
C THR D 177 -1.30 -2.83 64.15
N GLY D 178 -0.25 -3.24 64.87
CA GLY D 178 -0.22 -4.60 65.35
C GLY D 178 -0.08 -5.67 64.28
N LYS D 179 0.32 -5.31 63.05
CA LYS D 179 0.48 -6.29 61.98
C LYS D 179 1.97 -6.50 61.73
N HIS D 180 2.34 -7.65 61.18
CA HIS D 180 3.71 -7.81 60.72
C HIS D 180 3.79 -7.18 59.34
N VAL D 181 4.74 -6.26 59.16
CA VAL D 181 4.89 -5.50 57.91
C VAL D 181 6.32 -5.64 57.41
N LEU D 182 6.46 -5.93 56.12
CA LEU D 182 7.74 -6.06 55.45
C LEU D 182 7.80 -5.02 54.35
N ILE D 183 8.87 -4.24 54.31
CA ILE D 183 9.15 -3.29 53.23
C ILE D 183 10.07 -3.96 52.22
N MET D 184 9.74 -3.85 50.94
CA MET D 184 10.56 -4.38 49.86
C MET D 184 11.15 -3.19 49.13
N GLU D 185 12.47 -3.05 49.20
CA GLU D 185 13.15 -1.86 48.69
C GLU D 185 14.31 -2.30 47.80
N ASP D 186 14.68 -1.40 46.87
CA ASP D 186 15.66 -1.77 45.84
C ASP D 186 17.08 -1.81 46.38
N ILE D 187 17.55 -0.70 46.97
CA ILE D 187 18.96 -0.64 47.39
C ILE D 187 19.09 0.38 48.50
N ALA D 188 19.89 0.03 49.51
CA ALA D 188 20.20 0.94 50.60
C ALA D 188 21.66 1.33 50.45
N ASP D 189 21.92 2.63 50.45
CA ASP D 189 23.25 3.20 50.24
C ASP D 189 23.61 4.02 51.48
N THR D 190 23.29 5.32 51.51
CA THR D 190 23.53 6.07 52.74
C THR D 190 22.60 5.62 53.86
N GLY D 191 21.47 5.01 53.53
CA GLY D 191 20.50 4.58 54.53
C GLY D 191 19.48 5.64 54.91
N ARG D 192 19.65 6.87 54.44
CA ARG D 192 18.79 7.96 54.89
C ARG D 192 17.35 7.72 54.46
N THR D 193 17.15 7.19 53.25
CA THR D 193 15.80 7.05 52.72
C THR D 193 14.99 6.04 53.53
N MET D 194 15.52 4.84 53.74
CA MET D 194 14.76 3.85 54.48
C MET D 194 14.64 4.20 55.96
N LYS D 195 15.66 4.85 56.53
CA LYS D 195 15.56 5.24 57.93
C LYS D 195 14.37 6.15 58.14
N LEU D 196 14.20 7.14 57.27
CA LEU D 196 13.05 8.03 57.39
C LEU D 196 11.76 7.25 57.23
N LEU D 197 11.75 6.31 56.28
CA LEU D 197 10.53 5.55 56.01
C LEU D 197 10.17 4.66 57.19
N VAL D 198 11.13 3.89 57.72
CA VAL D 198 10.76 3.01 58.82
C VAL D 198 10.31 3.83 60.02
N GLU D 199 10.94 4.97 60.24
CA GLU D 199 10.53 5.78 61.40
C GLU D 199 9.12 6.35 61.20
N LYS D 200 8.76 6.69 59.94
CA LYS D 200 7.42 7.16 59.64
C LYS D 200 6.38 6.07 59.88
N ILE D 201 6.63 4.87 59.36
CA ILE D 201 5.66 3.80 59.51
C ILE D 201 5.52 3.40 60.98
N ARG D 202 6.63 3.22 61.68
CA ARG D 202 6.51 2.87 63.10
C ARG D 202 5.68 3.90 63.85
N ARG D 203 5.99 5.19 63.68
CA ARG D 203 5.32 6.17 64.54
C ARG D 203 3.88 6.40 64.12
N GLU D 204 3.56 6.25 62.84
CA GLU D 204 2.18 6.50 62.43
C GLU D 204 1.27 5.28 62.58
N TYR D 205 1.80 4.06 62.51
CA TYR D 205 0.96 2.86 62.60
C TYR D 205 1.28 1.94 63.76
N ARG D 206 2.53 1.91 64.23
CA ARG D 206 3.05 0.95 65.21
C ARG D 206 2.68 -0.48 64.81
N PRO D 207 3.27 -0.99 63.75
CA PRO D 207 3.06 -2.40 63.42
C PRO D 207 3.62 -3.30 64.50
N ALA D 208 3.20 -4.56 64.46
CA ALA D 208 3.72 -5.54 65.41
C ALA D 208 5.19 -5.82 65.16
N SER D 209 5.61 -5.75 63.90
CA SER D 209 7.02 -5.73 63.56
C SER D 209 7.17 -5.05 62.21
N LEU D 210 8.33 -4.43 62.01
CA LEU D 210 8.60 -3.73 60.76
C LEU D 210 10.04 -4.03 60.39
N LYS D 211 10.23 -4.67 59.23
CA LYS D 211 11.54 -5.06 58.74
C LYS D 211 11.61 -4.73 57.25
N VAL D 212 12.84 -4.66 56.74
CA VAL D 212 13.10 -4.25 55.36
C VAL D 212 13.85 -5.38 54.66
N CYS D 213 13.39 -5.71 53.46
CA CYS D 213 14.10 -6.63 52.59
C CYS D 213 14.61 -5.83 51.39
N VAL D 214 15.93 -5.82 51.19
CA VAL D 214 16.48 -5.08 50.07
C VAL D 214 17.10 -6.06 49.10
N LEU D 215 16.99 -5.71 47.82
CA LEU D 215 17.66 -6.47 46.78
C LEU D 215 19.18 -6.31 46.88
N VAL D 216 19.66 -5.08 46.96
CA VAL D 216 21.07 -4.80 47.12
C VAL D 216 21.27 -3.99 48.38
N ASP D 217 22.28 -4.36 49.18
CA ASP D 217 22.78 -3.49 50.23
C ASP D 217 24.17 -2.97 49.87
N LYS D 218 24.43 -1.67 50.09
CA LYS D 218 25.77 -1.10 49.90
C LYS D 218 26.20 -0.60 51.27
N PRO D 219 26.59 -1.52 52.15
CA PRO D 219 26.86 -1.14 53.53
C PRO D 219 28.05 -0.20 53.66
N GLY D 220 28.98 -0.22 52.71
CA GLY D 220 30.01 0.79 52.70
C GLY D 220 29.49 2.22 52.61
N GLY D 221 28.29 2.41 52.09
CA GLY D 221 27.78 3.76 51.93
C GLY D 221 27.09 4.40 53.14
N ARG D 222 26.84 3.65 54.22
CA ARG D 222 25.96 4.13 55.29
C ARG D 222 26.46 5.38 55.97
N VAL D 223 25.55 6.34 56.17
CA VAL D 223 25.84 7.52 56.97
C VAL D 223 24.95 7.61 58.20
N VAL D 224 23.92 6.77 58.28
CA VAL D 224 23.00 6.80 59.41
C VAL D 224 22.75 5.36 59.83
N ASP D 225 22.16 5.19 61.02
CA ASP D 225 21.94 3.87 61.59
C ASP D 225 20.69 3.28 60.96
N PHE D 226 20.90 2.60 59.83
CA PHE D 226 19.86 1.78 59.23
C PHE D 226 20.50 0.47 58.78
N LYS D 227 19.86 -0.63 59.15
CA LYS D 227 20.40 -1.97 58.90
C LYS D 227 19.25 -2.85 58.44
N PRO D 228 19.07 -3.02 57.14
CA PRO D 228 17.95 -3.82 56.67
C PRO D 228 18.13 -5.26 57.13
N GLU D 229 17.03 -5.85 57.57
CA GLU D 229 17.13 -7.17 58.20
C GLU D 229 17.34 -8.27 57.18
N PHE D 230 16.97 -8.03 55.93
CA PHE D 230 16.95 -9.09 54.93
C PHE D 230 17.61 -8.53 53.67
N VAL D 231 18.80 -9.02 53.36
CA VAL D 231 19.62 -8.52 52.25
C VAL D 231 19.83 -9.66 51.24
N CYS D 232 19.46 -9.44 49.99
CA CYS D 232 19.73 -10.46 48.98
C CYS D 232 21.18 -10.40 48.53
N LEU D 233 21.63 -9.24 48.06
CA LEU D 233 22.97 -9.05 47.54
C LEU D 233 23.65 -7.90 48.26
N THR D 234 24.96 -8.01 48.38
CA THR D 234 25.76 -6.95 48.97
C THR D 234 26.77 -6.50 47.92
N ALA D 235 26.92 -5.18 47.79
CA ALA D 235 27.65 -4.58 46.69
C ALA D 235 28.65 -3.55 47.18
N PRO D 236 29.68 -3.24 46.38
CA PRO D 236 30.57 -2.14 46.73
C PRO D 236 29.83 -0.81 46.64
N THR D 237 30.52 0.21 47.15
CA THR D 237 30.06 1.59 47.14
C THR D 237 30.26 2.19 45.74
N ARG D 238 29.44 1.72 44.79
CA ARG D 238 29.47 2.15 43.40
C ARG D 238 28.04 2.19 42.89
N TYR D 239 27.80 2.98 41.86
CA TYR D 239 26.46 3.09 41.30
C TYR D 239 26.18 1.90 40.38
N VAL D 240 25.14 1.12 40.69
CA VAL D 240 24.79 -0.05 39.88
C VAL D 240 23.55 0.21 39.03
N VAL D 241 23.44 -0.54 37.92
CA VAL D 241 22.29 -0.48 37.03
C VAL D 241 21.96 -1.89 36.59
N GLY D 242 20.74 -2.05 36.07
CA GLY D 242 20.20 -3.33 35.66
C GLY D 242 19.25 -3.87 36.71
N TYR D 243 18.36 -4.75 36.27
CA TYR D 243 17.41 -5.47 37.11
C TYR D 243 16.81 -4.54 38.18
N GLY D 244 16.10 -3.50 37.72
CA GLY D 244 15.45 -2.56 38.64
C GLY D 244 16.21 -1.26 38.85
N PHE D 245 17.51 -1.28 38.58
CA PHE D 245 18.34 -0.11 38.81
C PHE D 245 18.54 0.58 37.47
N GLU D 246 18.56 1.92 37.49
CA GLU D 246 18.54 2.67 36.23
C GLU D 246 19.33 3.97 36.39
N VAL D 247 19.60 4.59 35.24
CA VAL D 247 19.94 6.01 35.16
C VAL D 247 18.96 6.64 34.17
N ASN D 248 18.24 7.67 34.63
CA ASN D 248 17.11 8.26 33.90
C ASN D 248 16.26 7.19 33.22
N ASP D 249 15.97 6.15 34.00
CA ASP D 249 15.09 5.03 33.67
C ASP D 249 15.66 4.10 32.61
N ARG D 250 16.84 4.36 32.07
CA ARG D 250 17.48 3.39 31.16
C ARG D 250 18.07 2.25 31.97
N TYR D 251 18.09 1.06 31.37
CA TYR D 251 18.73 -0.16 31.89
C TYR D 251 17.87 -0.88 32.91
N ARG D 252 16.73 -0.32 33.28
CA ARG D 252 15.95 -0.93 34.36
C ARG D 252 15.53 -2.35 34.02
N ASN D 253 15.25 -2.64 32.75
CA ASN D 253 14.72 -3.95 32.41
C ASN D 253 15.80 -4.95 32.06
N TYR D 254 17.08 -4.63 32.28
CA TYR D 254 18.10 -5.64 32.04
C TYR D 254 18.00 -6.75 33.11
N ARG D 255 18.45 -7.97 32.78
CA ARG D 255 18.31 -9.11 33.70
C ARG D 255 19.47 -9.27 34.71
N HIS D 256 20.52 -8.46 34.57
CA HIS D 256 21.74 -8.56 35.35
C HIS D 256 22.02 -7.20 35.99
N VAL D 257 22.79 -7.19 37.07
CA VAL D 257 23.15 -5.95 37.74
C VAL D 257 24.62 -5.66 37.45
N PHE D 258 24.90 -4.42 37.05
CA PHE D 258 26.23 -4.00 36.60
C PHE D 258 26.70 -2.79 37.40
N VAL D 259 28.01 -2.61 37.49
CA VAL D 259 28.55 -1.31 37.89
C VAL D 259 28.56 -0.42 36.64
N LEU D 260 27.98 0.76 36.76
CA LEU D 260 27.96 1.72 35.66
C LEU D 260 29.32 2.39 35.48
N LYS D 261 29.74 2.52 34.22
CA LYS D 261 30.87 3.40 33.90
C LYS D 261 30.47 4.83 34.26
N PRO D 262 31.28 5.54 35.05
CA PRO D 262 30.93 6.93 35.36
C PRO D 262 30.72 7.79 34.12
N GLU D 263 31.46 7.55 33.05
CA GLU D 263 31.27 8.39 31.87
C GLU D 263 29.95 8.15 31.16
N TYR D 264 29.18 7.13 31.55
CA TYR D 264 27.83 6.92 31.00
C TYR D 264 26.74 7.56 31.86
N ALA D 265 27.09 8.17 32.99
CA ALA D 265 26.08 8.64 33.92
C ALA D 265 25.17 9.70 33.30
N LYS D 266 25.69 10.50 32.39
CA LYS D 266 24.93 11.61 31.83
C LYS D 266 24.59 11.41 30.37
N ARG D 267 24.62 10.17 29.90
CA ARG D 267 24.49 9.92 28.46
C ARG D 267 23.07 10.23 27.95
N TYR D 268 22.04 10.12 28.78
CA TYR D 268 20.66 10.41 28.38
C TYR D 268 20.10 11.44 29.37
N PRO D 269 20.49 12.71 29.24
CA PRO D 269 20.14 13.69 30.28
C PRO D 269 18.76 14.35 30.16
N SER D 270 18.05 14.25 29.03
CA SER D 270 16.83 15.01 28.85
C SER D 270 15.71 14.49 29.74
N LYS D 271 14.98 15.41 30.36
CA LYS D 271 13.84 15.04 31.17
C LYS D 271 12.87 14.17 30.41
N LEU D 272 12.38 13.13 31.07
CA LEU D 272 11.31 12.28 30.54
C LEU D 272 9.88 12.84 30.82
N LYS E 46 -2.91 16.50 -14.54
CA LYS E 46 -3.06 15.92 -13.20
C LYS E 46 -3.74 14.54 -13.24
N PRO E 47 -3.11 13.54 -12.64
CA PRO E 47 -3.61 12.16 -12.80
C PRO E 47 -5.01 12.03 -12.24
N ASN E 48 -5.80 11.20 -12.89
CA ASN E 48 -7.15 10.94 -12.45
C ASN E 48 -7.17 9.76 -11.49
N PHE E 49 -8.07 9.84 -10.52
N PHE E 49 -8.06 9.85 -10.52
CA PHE E 49 -8.20 8.83 -9.47
CA PHE E 49 -8.20 8.83 -9.47
C PHE E 49 -9.34 7.88 -9.84
C PHE E 49 -9.32 7.88 -9.86
N VAL E 50 -9.01 6.59 -9.96
CA VAL E 50 -9.98 5.55 -10.33
C VAL E 50 -10.34 4.74 -9.09
N GLY E 51 -11.63 4.52 -8.88
CA GLY E 51 -12.06 3.77 -7.72
C GLY E 51 -13.31 2.99 -8.02
N ARG E 52 -13.96 2.55 -6.96
CA ARG E 52 -15.24 1.85 -7.00
C ARG E 52 -16.11 2.45 -5.89
N ASP E 53 -17.40 2.66 -6.18
CA ASP E 53 -18.29 3.23 -5.18
C ASP E 53 -18.89 2.12 -4.33
N ALA E 54 -19.77 2.51 -3.39
CA ALA E 54 -20.34 1.53 -2.47
C ALA E 54 -21.08 0.42 -3.22
N ASP E 55 -21.65 0.75 -4.39
CA ASP E 55 -22.33 -0.24 -5.21
C ASP E 55 -21.40 -1.00 -6.15
N GLY E 56 -20.10 -0.81 -6.06
CA GLY E 56 -19.21 -1.53 -6.93
C GLY E 56 -19.09 -0.93 -8.32
N ASN E 57 -19.70 0.22 -8.58
CA ASN E 57 -19.54 0.88 -9.86
C ASN E 57 -18.20 1.58 -9.97
N VAL E 58 -17.69 1.65 -11.21
CA VAL E 58 -16.47 2.37 -11.50
C VAL E 58 -16.64 3.84 -11.14
N THR E 59 -15.66 4.42 -10.48
CA THR E 59 -15.60 5.87 -10.34
C THR E 59 -14.32 6.40 -10.93
N VAL E 60 -14.38 7.62 -11.49
CA VAL E 60 -13.19 8.36 -11.85
C VAL E 60 -13.35 9.76 -11.28
N ASP E 61 -12.40 10.16 -10.43
CA ASP E 61 -12.45 11.44 -9.70
C ASP E 61 -13.78 11.63 -8.96
N GLY E 62 -14.26 10.57 -8.34
CA GLY E 62 -15.42 10.64 -7.48
C GLY E 62 -16.75 10.51 -8.19
N ARG E 63 -16.77 10.51 -9.53
CA ARG E 63 -18.03 10.43 -10.24
C ARG E 63 -18.23 9.00 -10.72
N SER E 64 -19.46 8.49 -10.58
CA SER E 64 -19.77 7.09 -10.85
C SER E 64 -20.15 6.90 -12.32
N TYR E 65 -19.75 5.76 -12.86
CA TYR E 65 -20.03 5.42 -14.25
C TYR E 65 -20.69 4.04 -14.29
N PRO E 66 -22.00 3.98 -14.08
CA PRO E 66 -22.67 2.67 -13.96
C PRO E 66 -22.63 1.84 -15.23
N MET E 67 -22.43 2.46 -16.40
CA MET E 67 -22.38 1.67 -17.62
C MET E 67 -21.04 1.00 -17.83
N ALA E 68 -20.04 1.32 -17.02
CA ALA E 68 -18.66 0.89 -17.25
C ALA E 68 -18.36 -0.40 -16.51
N GLU E 69 -17.72 -1.33 -17.22
CA GLU E 69 -17.21 -2.52 -16.56
C GLU E 69 -15.87 -2.24 -15.91
N SER E 70 -15.05 -1.39 -16.55
CA SER E 70 -13.72 -1.07 -16.06
C SER E 70 -13.24 0.14 -16.85
N VAL E 71 -12.17 0.76 -16.38
CA VAL E 71 -11.50 1.85 -17.09
C VAL E 71 -10.43 1.30 -18.02
N VAL E 72 -10.44 1.75 -19.28
CA VAL E 72 -9.36 1.48 -20.22
C VAL E 72 -8.24 2.51 -20.06
N ALA E 73 -8.59 3.79 -20.11
CA ALA E 73 -7.64 4.86 -19.84
C ALA E 73 -8.42 6.09 -19.37
N THR E 74 -7.84 6.81 -18.41
CA THR E 74 -8.37 8.08 -17.96
C THR E 74 -7.85 9.23 -18.84
N GLU E 75 -8.52 10.38 -18.69
CA GLU E 75 -8.17 11.57 -19.47
C GLU E 75 -6.68 11.88 -19.45
N SER E 76 -6.04 11.86 -18.28
CA SER E 76 -4.65 12.30 -18.24
C SER E 76 -3.74 11.31 -18.96
N THR E 77 -4.01 10.01 -18.86
CA THR E 77 -3.28 9.03 -19.66
C THR E 77 -3.52 9.26 -21.15
N ILE E 78 -4.79 9.42 -21.54
CA ILE E 78 -5.12 9.64 -22.94
C ILE E 78 -4.36 10.84 -23.49
N HIS E 79 -4.40 11.96 -22.76
CA HIS E 79 -3.77 13.17 -23.28
C HIS E 79 -2.26 13.07 -23.28
N ARG E 80 -1.68 12.38 -22.28
CA ARG E 80 -0.26 12.12 -22.39
C ARG E 80 0.04 11.33 -23.67
N SER E 81 -0.77 10.32 -23.96
CA SER E 81 -0.57 9.53 -25.17
C SER E 81 -0.66 10.42 -26.43
N MET E 82 -1.63 11.34 -26.46
CA MET E 82 -1.81 12.19 -27.64
C MET E 82 -0.70 13.22 -27.79
N LYS E 83 -0.22 13.80 -26.69
CA LYS E 83 0.94 14.69 -26.74
C LYS E 83 2.14 13.95 -27.30
N GLU E 84 2.37 12.74 -26.82
CA GLU E 84 3.49 11.96 -27.32
C GLU E 84 3.28 11.64 -28.80
N MET E 85 2.04 11.37 -29.18
CA MET E 85 1.76 11.05 -30.57
C MET E 85 1.96 12.28 -31.45
N ALA E 86 1.61 13.47 -30.94
CA ALA E 86 1.79 14.68 -31.75
C ALA E 86 3.27 14.92 -32.05
N GLN E 87 4.14 14.66 -31.06
CA GLN E 87 5.59 14.82 -31.29
C GLN E 87 6.09 13.75 -32.27
N THR E 88 5.63 12.51 -32.12
CA THR E 88 5.94 11.46 -33.10
C THR E 88 5.50 11.88 -34.51
N LEU E 89 4.27 12.36 -34.64
CA LEU E 89 3.80 12.84 -35.94
C LEU E 89 4.66 13.98 -36.46
N ALA E 90 5.00 14.94 -35.59
CA ALA E 90 5.81 16.05 -36.03
C ALA E 90 7.18 15.58 -36.47
N ASN E 91 7.78 14.64 -35.73
CA ASN E 91 9.06 14.09 -36.13
C ASN E 91 8.95 13.37 -37.47
N ALA E 92 7.82 12.70 -37.70
CA ALA E 92 7.68 11.90 -38.91
C ALA E 92 7.49 12.76 -40.15
N TYR E 93 6.88 13.94 -40.02
CA TYR E 93 6.48 14.74 -41.17
C TYR E 93 7.26 16.03 -41.37
N LYS E 94 7.91 16.58 -40.33
CA LYS E 94 8.34 17.97 -40.44
C LYS E 94 9.36 18.21 -41.56
N THR E 95 10.22 17.23 -41.84
CA THR E 95 11.21 17.41 -42.89
C THR E 95 10.77 16.87 -44.26
N LEU E 96 9.55 16.36 -44.40
CA LEU E 96 9.14 15.77 -45.67
C LEU E 96 8.76 16.86 -46.68
N LYS E 97 8.77 16.49 -47.95
CA LYS E 97 8.39 17.41 -49.02
C LYS E 97 7.27 16.79 -49.84
N HIS E 98 6.45 17.66 -50.42
CA HIS E 98 5.35 17.20 -51.26
C HIS E 98 5.01 18.28 -52.27
N ARG E 99 3.89 18.11 -52.97
CA ARG E 99 3.58 18.95 -54.12
C ARG E 99 3.34 20.38 -53.67
N ASP E 100 3.93 21.33 -54.42
CA ASP E 100 3.74 22.75 -54.12
C ASP E 100 2.52 23.22 -54.89
N THR E 101 1.42 23.45 -54.18
CA THR E 101 0.26 24.06 -54.81
C THR E 101 0.12 25.52 -54.43
N HIS E 102 0.93 26.02 -53.49
CA HIS E 102 0.94 27.46 -53.23
C HIS E 102 1.56 28.23 -54.39
N ASN E 103 2.76 27.83 -54.83
CA ASN E 103 3.37 28.35 -56.05
C ASN E 103 3.22 27.26 -57.13
N LYS E 104 2.10 27.31 -57.85
CA LYS E 104 1.78 26.19 -58.75
C LYS E 104 2.75 26.09 -59.93
N GLY E 105 3.50 27.16 -60.24
CA GLY E 105 4.58 27.07 -61.19
C GLY E 105 5.86 26.43 -60.67
N ASN E 106 5.93 26.11 -59.38
CA ASN E 106 7.14 25.54 -58.83
C ASN E 106 7.27 24.08 -59.27
N SER E 107 8.43 23.75 -59.84
CA SER E 107 8.68 22.39 -60.30
C SER E 107 9.08 21.46 -59.16
N ALA E 108 9.83 21.97 -58.19
CA ALA E 108 10.38 21.13 -57.14
C ALA E 108 9.35 20.86 -56.05
N LEU E 109 9.57 19.78 -55.31
CA LEU E 109 8.76 19.53 -54.13
C LEU E 109 9.03 20.61 -53.09
N ALA E 110 8.05 20.86 -52.22
CA ALA E 110 8.14 21.93 -51.25
C ALA E 110 7.95 21.40 -49.84
N PRO E 111 8.58 22.02 -48.85
CA PRO E 111 8.44 21.55 -47.47
C PRO E 111 7.00 21.72 -46.96
N ILE E 112 6.76 21.10 -45.81
CA ILE E 112 5.45 21.21 -45.19
C ILE E 112 5.39 22.52 -44.40
N THR E 113 4.54 23.43 -44.84
CA THR E 113 4.47 24.78 -44.30
C THR E 113 3.02 25.23 -44.30
N ASP E 114 2.78 26.45 -43.82
CA ASP E 114 1.44 27.03 -43.99
C ASP E 114 1.12 27.14 -45.48
N GLU E 115 2.14 27.33 -46.32
CA GLU E 115 1.90 27.37 -47.75
C GLU E 115 1.40 26.02 -48.26
N ASN E 116 2.00 24.93 -47.79
CA ASN E 116 1.65 23.58 -48.22
C ASN E 116 1.54 22.70 -46.98
N PRO E 117 0.45 22.83 -46.23
CA PRO E 117 0.33 22.12 -44.95
C PRO E 117 0.11 20.62 -45.14
N LEU E 118 0.35 19.88 -44.06
CA LEU E 118 -0.11 18.50 -43.97
C LEU E 118 -1.62 18.49 -44.10
N ILE E 119 -2.13 17.57 -44.93
CA ILE E 119 -3.57 17.43 -45.11
C ILE E 119 -4.04 16.33 -44.15
N ILE E 120 -5.01 16.65 -43.29
CA ILE E 120 -5.58 15.68 -42.35
C ILE E 120 -7.01 15.41 -42.75
N ILE E 121 -7.35 14.14 -42.94
CA ILE E 121 -8.72 13.68 -43.12
C ILE E 121 -9.22 13.12 -41.80
N SER E 122 -10.27 13.72 -41.26
CA SER E 122 -10.86 13.31 -39.99
C SER E 122 -12.17 12.58 -40.26
N VAL E 123 -12.32 11.38 -39.69
CA VAL E 123 -13.50 10.55 -40.01
C VAL E 123 -14.62 10.88 -39.03
N LEU E 124 -15.71 11.42 -39.54
CA LEU E 124 -16.87 11.71 -38.70
C LEU E 124 -17.77 10.48 -38.58
N LYS E 125 -18.54 10.39 -37.50
CA LYS E 125 -18.52 11.33 -36.37
C LYS E 125 -17.42 10.98 -35.34
N GLY E 126 -16.92 9.75 -35.40
CA GLY E 126 -16.17 9.19 -34.26
C GLY E 126 -14.89 9.93 -33.89
N SER E 127 -14.27 10.63 -34.83
N SER E 127 -14.28 10.63 -34.84
CA SER E 127 -12.93 11.18 -34.61
CA SER E 127 -12.93 11.18 -34.68
C SER E 127 -12.92 12.64 -34.21
C SER E 127 -12.91 12.68 -34.37
N TYR E 128 -14.06 13.31 -34.13
CA TYR E 128 -14.04 14.77 -34.12
C TYR E 128 -13.39 15.34 -32.87
N ILE E 129 -13.65 14.75 -31.72
CA ILE E 129 -13.01 15.19 -30.49
C ILE E 129 -11.52 14.89 -30.52
N PHE E 130 -11.17 13.65 -30.86
CA PHE E 130 -9.77 13.23 -30.99
C PHE E 130 -9.00 14.17 -31.92
N THR E 131 -9.60 14.51 -33.08
CA THR E 131 -8.95 15.40 -34.02
C THR E 131 -8.82 16.80 -33.43
N ALA E 132 -9.91 17.30 -32.83
CA ALA E 132 -9.86 18.62 -32.20
C ALA E 132 -8.69 18.73 -31.22
N ASP E 133 -8.46 17.68 -30.44
CA ASP E 133 -7.37 17.73 -29.48
C ASP E 133 -6.02 17.55 -30.17
N MET E 134 -5.95 16.59 -31.10
CA MET E 134 -4.68 16.28 -31.75
C MET E 134 -4.13 17.46 -32.56
N VAL E 135 -5.00 18.16 -33.30
CA VAL E 135 -4.47 19.25 -34.13
C VAL E 135 -3.94 20.38 -33.25
N ARG E 136 -4.49 20.54 -32.03
CA ARG E 136 -3.92 21.58 -31.18
C ARG E 136 -2.55 21.15 -30.64
N TYR E 137 -2.37 19.86 -30.29
CA TYR E 137 -1.04 19.36 -29.93
C TYR E 137 -0.08 19.40 -31.11
N LEU E 138 -0.56 19.15 -32.33
CA LEU E 138 0.30 19.33 -33.50
C LEU E 138 0.75 20.79 -33.62
N GLY E 139 -0.15 21.73 -33.29
CA GLY E 139 0.26 23.13 -33.29
C GLY E 139 1.34 23.39 -32.26
N ASP E 140 1.17 22.83 -31.06
CA ASP E 140 2.23 22.96 -30.04
C ASP E 140 3.57 22.49 -30.58
N CYS E 141 3.53 21.47 -31.44
CA CYS E 141 4.73 20.88 -31.99
C CYS E 141 5.17 21.57 -33.28
N GLY E 142 4.47 22.61 -33.71
CA GLY E 142 4.88 23.35 -34.89
C GLY E 142 4.63 22.70 -36.23
N LEU E 143 3.68 21.78 -36.37
CA LEU E 143 3.44 21.10 -37.64
C LEU E 143 2.24 21.71 -38.35
N PRO E 144 2.41 22.45 -39.44
CA PRO E 144 1.24 23.08 -40.07
C PRO E 144 0.36 22.02 -40.72
N ASN E 145 -0.94 22.20 -40.54
CA ASN E 145 -1.91 21.21 -41.02
C ASN E 145 -3.24 21.89 -41.27
N VAL E 146 -4.04 21.28 -42.15
CA VAL E 146 -5.42 21.68 -42.38
C VAL E 146 -6.27 20.43 -42.31
N VAL E 147 -7.54 20.60 -41.94
CA VAL E 147 -8.44 19.48 -41.68
C VAL E 147 -9.66 19.56 -42.59
N ASP E 148 -10.02 18.43 -43.19
CA ASP E 148 -11.33 18.29 -43.78
C ASP E 148 -11.94 16.99 -43.25
N PHE E 149 -13.24 16.81 -43.43
CA PHE E 149 -13.95 15.68 -42.84
C PHE E 149 -14.55 14.79 -43.90
N ILE E 150 -14.57 13.50 -43.61
CA ILE E 150 -15.35 12.55 -44.38
C ILE E 150 -16.24 11.80 -43.42
N ARG E 151 -17.50 11.61 -43.79
CA ARG E 151 -18.44 10.93 -42.91
C ARG E 151 -18.79 9.57 -43.52
N ILE E 152 -18.59 8.52 -42.74
CA ILE E 152 -18.83 7.14 -43.16
C ILE E 152 -19.71 6.46 -42.14
N THR E 153 -20.37 5.39 -42.58
CA THR E 153 -21.07 4.46 -41.69
C THR E 153 -20.19 3.24 -41.47
N VAL E 165 -18.37 -0.20 -47.13
CA VAL E 165 -18.39 0.99 -46.28
C VAL E 165 -18.98 2.19 -47.05
N GLN E 166 -20.08 2.70 -46.53
CA GLN E 166 -20.78 3.79 -47.21
C GLN E 166 -20.19 5.11 -46.76
N VAL E 167 -19.78 5.92 -47.74
CA VAL E 167 -19.37 7.30 -47.49
C VAL E 167 -20.62 8.15 -47.56
N LEU E 168 -20.97 8.78 -46.43
CA LEU E 168 -22.16 9.62 -46.39
C LEU E 168 -21.87 11.04 -46.89
N ASP E 169 -20.71 11.58 -46.52
CA ASP E 169 -20.34 12.94 -46.88
C ASP E 169 -18.89 12.91 -47.30
N ASN E 170 -18.64 13.32 -48.54
CA ASN E 170 -17.30 13.29 -49.09
C ASN E 170 -16.49 14.49 -48.63
N LEU E 171 -15.18 14.38 -48.80
CA LEU E 171 -14.27 15.50 -48.64
C LEU E 171 -14.68 16.67 -49.53
N ARG E 172 -14.42 17.89 -49.07
CA ARG E 172 -14.55 19.09 -49.88
C ARG E 172 -13.24 19.52 -50.50
N PHE E 173 -12.10 19.24 -49.84
CA PHE E 173 -10.80 19.47 -50.47
C PHE E 173 -10.72 18.66 -51.74
N THR E 174 -10.05 19.20 -52.76
CA THR E 174 -9.92 18.43 -54.01
C THR E 174 -8.51 18.28 -54.49
N GLU E 175 -7.55 18.99 -53.90
CA GLU E 175 -6.21 19.03 -54.46
C GLU E 175 -5.24 18.22 -53.62
N LEU E 176 -5.49 16.90 -53.47
CA LEU E 176 -4.65 16.08 -52.60
C LEU E 176 -3.53 15.33 -53.33
N THR E 177 -3.52 15.36 -54.68
CA THR E 177 -2.56 14.57 -55.45
C THR E 177 -1.13 14.97 -55.10
N GLY E 178 -0.26 13.97 -54.86
CA GLY E 178 1.10 14.27 -54.46
C GLY E 178 1.26 15.03 -53.15
N LYS E 179 0.24 15.07 -52.31
CA LYS E 179 0.33 15.63 -50.96
C LYS E 179 0.58 14.53 -49.93
N HIS E 180 1.16 14.91 -48.79
CA HIS E 180 1.15 14.01 -47.63
C HIS E 180 -0.19 14.16 -46.93
N VAL E 181 -0.90 13.04 -46.76
CA VAL E 181 -2.23 13.00 -46.20
C VAL E 181 -2.22 12.03 -45.02
N LEU E 182 -2.79 12.47 -43.93
CA LEU E 182 -2.89 11.67 -42.70
C LEU E 182 -4.36 11.55 -42.32
N ILE E 183 -4.81 10.32 -42.13
CA ILE E 183 -6.19 10.04 -41.72
C ILE E 183 -6.23 9.92 -40.21
N MET E 184 -7.21 10.56 -39.57
CA MET E 184 -7.43 10.47 -38.13
C MET E 184 -8.70 9.70 -37.89
N GLU E 185 -8.58 8.57 -37.21
CA GLU E 185 -9.68 7.64 -37.01
C GLU E 185 -9.78 7.26 -35.54
N ASP E 186 -11.01 6.92 -35.10
CA ASP E 186 -11.24 6.67 -33.69
C ASP E 186 -10.65 5.32 -33.26
N ILE E 187 -11.05 4.22 -33.92
CA ILE E 187 -10.57 2.92 -33.45
C ILE E 187 -10.53 1.94 -34.63
N ALA E 188 -9.52 1.06 -34.62
CA ALA E 188 -9.43 -0.02 -35.60
C ALA E 188 -9.69 -1.35 -34.90
N ASP E 189 -10.65 -2.11 -35.41
CA ASP E 189 -11.02 -3.37 -34.76
C ASP E 189 -10.81 -4.50 -35.77
N THR E 190 -11.81 -4.82 -36.59
CA THR E 190 -11.55 -5.83 -37.63
C THR E 190 -10.62 -5.29 -38.70
N GLY E 191 -10.50 -3.96 -38.81
CA GLY E 191 -9.64 -3.39 -39.82
C GLY E 191 -10.30 -3.15 -41.17
N ARG E 192 -11.52 -3.64 -41.38
CA ARG E 192 -12.12 -3.57 -42.71
C ARG E 192 -12.44 -2.13 -43.09
N THR E 193 -12.88 -1.33 -42.13
CA THR E 193 -13.30 0.03 -42.44
C THR E 193 -12.11 0.85 -42.94
N MET E 194 -11.01 0.87 -42.17
CA MET E 194 -9.87 1.64 -42.63
C MET E 194 -9.23 1.04 -43.87
N LYS E 195 -9.17 -0.28 -43.97
CA LYS E 195 -8.62 -0.84 -45.19
C LYS E 195 -9.35 -0.32 -46.42
N LEU E 196 -10.67 -0.28 -46.36
CA LEU E 196 -11.43 0.17 -47.51
C LEU E 196 -11.27 1.68 -47.71
N LEU E 197 -11.29 2.45 -46.63
CA LEU E 197 -11.15 3.90 -46.76
C LEU E 197 -9.79 4.25 -47.34
N VAL E 198 -8.73 3.61 -46.85
CA VAL E 198 -7.40 3.92 -47.35
C VAL E 198 -7.32 3.61 -48.86
N GLU E 199 -7.84 2.46 -49.27
CA GLU E 199 -7.89 2.14 -50.69
C GLU E 199 -8.66 3.20 -51.45
N LYS E 200 -9.82 3.60 -50.92
CA LYS E 200 -10.64 4.58 -51.62
C LYS E 200 -9.89 5.91 -51.79
N ILE E 201 -9.32 6.44 -50.72
CA ILE E 201 -8.60 7.71 -50.80
C ILE E 201 -7.40 7.61 -51.73
N ARG E 202 -6.66 6.51 -51.62
CA ARG E 202 -5.49 6.32 -52.46
C ARG E 202 -5.87 6.39 -53.94
N ARG E 203 -6.93 5.70 -54.33
CA ARG E 203 -7.27 5.70 -55.76
C ARG E 203 -7.91 7.00 -56.19
N GLU E 204 -8.72 7.60 -55.34
CA GLU E 204 -9.51 8.75 -55.77
C GLU E 204 -8.70 10.04 -55.73
N TYR E 205 -7.71 10.14 -54.82
CA TYR E 205 -6.99 11.38 -54.58
C TYR E 205 -5.51 11.30 -54.92
N ARG E 206 -4.94 10.10 -55.00
CA ARG E 206 -3.55 9.90 -55.38
C ARG E 206 -2.56 10.76 -54.58
N PRO E 207 -2.60 10.69 -53.23
CA PRO E 207 -1.64 11.44 -52.43
C PRO E 207 -0.23 10.87 -52.57
N ALA E 208 0.76 11.71 -52.25
CA ALA E 208 2.13 11.22 -52.18
C ALA E 208 2.30 10.17 -51.07
N SER E 209 1.63 10.37 -49.94
CA SER E 209 1.66 9.33 -48.93
C SER E 209 0.34 9.38 -48.18
N LEU E 210 -0.12 8.22 -47.73
CA LEU E 210 -1.36 8.11 -46.98
C LEU E 210 -1.10 7.24 -45.77
N LYS E 211 -1.32 7.79 -44.58
CA LYS E 211 -1.08 7.06 -43.32
C LYS E 211 -2.24 7.27 -42.38
N VAL E 212 -2.33 6.40 -41.37
CA VAL E 212 -3.47 6.42 -40.44
C VAL E 212 -2.96 6.57 -39.01
N CYS E 213 -3.58 7.50 -38.27
CA CYS E 213 -3.38 7.70 -36.84
C CYS E 213 -4.68 7.33 -36.15
N VAL E 214 -4.62 6.39 -35.24
CA VAL E 214 -5.82 5.93 -34.57
C VAL E 214 -5.71 6.18 -33.08
N LEU E 215 -6.83 6.56 -32.47
CA LEU E 215 -6.80 6.78 -31.04
C LEU E 215 -6.66 5.46 -30.30
N VAL E 216 -7.45 4.46 -30.68
CA VAL E 216 -7.37 3.12 -30.08
C VAL E 216 -7.17 2.08 -31.19
N ASP E 217 -6.27 1.13 -30.94
CA ASP E 217 -6.11 -0.03 -31.80
C ASP E 217 -6.47 -1.27 -30.99
N LYS E 218 -7.30 -2.14 -31.58
CA LYS E 218 -7.66 -3.43 -31.00
C LYS E 218 -7.13 -4.51 -31.90
N PRO E 219 -5.81 -4.75 -31.89
CA PRO E 219 -5.22 -5.62 -32.91
C PRO E 219 -5.74 -7.04 -32.83
N GLY E 220 -6.20 -7.48 -31.66
CA GLY E 220 -6.76 -8.81 -31.55
C GLY E 220 -8.07 -8.98 -32.30
N GLY E 221 -8.66 -7.89 -32.77
CA GLY E 221 -9.89 -8.01 -33.54
C GLY E 221 -9.69 -8.22 -35.05
N ARG E 222 -8.47 -8.13 -35.57
CA ARG E 222 -8.30 -8.02 -37.02
C ARG E 222 -8.91 -9.18 -37.77
N VAL E 223 -9.57 -8.85 -38.87
CA VAL E 223 -10.04 -9.85 -39.83
C VAL E 223 -9.33 -9.70 -41.18
N VAL E 224 -8.76 -8.53 -41.46
CA VAL E 224 -7.97 -8.29 -42.66
C VAL E 224 -6.65 -7.71 -42.20
N ASP E 225 -5.69 -7.67 -43.11
CA ASP E 225 -4.39 -7.10 -42.76
C ASP E 225 -4.48 -5.58 -42.84
N PHE E 226 -4.48 -4.91 -41.70
CA PHE E 226 -4.42 -3.46 -41.69
C PHE E 226 -3.68 -3.05 -40.43
N LYS E 227 -2.60 -2.30 -40.58
CA LYS E 227 -1.81 -1.90 -39.42
C LYS E 227 -1.69 -0.39 -39.47
N PRO E 228 -2.44 0.34 -38.65
CA PRO E 228 -2.29 1.80 -38.68
C PRO E 228 -0.86 2.15 -38.27
N GLU E 229 -0.28 3.14 -38.97
CA GLU E 229 1.10 3.53 -38.68
C GLU E 229 1.25 4.14 -37.28
N PHE E 230 0.27 4.91 -36.84
CA PHE E 230 0.37 5.67 -35.60
C PHE E 230 -0.80 5.26 -34.72
N VAL E 231 -0.50 4.71 -33.54
CA VAL E 231 -1.48 4.22 -32.58
C VAL E 231 -1.27 4.94 -31.25
N CYS E 232 -2.30 5.60 -30.73
CA CYS E 232 -2.16 6.17 -29.37
C CYS E 232 -2.27 5.09 -28.31
N LEU E 233 -3.42 4.41 -28.22
CA LEU E 233 -3.67 3.42 -27.19
C LEU E 233 -3.95 2.07 -27.83
N THR E 234 -3.62 1.01 -27.11
CA THR E 234 -3.90 -0.35 -27.56
C THR E 234 -4.79 -1.03 -26.54
N ALA E 235 -5.83 -1.73 -26.99
CA ALA E 235 -6.87 -2.20 -26.10
C ALA E 235 -7.25 -3.64 -26.43
N PRO E 236 -7.83 -4.38 -25.47
CA PRO E 236 -8.31 -5.74 -25.78
C PRO E 236 -9.53 -5.71 -26.67
N THR E 237 -9.93 -6.88 -27.16
CA THR E 237 -11.09 -6.93 -28.02
C THR E 237 -12.37 -6.85 -27.19
N ARG E 238 -12.61 -5.66 -26.65
CA ARG E 238 -13.88 -5.37 -25.97
C ARG E 238 -14.42 -4.06 -26.53
N TYR E 239 -15.75 -3.88 -26.43
CA TYR E 239 -16.39 -2.67 -26.88
C TYR E 239 -16.20 -1.54 -25.86
N VAL E 240 -15.62 -0.42 -26.28
CA VAL E 240 -15.33 0.69 -25.36
C VAL E 240 -16.25 1.87 -25.66
N VAL E 241 -16.40 2.73 -24.64
CA VAL E 241 -17.20 3.94 -24.75
C VAL E 241 -16.46 5.04 -23.99
N GLY E 242 -16.87 6.27 -24.21
CA GLY E 242 -16.16 7.39 -23.62
C GLY E 242 -15.21 8.03 -24.62
N TYR E 243 -14.94 9.32 -24.41
CA TYR E 243 -13.96 10.11 -25.17
C TYR E 243 -14.01 9.79 -26.66
N GLY E 244 -15.18 10.09 -27.25
CA GLY E 244 -15.40 9.90 -28.69
C GLY E 244 -16.09 8.60 -29.04
N PHE E 245 -16.10 7.63 -28.12
CA PHE E 245 -16.77 6.35 -28.32
C PHE E 245 -18.14 6.34 -27.66
N GLU E 246 -19.12 5.73 -28.32
CA GLU E 246 -20.49 5.86 -27.88
C GLU E 246 -21.26 4.58 -28.12
N VAL E 247 -22.46 4.52 -27.52
CA VAL E 247 -23.54 3.63 -27.94
C VAL E 247 -24.77 4.52 -28.19
N ASN E 248 -25.29 4.44 -29.40
CA ASN E 248 -26.33 5.37 -29.89
C ASN E 248 -26.06 6.80 -29.43
N ASP E 249 -24.81 7.23 -29.58
CA ASP E 249 -24.31 8.58 -29.31
C ASP E 249 -24.17 8.93 -27.82
N ARG E 250 -24.66 8.09 -26.91
CA ARG E 250 -24.43 8.36 -25.50
C ARG E 250 -22.97 8.09 -25.16
N TYR E 251 -22.47 8.82 -24.18
CA TYR E 251 -21.16 8.64 -23.53
C TYR E 251 -20.05 9.27 -24.34
N ARG E 252 -20.35 9.82 -25.53
CA ARG E 252 -19.28 10.28 -26.40
C ARG E 252 -18.49 11.44 -25.80
N ASN E 253 -19.13 12.25 -24.95
CA ASN E 253 -18.50 13.41 -24.32
C ASN E 253 -17.83 13.10 -22.98
N TYR E 254 -17.79 11.85 -22.54
CA TYR E 254 -17.04 11.55 -21.31
C TYR E 254 -15.54 11.73 -21.56
N ARG E 255 -14.80 12.02 -20.48
CA ARG E 255 -13.37 12.33 -20.62
C ARG E 255 -12.48 11.11 -20.53
N HIS E 256 -13.04 9.94 -20.21
CA HIS E 256 -12.28 8.72 -20.03
C HIS E 256 -12.85 7.64 -20.94
N VAL E 257 -12.04 6.60 -21.21
CA VAL E 257 -12.45 5.47 -22.04
C VAL E 257 -12.66 4.27 -21.14
N PHE E 258 -13.85 3.66 -21.25
CA PHE E 258 -14.28 2.54 -20.42
C PHE E 258 -14.61 1.33 -21.28
N VAL E 259 -14.49 0.15 -20.69
CA VAL E 259 -15.10 -1.03 -21.29
C VAL E 259 -16.58 -1.00 -20.93
N LEU E 260 -17.46 -1.11 -21.92
CA LEU E 260 -18.89 -1.06 -21.68
C LEU E 260 -19.39 -2.36 -21.06
N LYS E 261 -20.28 -2.24 -20.08
CA LYS E 261 -20.99 -3.45 -19.61
C LYS E 261 -21.87 -4.00 -20.73
N PRO E 262 -21.78 -5.29 -21.04
CA PRO E 262 -22.68 -5.89 -22.05
C PRO E 262 -24.15 -5.57 -21.83
N GLU E 263 -24.63 -5.59 -20.58
CA GLU E 263 -26.05 -5.32 -20.34
C GLU E 263 -26.46 -3.92 -20.79
N TYR E 264 -25.52 -3.00 -20.98
CA TYR E 264 -25.84 -1.63 -21.40
C TYR E 264 -25.81 -1.44 -22.93
N ALA E 265 -25.50 -2.49 -23.71
CA ALA E 265 -25.30 -2.31 -25.15
C ALA E 265 -26.58 -1.89 -25.87
N LYS E 266 -27.74 -2.41 -25.43
CA LYS E 266 -29.00 -2.05 -26.08
C LYS E 266 -29.80 -1.07 -25.23
N ARG E 267 -29.12 -0.28 -24.40
CA ARG E 267 -29.82 0.55 -23.42
C ARG E 267 -30.62 1.68 -24.07
N TYR E 268 -30.20 2.20 -25.22
CA TYR E 268 -30.89 3.32 -25.88
C TYR E 268 -31.18 2.96 -27.32
N PRO E 269 -32.21 2.12 -27.54
CA PRO E 269 -32.42 1.59 -28.89
C PRO E 269 -33.13 2.53 -29.85
N SER E 270 -33.81 3.56 -29.37
CA SER E 270 -34.67 4.36 -30.24
C SER E 270 -33.87 5.27 -31.16
N LYS E 271 -34.29 5.29 -32.43
CA LYS E 271 -33.64 6.09 -33.46
C LYS E 271 -33.60 7.56 -33.02
N LEU E 272 -32.45 8.18 -33.23
CA LEU E 272 -32.30 9.61 -33.03
C LEU E 272 -32.73 10.34 -34.32
N LYS F 46 -3.86 28.65 -15.49
CA LYS F 46 -2.67 29.51 -15.59
C LYS F 46 -2.80 30.46 -16.76
N PRO F 47 -2.73 31.76 -16.49
CA PRO F 47 -2.97 32.74 -17.55
C PRO F 47 -1.91 32.66 -18.62
N ASN F 48 -2.27 33.06 -19.82
CA ASN F 48 -1.32 33.10 -20.91
C ASN F 48 -0.60 34.43 -20.89
N PHE F 49 0.69 34.42 -21.18
N PHE F 49 0.69 34.42 -21.19
CA PHE F 49 1.49 35.63 -21.20
CA PHE F 49 1.51 35.63 -21.21
C PHE F 49 1.52 36.18 -22.63
C PHE F 49 1.53 36.19 -22.62
N VAL F 50 1.03 37.40 -22.79
CA VAL F 50 0.92 38.05 -24.09
C VAL F 50 2.01 39.12 -24.19
N GLY F 51 2.75 39.11 -25.28
CA GLY F 51 3.79 40.11 -25.46
C GLY F 51 4.05 40.46 -26.91
N ARG F 52 5.23 41.02 -27.20
CA ARG F 52 5.68 41.25 -28.56
C ARG F 52 7.13 40.83 -28.63
N ASP F 53 7.53 40.23 -29.76
CA ASP F 53 8.92 39.85 -29.95
C ASP F 53 9.72 41.02 -30.51
N ALA F 54 10.96 40.74 -30.93
CA ALA F 54 11.85 41.80 -31.34
C ALA F 54 11.49 42.35 -32.72
N ASP F 55 10.73 41.59 -33.51
CA ASP F 55 10.20 42.10 -34.78
C ASP F 55 8.88 42.87 -34.60
N GLY F 56 8.34 42.91 -33.39
CA GLY F 56 7.06 43.55 -33.16
C GLY F 56 5.86 42.64 -33.33
N ASN F 57 6.06 41.35 -33.50
CA ASN F 57 4.96 40.43 -33.70
C ASN F 57 4.36 40.01 -32.36
N VAL F 58 3.07 39.72 -32.38
CA VAL F 58 2.38 39.22 -31.19
C VAL F 58 3.02 37.90 -30.75
N THR F 59 3.30 37.79 -29.46
CA THR F 59 3.66 36.52 -28.85
C THR F 59 2.60 36.15 -27.81
N VAL F 60 2.35 34.85 -27.70
CA VAL F 60 1.61 34.29 -26.58
C VAL F 60 2.45 33.15 -26.02
N ASP F 61 2.79 33.26 -24.74
CA ASP F 61 3.61 32.26 -24.07
C ASP F 61 4.93 32.03 -24.81
N GLY F 62 5.52 33.10 -25.32
CA GLY F 62 6.81 33.00 -25.99
C GLY F 62 6.75 32.57 -27.45
N ARG F 63 5.59 32.18 -27.96
CA ARG F 63 5.47 31.77 -29.36
C ARG F 63 5.04 32.96 -30.20
N SER F 64 5.72 33.19 -31.32
CA SER F 64 5.35 34.31 -32.20
C SER F 64 4.19 33.94 -33.11
N TYR F 65 3.31 34.93 -33.37
CA TYR F 65 2.17 34.77 -34.29
C TYR F 65 2.25 35.91 -35.31
N PRO F 66 3.04 35.75 -36.36
CA PRO F 66 3.21 36.84 -37.33
C PRO F 66 1.93 37.24 -38.03
N MET F 67 0.92 36.36 -38.08
CA MET F 67 -0.31 36.70 -38.76
C MET F 67 -1.24 37.57 -37.91
N ALA F 68 -0.93 37.78 -36.64
CA ALA F 68 -1.87 38.37 -35.69
C ALA F 68 -1.60 39.86 -35.55
N GLU F 69 -2.64 40.67 -35.78
CA GLU F 69 -2.57 42.08 -35.40
C GLU F 69 -2.58 42.26 -33.89
N SER F 70 -3.40 41.47 -33.17
CA SER F 70 -3.53 41.61 -31.73
C SER F 70 -4.25 40.38 -31.20
N VAL F 71 -4.25 40.23 -29.87
CA VAL F 71 -4.94 39.09 -29.22
C VAL F 71 -6.37 39.50 -28.88
N VAL F 72 -7.33 38.67 -29.32
CA VAL F 72 -8.71 38.85 -28.89
C VAL F 72 -8.95 38.16 -27.56
N ALA F 73 -8.66 36.86 -27.47
CA ALA F 73 -8.71 36.16 -26.18
C ALA F 73 -7.70 35.03 -26.17
N THR F 74 -6.97 34.90 -25.06
CA THR F 74 -6.08 33.75 -24.93
C THR F 74 -6.85 32.50 -24.55
N GLU F 75 -6.16 31.36 -24.66
CA GLU F 75 -6.75 30.06 -24.32
C GLU F 75 -7.37 30.04 -22.92
N SER F 76 -6.69 30.60 -21.93
CA SER F 76 -7.23 30.52 -20.58
C SER F 76 -8.50 31.35 -20.44
N THR F 77 -8.56 32.51 -21.11
CA THR F 77 -9.78 33.31 -21.09
C THR F 77 -10.92 32.57 -21.81
N ILE F 78 -10.61 31.96 -22.93
CA ILE F 78 -11.62 31.27 -23.72
C ILE F 78 -12.20 30.11 -22.94
N HIS F 79 -11.34 29.28 -22.34
CA HIS F 79 -11.88 28.12 -21.63
C HIS F 79 -12.63 28.53 -20.37
N ARG F 80 -12.20 29.59 -19.69
CA ARG F 80 -13.00 30.09 -18.56
C ARG F 80 -14.42 30.46 -19.02
N SER F 81 -14.55 31.18 -20.14
CA SER F 81 -15.89 31.55 -20.59
C SER F 81 -16.67 30.32 -21.01
N MET F 82 -15.99 29.33 -21.64
CA MET F 82 -16.71 28.11 -22.04
C MET F 82 -17.18 27.31 -20.83
N LYS F 83 -16.33 27.16 -19.80
CA LYS F 83 -16.78 26.48 -18.58
C LYS F 83 -17.98 27.22 -17.97
N GLU F 84 -17.90 28.55 -17.91
CA GLU F 84 -19.02 29.31 -17.35
C GLU F 84 -20.27 29.12 -18.22
N MET F 85 -20.09 29.12 -19.54
CA MET F 85 -21.24 28.95 -20.44
C MET F 85 -21.85 27.55 -20.28
N ALA F 86 -21.01 26.54 -20.07
CA ALA F 86 -21.52 25.18 -19.87
C ALA F 86 -22.43 25.11 -18.64
N GLN F 87 -22.02 25.77 -17.56
CA GLN F 87 -22.90 25.88 -16.40
C GLN F 87 -24.20 26.62 -16.74
N THR F 88 -24.10 27.72 -17.49
CA THR F 88 -25.29 28.47 -17.89
C THR F 88 -26.23 27.60 -18.71
N LEU F 89 -25.68 26.83 -19.63
CA LEU F 89 -26.51 25.95 -20.46
C LEU F 89 -27.15 24.85 -19.63
N ALA F 90 -26.39 24.24 -18.72
CA ALA F 90 -26.96 23.22 -17.85
C ALA F 90 -28.12 23.78 -17.03
N ASN F 91 -27.93 24.96 -16.45
CA ASN F 91 -29.01 25.58 -15.68
C ASN F 91 -30.23 25.85 -16.57
N ALA F 92 -30.00 26.31 -17.80
CA ALA F 92 -31.13 26.68 -18.66
C ALA F 92 -31.89 25.46 -19.16
N TYR F 93 -31.25 24.28 -19.25
CA TYR F 93 -31.91 23.12 -19.81
C TYR F 93 -32.25 22.02 -18.83
N LYS F 94 -31.66 22.00 -17.63
CA LYS F 94 -31.72 20.77 -16.85
C LYS F 94 -33.13 20.47 -16.34
N THR F 95 -34.03 21.45 -16.21
CA THR F 95 -35.38 21.14 -15.76
C THR F 95 -36.42 21.18 -16.87
N LEU F 96 -36.02 21.36 -18.12
CA LEU F 96 -37.02 21.44 -19.17
C LEU F 96 -37.49 20.02 -19.57
N LYS F 97 -38.64 19.97 -20.23
CA LYS F 97 -39.24 18.72 -20.66
C LYS F 97 -39.48 18.79 -22.17
N HIS F 98 -39.48 17.63 -22.84
CA HIS F 98 -39.71 17.57 -24.29
C HIS F 98 -40.22 16.18 -24.65
N ARG F 99 -40.43 15.96 -25.96
CA ARG F 99 -41.08 14.74 -26.40
C ARG F 99 -40.28 13.51 -25.98
N ASP F 100 -40.99 12.49 -25.49
CA ASP F 100 -40.35 11.24 -25.10
C ASP F 100 -40.25 10.36 -26.33
N THR F 101 -39.04 10.04 -26.76
CA THR F 101 -38.90 9.07 -27.84
C THR F 101 -38.21 7.79 -27.39
N HIS F 102 -37.86 7.69 -26.10
CA HIS F 102 -37.30 6.45 -25.55
C HIS F 102 -38.42 5.49 -25.19
N ASN F 103 -39.46 6.00 -24.52
CA ASN F 103 -40.69 5.25 -24.24
C ASN F 103 -41.75 5.84 -25.17
N LYS F 104 -41.86 5.26 -26.37
CA LYS F 104 -42.66 5.89 -27.42
C LYS F 104 -44.16 5.91 -27.08
N GLY F 105 -44.63 4.95 -26.30
CA GLY F 105 -46.01 5.02 -25.84
C GLY F 105 -46.32 6.23 -24.99
N ASN F 106 -45.30 6.86 -24.42
CA ASN F 106 -45.47 8.04 -23.58
C ASN F 106 -45.72 9.26 -24.47
N SER F 107 -46.91 9.84 -24.33
CA SER F 107 -47.18 11.13 -24.95
C SER F 107 -47.08 12.29 -23.96
N ALA F 108 -46.86 12.01 -22.67
CA ALA F 108 -46.49 13.07 -21.75
C ALA F 108 -45.03 13.47 -22.00
N LEU F 109 -44.72 14.73 -21.70
CA LEU F 109 -43.36 15.21 -21.84
C LEU F 109 -42.45 14.51 -20.85
N ALA F 110 -41.17 14.38 -21.22
CA ALA F 110 -40.17 13.70 -20.43
C ALA F 110 -39.03 14.66 -20.11
N PRO F 111 -38.41 14.53 -18.94
CA PRO F 111 -37.23 15.37 -18.64
C PRO F 111 -36.06 15.09 -19.59
N ILE F 112 -35.09 16.01 -19.59
CA ILE F 112 -33.85 15.80 -20.33
C ILE F 112 -32.96 14.84 -19.54
N THR F 113 -32.72 13.67 -20.12
CA THR F 113 -31.97 12.56 -19.53
C THR F 113 -31.17 11.89 -20.64
N ASP F 114 -30.34 10.91 -20.25
CA ASP F 114 -29.74 10.04 -21.25
C ASP F 114 -30.80 9.41 -22.14
N GLU F 115 -31.99 9.12 -21.60
CA GLU F 115 -33.05 8.56 -22.41
C GLU F 115 -33.50 9.54 -23.49
N ASN F 116 -33.59 10.82 -23.15
CA ASN F 116 -34.05 11.85 -24.08
C ASN F 116 -33.16 13.06 -23.94
N PRO F 117 -31.95 13.02 -24.50
CA PRO F 117 -30.96 14.05 -24.24
C PRO F 117 -31.27 15.34 -24.98
N LEU F 118 -30.56 16.40 -24.60
CA LEU F 118 -30.48 17.59 -25.44
C LEU F 118 -29.89 17.20 -26.78
N ILE F 119 -30.50 17.69 -27.87
CA ILE F 119 -29.99 17.46 -29.22
C ILE F 119 -29.14 18.65 -29.58
N ILE F 120 -27.87 18.44 -29.90
CA ILE F 120 -26.98 19.52 -30.28
C ILE F 120 -26.66 19.40 -31.78
N ILE F 121 -26.87 20.48 -32.51
CA ILE F 121 -26.51 20.52 -33.92
C ILE F 121 -25.24 21.35 -34.02
N SER F 122 -24.14 20.72 -34.42
CA SER F 122 -22.84 21.39 -34.57
C SER F 122 -22.61 21.73 -36.04
N VAL F 123 -22.31 23.01 -36.34
CA VAL F 123 -22.15 23.46 -37.74
C VAL F 123 -20.72 23.26 -38.17
N LEU F 124 -20.48 22.38 -39.14
CA LEU F 124 -19.13 22.17 -39.70
C LEU F 124 -18.78 23.24 -40.75
N LYS F 125 -17.48 23.53 -40.91
CA LYS F 125 -16.39 22.93 -40.13
C LYS F 125 -16.07 23.80 -38.92
N GLY F 126 -16.59 25.04 -38.91
CA GLY F 126 -16.07 26.02 -37.95
C GLY F 126 -16.29 25.68 -36.49
N SER F 127 -17.30 24.88 -36.17
N SER F 127 -17.30 24.88 -36.17
CA SER F 127 -17.64 24.69 -34.77
CA SER F 127 -17.66 24.68 -34.78
C SER F 127 -17.11 23.38 -34.18
C SER F 127 -17.11 23.38 -34.18
N TYR F 128 -16.36 22.58 -34.94
CA TYR F 128 -16.06 21.24 -34.44
C TYR F 128 -15.18 21.23 -33.19
N ILE F 129 -14.20 22.15 -33.09
CA ILE F 129 -13.34 22.17 -31.89
C ILE F 129 -14.10 22.77 -30.71
N PHE F 130 -14.79 23.89 -30.97
CA PHE F 130 -15.67 24.50 -29.97
C PHE F 130 -16.64 23.46 -29.41
N THR F 131 -17.25 22.66 -30.29
CA THR F 131 -18.22 21.66 -29.87
C THR F 131 -17.54 20.57 -29.04
N ALA F 132 -16.38 20.08 -29.51
CA ALA F 132 -15.67 19.04 -28.76
C ALA F 132 -15.36 19.50 -27.34
N ASP F 133 -14.95 20.76 -27.16
CA ASP F 133 -14.69 21.23 -25.80
C ASP F 133 -15.98 21.42 -25.01
N MET F 134 -16.99 22.06 -25.63
CA MET F 134 -18.23 22.38 -24.92
C MET F 134 -18.93 21.12 -24.42
N VAL F 135 -18.99 20.06 -25.23
CA VAL F 135 -19.75 18.88 -24.78
C VAL F 135 -19.05 18.21 -23.59
N ARG F 136 -17.71 18.27 -23.52
CA ARG F 136 -17.03 17.75 -22.32
C ARG F 136 -17.33 18.61 -21.10
N TYR F 137 -17.37 19.94 -21.26
CA TYR F 137 -17.77 20.78 -20.13
C TYR F 137 -19.22 20.53 -19.74
N LEU F 138 -20.09 20.28 -20.72
CA LEU F 138 -21.48 19.95 -20.41
C LEU F 138 -21.58 18.65 -19.64
N GLY F 139 -20.73 17.68 -19.97
CA GLY F 139 -20.70 16.44 -19.20
C GLY F 139 -20.26 16.67 -17.77
N ASP F 140 -19.29 17.57 -17.57
CA ASP F 140 -18.86 17.94 -16.20
C ASP F 140 -20.02 18.50 -15.41
N CYS F 141 -20.92 19.21 -16.09
CA CYS F 141 -22.09 19.78 -15.43
C CYS F 141 -23.29 18.84 -15.41
N GLY F 142 -23.17 17.63 -15.95
CA GLY F 142 -24.27 16.69 -15.89
C GLY F 142 -25.41 16.91 -16.86
N LEU F 143 -25.19 17.62 -17.97
CA LEU F 143 -26.29 17.81 -18.92
C LEU F 143 -26.22 16.76 -20.02
N PRO F 144 -27.14 15.80 -20.09
CA PRO F 144 -27.05 14.77 -21.12
C PRO F 144 -27.32 15.36 -22.50
N ASN F 145 -26.48 15.00 -23.46
CA ASN F 145 -26.60 15.58 -24.79
C ASN F 145 -26.07 14.58 -25.82
N VAL F 146 -26.53 14.74 -27.08
CA VAL F 146 -25.98 14.01 -28.22
C VAL F 146 -25.79 15.00 -29.36
N VAL F 147 -24.76 14.75 -30.18
CA VAL F 147 -24.29 15.71 -31.19
C VAL F 147 -24.45 15.10 -32.58
N ASP F 148 -25.04 15.87 -33.48
CA ASP F 148 -24.94 15.58 -34.90
C ASP F 148 -24.40 16.83 -35.61
N PHE F 149 -24.02 16.66 -36.87
CA PHE F 149 -23.33 17.72 -37.58
C PHE F 149 -24.13 18.11 -38.81
N ILE F 150 -24.10 19.39 -39.12
CA ILE F 150 -24.65 19.88 -40.37
C ILE F 150 -23.54 20.67 -41.05
N ARG F 151 -23.39 20.51 -42.35
CA ARG F 151 -22.36 21.24 -43.05
C ARG F 151 -23.05 22.18 -44.01
N ILE F 152 -22.72 23.47 -43.90
CA ILE F 152 -23.27 24.52 -44.74
C ILE F 152 -22.12 25.36 -45.25
N THR F 153 -22.42 26.18 -46.24
CA THR F 153 -21.64 27.36 -46.57
C THR F 153 -22.50 28.58 -46.33
N SER F 154 -21.86 29.68 -45.93
CA SER F 154 -22.60 30.88 -45.52
C SER F 154 -23.08 31.71 -46.70
N THR F 164 -29.17 32.99 -49.81
CA THR F 164 -29.56 31.81 -49.05
C THR F 164 -28.35 31.02 -48.56
N VAL F 165 -28.60 29.97 -47.77
CA VAL F 165 -27.56 29.15 -47.16
C VAL F 165 -27.64 27.75 -47.73
N GLN F 166 -26.51 27.25 -48.24
CA GLN F 166 -26.44 25.94 -48.86
C GLN F 166 -26.16 24.89 -47.79
N VAL F 167 -27.10 23.97 -47.59
CA VAL F 167 -26.84 22.80 -46.76
C VAL F 167 -26.08 21.79 -47.61
N LEU F 168 -24.79 21.58 -47.28
CA LEU F 168 -23.96 20.68 -48.07
C LEU F 168 -24.13 19.23 -47.60
N ASP F 169 -24.17 19.03 -46.29
CA ASP F 169 -24.34 17.72 -45.68
C ASP F 169 -25.39 17.84 -44.59
N ASN F 170 -26.40 16.98 -44.65
CA ASN F 170 -27.55 17.11 -43.79
C ASN F 170 -27.31 16.35 -42.49
N LEU F 171 -28.11 16.68 -41.49
CA LEU F 171 -28.17 15.88 -40.29
C LEU F 171 -28.53 14.44 -40.64
N ARG F 172 -28.12 13.51 -39.77
CA ARG F 172 -28.62 12.15 -39.84
C ARG F 172 -29.66 11.86 -38.75
N PHE F 173 -29.65 12.60 -37.62
CA PHE F 173 -30.77 12.50 -36.68
C PHE F 173 -32.04 12.87 -37.41
N THR F 174 -33.11 12.13 -37.19
CA THR F 174 -34.38 12.48 -37.81
C THR F 174 -35.50 12.78 -36.82
N GLU F 175 -35.34 12.47 -35.53
CA GLU F 175 -36.49 12.58 -34.62
C GLU F 175 -36.34 13.82 -33.73
N LEU F 176 -36.48 14.99 -34.34
CA LEU F 176 -36.27 16.24 -33.65
C LEU F 176 -37.56 16.94 -33.27
N THR F 177 -38.69 16.48 -33.79
CA THR F 177 -39.95 17.15 -33.47
C THR F 177 -40.16 17.19 -31.96
N GLY F 178 -40.54 18.37 -31.45
CA GLY F 178 -40.86 18.46 -30.04
C GLY F 178 -39.70 18.23 -29.10
N LYS F 179 -38.47 18.28 -29.61
CA LYS F 179 -37.24 18.16 -28.85
C LYS F 179 -36.65 19.54 -28.56
N HIS F 180 -35.92 19.65 -27.45
CA HIS F 180 -35.09 20.82 -27.25
C HIS F 180 -33.81 20.65 -28.06
N VAL F 181 -33.52 21.63 -28.91
CA VAL F 181 -32.42 21.57 -29.86
C VAL F 181 -31.55 22.80 -29.68
N LEU F 182 -30.24 22.59 -29.66
CA LEU F 182 -29.26 23.66 -29.50
C LEU F 182 -28.28 23.61 -30.67
N ILE F 183 -28.11 24.73 -31.34
CA ILE F 183 -27.13 24.80 -32.42
C ILE F 183 -25.85 25.39 -31.83
N MET F 184 -24.72 24.71 -32.05
CA MET F 184 -23.42 25.26 -31.68
C MET F 184 -22.74 25.85 -32.92
N GLU F 185 -22.51 27.16 -32.92
CA GLU F 185 -21.95 27.85 -34.08
C GLU F 185 -20.68 28.61 -33.69
N ASP F 186 -19.81 28.83 -34.69
CA ASP F 186 -18.50 29.44 -34.40
C ASP F 186 -18.65 30.95 -34.15
N ILE F 187 -19.20 31.69 -35.10
CA ILE F 187 -19.23 33.14 -34.95
C ILE F 187 -20.39 33.67 -35.78
N ALA F 188 -21.06 34.70 -35.24
CA ALA F 188 -22.14 35.42 -35.92
C ALA F 188 -21.70 36.85 -36.21
N ASP F 189 -21.80 37.26 -37.48
CA ASP F 189 -21.33 38.56 -37.96
C ASP F 189 -22.51 39.33 -38.52
N THR F 190 -22.82 39.20 -39.83
CA THR F 190 -24.05 39.85 -40.31
C THR F 190 -25.29 39.17 -39.76
N GLY F 191 -25.16 37.92 -39.29
CA GLY F 191 -26.27 37.16 -38.79
C GLY F 191 -27.12 36.51 -39.86
N ARG F 192 -26.81 36.71 -41.14
CA ARG F 192 -27.66 36.15 -42.17
C ARG F 192 -27.63 34.63 -42.13
N THR F 193 -26.45 34.05 -41.95
CA THR F 193 -26.29 32.60 -41.98
C THR F 193 -27.17 31.91 -40.94
N MET F 194 -27.04 32.34 -39.66
CA MET F 194 -27.80 31.63 -38.62
C MET F 194 -29.27 31.97 -38.66
N LYS F 195 -29.64 33.21 -38.98
CA LYS F 195 -31.05 33.52 -39.11
C LYS F 195 -31.71 32.57 -40.12
N LEU F 196 -31.05 32.33 -41.25
CA LEU F 196 -31.63 31.44 -42.25
C LEU F 196 -31.61 29.99 -41.78
N LEU F 197 -30.46 29.55 -41.28
CA LEU F 197 -30.35 28.17 -40.81
C LEU F 197 -31.41 27.86 -39.75
N VAL F 198 -31.56 28.77 -38.78
CA VAL F 198 -32.57 28.57 -37.72
C VAL F 198 -33.97 28.45 -38.33
N GLU F 199 -34.28 29.28 -39.33
CA GLU F 199 -35.57 29.17 -39.99
C GLU F 199 -35.76 27.80 -40.61
N LYS F 200 -34.71 27.30 -41.28
CA LYS F 200 -34.86 26.05 -42.02
C LYS F 200 -35.02 24.87 -41.08
N ILE F 201 -34.21 24.80 -40.03
CA ILE F 201 -34.32 23.73 -39.07
C ILE F 201 -35.67 23.76 -38.37
N ARG F 202 -36.14 24.96 -37.99
CA ARG F 202 -37.47 25.06 -37.41
C ARG F 202 -38.54 24.53 -38.37
N ARG F 203 -38.53 25.00 -39.62
CA ARG F 203 -39.54 24.53 -40.56
C ARG F 203 -39.41 23.03 -40.82
N GLU F 204 -38.18 22.50 -40.79
CA GLU F 204 -38.01 21.10 -41.19
C GLU F 204 -38.42 20.15 -40.07
N TYR F 205 -38.10 20.50 -38.81
CA TYR F 205 -38.25 19.54 -37.71
C TYR F 205 -39.28 19.92 -36.65
N ARG F 206 -39.73 21.17 -36.60
CA ARG F 206 -40.60 21.67 -35.53
C ARG F 206 -40.15 21.25 -34.13
N PRO F 207 -38.97 21.69 -33.69
CA PRO F 207 -38.50 21.34 -32.34
C PRO F 207 -39.32 22.08 -31.28
N ALA F 208 -39.29 21.53 -30.06
CA ALA F 208 -39.92 22.21 -28.94
C ALA F 208 -39.25 23.56 -28.71
N SER F 209 -37.93 23.61 -28.81
CA SER F 209 -37.23 24.88 -28.77
C SER F 209 -35.95 24.78 -29.59
N LEU F 210 -35.48 25.93 -30.04
CA LEU F 210 -34.30 26.00 -30.87
C LEU F 210 -33.56 27.25 -30.46
N LYS F 211 -32.37 27.09 -29.90
CA LYS F 211 -31.54 28.22 -29.52
C LYS F 211 -30.15 28.02 -30.11
N VAL F 212 -29.36 29.10 -30.08
CA VAL F 212 -28.02 29.13 -30.65
C VAL F 212 -27.02 29.50 -29.55
N CYS F 213 -25.94 28.74 -29.46
CA CYS F 213 -24.77 29.07 -28.65
C CYS F 213 -23.62 29.37 -29.61
N VAL F 214 -23.07 30.59 -29.55
CA VAL F 214 -21.93 30.92 -30.40
C VAL F 214 -20.69 31.09 -29.54
N LEU F 215 -19.56 30.69 -30.09
CA LEU F 215 -18.29 30.98 -29.43
C LEU F 215 -18.03 32.49 -29.41
N VAL F 216 -18.17 33.15 -30.55
CA VAL F 216 -17.92 34.60 -30.66
C VAL F 216 -19.14 35.24 -31.31
N ASP F 217 -19.62 36.35 -30.73
CA ASP F 217 -20.62 37.21 -31.34
C ASP F 217 -19.96 38.51 -31.78
N LYS F 218 -20.25 38.92 -33.00
CA LYS F 218 -19.83 40.24 -33.49
C LYS F 218 -21.10 41.05 -33.76
N PRO F 219 -21.79 41.51 -32.72
CA PRO F 219 -23.10 42.15 -32.94
C PRO F 219 -23.02 43.41 -33.78
N GLY F 220 -21.87 44.09 -33.78
CA GLY F 220 -21.68 45.27 -34.60
C GLY F 220 -21.77 44.99 -36.10
N GLY F 221 -21.67 43.73 -36.51
CA GLY F 221 -21.73 43.41 -37.92
C GLY F 221 -23.10 43.14 -38.50
N ARG F 222 -24.17 43.17 -37.69
CA ARG F 222 -25.46 42.66 -38.15
C ARG F 222 -26.03 43.47 -39.31
N VAL F 223 -26.55 42.75 -40.29
CA VAL F 223 -27.40 43.35 -41.32
C VAL F 223 -28.82 42.82 -41.24
N VAL F 224 -29.06 41.79 -40.42
CA VAL F 224 -30.36 41.23 -40.13
C VAL F 224 -30.41 41.06 -38.62
N ASP F 225 -31.61 40.97 -38.07
CA ASP F 225 -31.73 40.84 -36.63
C ASP F 225 -31.60 39.35 -36.29
N PHE F 226 -30.55 39.05 -35.54
CA PHE F 226 -30.29 37.70 -35.09
C PHE F 226 -29.58 37.86 -33.77
N LYS F 227 -30.15 37.31 -32.70
CA LYS F 227 -29.55 37.41 -31.37
C LYS F 227 -29.35 36.00 -30.83
N PRO F 228 -28.14 35.45 -30.90
CA PRO F 228 -27.93 34.13 -30.31
C PRO F 228 -28.18 34.22 -28.83
N GLU F 229 -28.84 33.18 -28.29
CA GLU F 229 -29.22 33.20 -26.88
C GLU F 229 -28.01 33.06 -25.96
N PHE F 230 -26.97 32.38 -26.42
CA PHE F 230 -25.84 32.00 -25.59
C PHE F 230 -24.58 32.44 -26.31
N VAL F 231 -23.82 33.37 -25.71
CA VAL F 231 -22.63 33.94 -26.34
C VAL F 231 -21.45 33.78 -25.38
N CYS F 232 -20.40 33.10 -25.82
CA CYS F 232 -19.22 33.00 -24.95
C CYS F 232 -18.42 34.28 -24.96
N LEU F 233 -18.04 34.77 -26.16
CA LEU F 233 -17.21 35.97 -26.27
C LEU F 233 -17.88 36.94 -27.24
N THR F 234 -17.75 38.24 -26.97
CA THR F 234 -18.19 39.28 -27.89
C THR F 234 -16.97 40.03 -28.39
N ALA F 235 -16.89 40.22 -29.70
CA ALA F 235 -15.71 40.77 -30.39
C ALA F 235 -16.08 41.98 -31.21
N PRO F 236 -15.15 42.92 -31.44
CA PRO F 236 -15.43 44.00 -32.39
C PRO F 236 -15.58 43.45 -33.80
N THR F 237 -16.00 44.32 -34.73
CA THR F 237 -16.22 43.90 -36.12
C THR F 237 -14.88 43.84 -36.85
N ARG F 238 -14.05 42.88 -36.45
CA ARG F 238 -12.81 42.60 -37.16
C ARG F 238 -12.76 41.11 -37.49
N TYR F 239 -12.02 40.75 -38.54
CA TYR F 239 -11.92 39.32 -38.88
C TYR F 239 -10.94 38.62 -37.93
N VAL F 240 -11.39 37.55 -37.26
CA VAL F 240 -10.56 36.85 -36.29
C VAL F 240 -10.15 35.47 -36.83
N VAL F 241 -9.05 34.94 -36.27
CA VAL F 241 -8.47 33.65 -36.64
C VAL F 241 -7.98 33.00 -35.35
N GLY F 242 -7.79 31.70 -35.38
CA GLY F 242 -7.37 30.96 -34.19
C GLY F 242 -8.54 30.25 -33.53
N TYR F 243 -8.23 29.15 -32.84
CA TYR F 243 -9.20 28.36 -32.09
C TYR F 243 -10.51 28.19 -32.87
N GLY F 244 -10.44 27.43 -33.97
CA GLY F 244 -11.56 27.18 -34.84
C GLY F 244 -11.74 28.19 -35.97
N PHE F 245 -11.18 29.38 -35.85
CA PHE F 245 -11.32 30.39 -36.89
C PHE F 245 -10.10 30.35 -37.80
N GLU F 246 -10.34 30.48 -39.12
CA GLU F 246 -9.28 30.26 -40.09
C GLU F 246 -9.35 31.28 -41.20
N VAL F 247 -8.26 31.38 -41.96
CA VAL F 247 -8.31 31.91 -43.33
C VAL F 247 -7.79 30.83 -44.26
N ASN F 248 -8.61 30.49 -45.26
CA ASN F 248 -8.32 29.38 -46.18
C ASN F 248 -7.80 28.17 -45.40
N ASP F 249 -8.48 27.88 -44.28
CA ASP F 249 -8.25 26.73 -43.42
C ASP F 249 -6.98 26.82 -42.56
N ARG F 250 -6.15 27.85 -42.74
CA ARG F 250 -4.96 28.05 -41.89
C ARG F 250 -5.33 28.65 -40.53
N TYR F 251 -4.56 28.30 -39.51
CA TYR F 251 -4.61 28.81 -38.15
C TYR F 251 -5.75 28.23 -37.34
N ARG F 252 -6.54 27.32 -37.90
CA ARG F 252 -7.72 26.81 -37.19
C ARG F 252 -7.38 26.12 -35.86
N ASN F 253 -6.20 25.50 -35.78
CA ASN F 253 -5.75 24.70 -34.63
C ASN F 253 -4.97 25.50 -33.61
N TYR F 254 -4.90 26.83 -33.74
CA TYR F 254 -4.21 27.61 -32.72
C TYR F 254 -5.08 27.71 -31.47
N ARG F 255 -4.43 27.99 -30.36
CA ARG F 255 -5.14 27.90 -29.06
C ARG F 255 -5.76 29.21 -28.62
N HIS F 256 -5.45 30.30 -29.32
CA HIS F 256 -5.87 31.66 -28.95
C HIS F 256 -6.56 32.27 -30.15
N VAL F 257 -7.36 33.30 -29.90
CA VAL F 257 -8.12 33.99 -30.95
C VAL F 257 -7.50 35.36 -31.16
N PHE F 258 -7.16 35.66 -32.42
CA PHE F 258 -6.42 36.85 -32.79
C PHE F 258 -7.22 37.65 -33.81
N VAL F 259 -7.05 38.97 -33.82
CA VAL F 259 -7.40 39.74 -35.00
C VAL F 259 -6.40 39.43 -36.10
N LEU F 260 -6.89 39.05 -37.28
CA LEU F 260 -5.98 38.79 -38.41
C LEU F 260 -5.43 40.11 -38.94
N LYS F 261 -4.14 40.13 -39.30
CA LYS F 261 -3.58 41.30 -40.02
C LYS F 261 -4.17 41.36 -41.42
N PRO F 262 -4.74 42.52 -41.84
CA PRO F 262 -5.15 42.68 -43.25
C PRO F 262 -4.15 42.14 -44.26
N GLU F 263 -2.84 42.36 -44.04
CA GLU F 263 -1.79 41.82 -44.90
C GLU F 263 -1.88 40.33 -45.14
N TYR F 264 -2.58 39.59 -44.28
CA TYR F 264 -2.64 38.15 -44.39
C TYR F 264 -3.97 37.66 -44.94
N ALA F 265 -4.89 38.56 -45.25
CA ALA F 265 -6.24 38.16 -45.65
C ALA F 265 -6.23 37.23 -46.86
N LYS F 266 -5.38 37.52 -47.84
CA LYS F 266 -5.43 36.77 -49.08
C LYS F 266 -4.12 36.01 -49.31
N ARG F 267 -3.51 35.56 -48.23
CA ARG F 267 -2.14 35.07 -48.28
C ARG F 267 -2.03 33.66 -48.84
N TYR F 268 -3.06 32.84 -48.67
CA TYR F 268 -3.07 31.45 -49.14
C TYR F 268 -4.27 31.20 -50.04
N PRO F 269 -4.24 31.75 -51.26
CA PRO F 269 -5.43 31.68 -52.11
C PRO F 269 -5.59 30.40 -52.91
N SER F 270 -4.61 29.52 -52.96
CA SER F 270 -4.72 28.37 -53.84
C SER F 270 -5.72 27.37 -53.29
N LYS F 271 -6.57 26.86 -54.18
CA LYS F 271 -7.63 25.96 -53.76
C LYS F 271 -7.03 24.71 -53.12
N LEU F 272 -7.67 24.27 -52.05
CA LEU F 272 -7.28 23.05 -51.36
C LEU F 272 -8.05 21.83 -51.88
P 5GP G . 17.13 -24.09 9.24
O1P 5GP G . 16.63 -24.84 10.47
O2P 5GP G . 18.15 -24.87 8.44
O3P 5GP G . 17.54 -22.68 9.56
O5' 5GP G . 15.86 -24.19 8.31
C5' 5GP G . 15.45 -23.13 7.50
C4' 5GP G . 14.30 -23.55 6.63
O4' 5GP G . 13.32 -24.32 7.39
C3' 5GP G . 13.52 -22.37 6.09
O3' 5GP G . 14.11 -21.88 4.92
C2' 5GP G . 12.11 -22.91 5.93
O2' 5GP G . 12.00 -23.74 4.80
C1' 5GP G . 12.03 -23.82 7.14
N9 5GP G . 11.55 -23.11 8.33
C8 5GP G . 12.22 -22.87 9.45
N7 5GP G . 11.36 -22.30 10.32
C5 5GP G . 10.16 -22.17 9.71
C6 5GP G . 8.90 -21.68 10.08
O6 5GP G . 8.71 -21.17 11.22
N1 5GP G . 7.88 -21.74 9.20
C2 5GP G . 8.03 -22.27 7.99
N2 5GP G . 6.99 -22.30 7.11
N3 5GP G . 9.24 -22.76 7.61
C4 5GP G . 10.29 -22.72 8.46
MG MG H . 13.36 -20.12 0.85
MG MG I . 9.50 -23.33 1.01
P 5GP J . 6.47 -15.59 -27.39
O1P 5GP J . 6.83 -17.06 -27.47
O2P 5GP J . 5.07 -15.29 -27.01
O3P 5GP J . 6.80 -14.82 -28.66
O5' 5GP J . 7.44 -14.90 -26.31
C5' 5GP J . 7.23 -15.04 -24.91
C4' 5GP J . 8.42 -14.57 -24.09
O4' 5GP J . 9.18 -13.58 -24.84
C3' 5GP J . 8.06 -13.85 -22.79
O3' 5GP J . 7.82 -14.73 -21.72
C2' 5GP J . 9.26 -12.95 -22.56
O2' 5GP J . 10.38 -13.70 -22.09
C1' 5GP J . 9.57 -12.53 -23.98
N9 5GP J . 8.91 -11.28 -24.41
C8 5GP J . 8.01 -11.10 -25.40
N7 5GP J . 7.74 -9.78 -25.50
C5 5GP J . 8.48 -9.13 -24.56
C6 5GP J . 8.60 -7.79 -24.20
O6 5GP J . 7.93 -6.89 -24.77
N1 5GP J . 9.46 -7.48 -23.20
C2 5GP J . 10.17 -8.42 -22.55
N2 5GP J . 11.01 -8.05 -21.53
N3 5GP J . 10.07 -9.74 -22.87
C4 5GP J . 9.22 -10.09 -23.89
MG MG K . 14.01 -16.05 -17.43
MG MG L . 7.92 -15.91 -17.65
P 5GP M . -13.65 -2.70 32.85
O1P 5GP M . -13.73 -1.18 32.98
O2P 5GP M . -13.03 -3.17 31.56
O3P 5GP M . -14.96 -3.42 33.08
O5' 5GP M . -12.69 -3.16 34.04
C5' 5GP M . -12.77 -2.51 35.29
C4' 5GP M . -11.69 -2.91 36.26
O4' 5GP M . -11.94 -4.26 36.76
C3' 5GP M . -10.26 -2.88 35.76
O3' 5GP M . -9.40 -2.38 36.80
C2' 5GP M . -9.92 -4.35 35.56
O2' 5GP M . -8.55 -4.61 35.73
C1' 5GP M . -10.77 -5.02 36.65
N9 5GP M . -11.18 -6.39 36.27
C8 5GP M . -11.99 -6.68 35.22
N7 5GP M . -12.16 -8.04 35.12
C5 5GP M . -11.47 -8.57 36.16
C6 5GP M . -11.27 -9.88 36.56
O6 5GP M . -11.80 -10.85 35.93
N1 5GP M . -10.54 -10.08 37.65
C2 5GP M . -9.97 -9.07 38.36
N2 5GP M . -9.19 -9.33 39.45
N3 5GP M . -10.12 -7.78 37.98
C4 5GP M . -10.86 -7.53 36.88
MG MG N . -4.27 -2.59 36.56
P 5GP O . 20.01 6.16 50.41
O1P 5GP O . 21.37 6.76 50.19
O2P 5GP O . 19.01 7.13 51.02
O3P 5GP O . 19.95 4.77 51.02
O5' 5GP O . 19.53 6.04 48.88
C5' 5GP O . 18.70 4.99 48.45
C4' 5GP O . 18.14 5.27 47.06
O4' 5GP O . 19.17 5.90 46.24
C3' 5GP O . 17.70 4.04 46.29
O3' 5GP O . 16.35 3.71 46.54
C2' 5GP O . 17.97 4.40 44.84
O2' 5GP O . 16.90 5.17 44.32
C1' 5GP O . 19.21 5.29 44.96
N9 5GP O . 20.46 4.53 44.85
C8 5GP O . 21.41 4.35 45.82
N7 5GP O . 22.42 3.62 45.29
C5 5GP O . 22.12 3.34 43.99
C6 5GP O . 22.76 2.61 42.97
O6 5GP O . 23.88 2.06 43.14
N1 5GP O . 22.14 2.51 41.78
C2 5GP O . 20.93 3.10 41.55
N2 5GP O . 20.34 2.99 40.33
N3 5GP O . 20.28 3.80 42.52
C4 5GP O . 20.88 3.92 43.74
MG MG P . 12.50 6.27 41.63
MG MG Q . 12.53 1.98 45.41
P 5GP R . -13.56 -2.08 -38.10
O1P 5GP R . -12.13 -1.72 -37.82
O2P 5GP R . -13.95 -2.03 -39.58
O3P 5GP R . -14.06 -3.36 -37.43
O5' 5GP R . -14.57 -1.03 -37.47
C5' 5GP R . -14.16 0.20 -36.97
C4' 5GP R . -15.36 1.00 -36.48
O4' 5GP R . -16.23 0.19 -35.64
C3' 5GP R . -14.98 2.20 -35.64
O3' 5GP R . -14.75 3.34 -36.44
C2' 5GP R . -16.15 2.36 -34.68
O2' 5GP R . -17.21 3.06 -35.33
C1' 5GP R . -16.59 0.91 -34.49
N9 5GP R . -15.93 0.29 -33.30
C8 5GP R . -15.05 -0.74 -33.29
N7 5GP R . -14.71 -1.04 -32.00
C5 5GP R . -15.38 -0.16 -31.23
C6 5GP R . -15.43 -0.01 -29.85
O6 5GP R . -14.74 -0.74 -29.09
N1 5GP R . -16.22 0.94 -29.35
C2 5GP R . -16.96 1.76 -30.15
N2 5GP R . -17.73 2.70 -29.53
N3 5GP R . -16.97 1.62 -31.52
C4 5GP R . -16.15 0.66 -32.05
MG MG S . -20.50 8.05 -36.83
MG MG T . -14.60 7.80 -37.09
P 5GP U . -22.74 35.82 -41.03
O1P 5GP U . -23.08 35.87 -39.55
O2P 5GP U . -23.84 35.27 -41.88
O3P 5GP U . -22.18 37.12 -41.58
O5' 5GP U . -21.48 34.87 -41.25
C5' 5GP U . -21.10 33.86 -40.31
C4' 5GP U . -19.94 33.04 -40.84
O4' 5GP U . -18.96 33.91 -41.51
C3' 5GP U . -19.13 32.28 -39.80
O3' 5GP U . -19.67 31.02 -39.52
C2' 5GP U . -17.76 32.19 -40.44
O2' 5GP U . -17.74 31.19 -41.47
C1' 5GP U . -17.66 33.55 -41.11
N9 5GP U . -17.12 34.60 -40.23
C8 5GP U . -17.72 35.73 -39.82
N7 5GP U . -16.88 36.49 -39.10
C5 5GP U . -15.70 35.84 -39.04
C6 5GP U . -14.47 36.12 -38.45
O6 5GP U . -14.25 37.16 -37.78
N1 5GP U . -13.47 35.22 -38.61
C2 5GP U . -13.65 34.07 -39.29
N2 5GP U . -12.63 33.17 -39.45
N3 5GP U . -14.83 33.81 -39.89
C4 5GP U . -15.86 34.67 -39.78
MG MG V . -16.89 26.48 -41.62
MG MG W . -19.38 26.74 -38.30
#